data_3TOK
# 
_entry.id   3TOK 
# 
_audit_conform.dict_name       mmcif_pdbx.dic 
_audit_conform.dict_version    5.379 
_audit_conform.dict_location   http://mmcif.pdb.org/dictionaries/ascii/mmcif_pdbx.dic 
# 
loop_
_database_2.database_id 
_database_2.database_code 
_database_2.pdbx_database_accession 
_database_2.pdbx_DOI 
PDB   3TOK         pdb_00003tok 10.2210/pdb3tok/pdb 
NDB   NA1297       ?            ?                   
RCSB  RCSB067727   ?            ?                   
WWPDB D_1000067727 ?            ?                   
# 
loop_
_pdbx_database_related.db_name 
_pdbx_database_related.db_id 
_pdbx_database_related.details 
_pdbx_database_related.content_type 
PDB 2ORG . unspecified 
PDB 2ORF . unspecified 
PDB 2ORH . unspecified 
# 
_pdbx_database_status.status_code                     REL 
_pdbx_database_status.entry_id                        3TOK 
_pdbx_database_status.recvd_initial_deposition_date   2011-09-05 
_pdbx_database_status.deposit_site                    RCSB 
_pdbx_database_status.process_site                    RCSB 
_pdbx_database_status.status_code_sf                  REL 
_pdbx_database_status.status_code_mr                  ? 
_pdbx_database_status.SG_entry                        ? 
_pdbx_database_status.status_code_cs                  ? 
_pdbx_database_status.methods_development_category    ? 
_pdbx_database_status.pdb_format_compatible           Y 
_pdbx_database_status.status_code_nmr_data            ? 
# 
loop_
_audit_author.name 
_audit_author.pdbx_ordinal 
'Carter, M.' 1 
'Ho, P.S.'   2 
# 
_citation.id                        primary 
_citation.title                     'Assaying the Energies of Biological Halogen Bonds' 
_citation.journal_abbrev            'CRYST.GROWTH DES.' 
_citation.journal_volume            11 
_citation.page_first                5087 
_citation.page_last                 5095 
_citation.year                      2011 
_citation.journal_id_ASTM           ? 
_citation.country                   US 
_citation.journal_id_ISSN           1528-7483 
_citation.journal_id_CSD            ? 
_citation.book_publisher            ? 
_citation.pdbx_database_id_PubMed   ? 
_citation.pdbx_database_id_DOI      10.1021/cg200991v 
# 
loop_
_citation_author.citation_id 
_citation_author.name 
_citation_author.ordinal 
_citation_author.identifier_ORCID 
primary 'Carter, M.' 1 ? 
primary 'Ho, P.S.'   2 ? 
# 
_cell.entry_id           3TOK 
_cell.length_a           65.36 
_cell.length_b           24.60 
_cell.length_c           37.41 
_cell.angle_alpha        90.00 
_cell.angle_beta         110.76 
_cell.angle_gamma        90.00 
_cell.Z_PDB              4 
_cell.pdbx_unique_axis   ? 
_cell.length_a_esd       ? 
_cell.length_b_esd       ? 
_cell.length_c_esd       ? 
_cell.angle_alpha_esd    ? 
_cell.angle_beta_esd     ? 
_cell.angle_gamma_esd    ? 
# 
_symmetry.entry_id                         3TOK 
_symmetry.space_group_name_H-M             'C 1 2 1' 
_symmetry.pdbx_full_space_group_name_H-M   ? 
_symmetry.cell_setting                     ? 
_symmetry.Int_Tables_number                5 
_symmetry.space_group_name_Hall            ? 
# 
loop_
_entity.id 
_entity.type 
_entity.src_method 
_entity.pdbx_description 
_entity.formula_weight 
_entity.pdbx_number_of_molecules 
_entity.pdbx_ec 
_entity.pdbx_mutation 
_entity.pdbx_fragment 
_entity.details 
1 polymer     syn 
;DNA (5'-D(*CP*CP*GP*AP*TP*AP*CP*CP*GP*G)-3')
;
3029.994 1   ? ? ? ? 
2 polymer     syn 
;DNA (5'-D(*CP*CP*GP*GP*TP*AP*TP*CP*GP*G)-3')
;
3061.003 1   ? ? ? ? 
3 non-polymer syn 'SODIUM ION'                                   22.990   1   ? ? ? ? 
4 water       nat water                                          18.015   128 ? ? ? ? 
# 
loop_
_entity_poly.entity_id 
_entity_poly.type 
_entity_poly.nstd_linkage 
_entity_poly.nstd_monomer 
_entity_poly.pdbx_seq_one_letter_code 
_entity_poly.pdbx_seq_one_letter_code_can 
_entity_poly.pdbx_strand_id 
_entity_poly.pdbx_target_identifier 
1 polydeoxyribonucleotide no no '(DC)(DC)(DG)(DA)(DT)(DA)(DC)(DC)(DG)(DG)' CCGATACCGG A ? 
2 polydeoxyribonucleotide no no '(DC)(DC)(DG)(DG)(DT)(DA)(DT)(DC)(DG)(DG)' CCGGTATCGG B ? 
# 
loop_
_entity_poly_seq.entity_id 
_entity_poly_seq.num 
_entity_poly_seq.mon_id 
_entity_poly_seq.hetero 
1 1  DC n 
1 2  DC n 
1 3  DG n 
1 4  DA n 
1 5  DT n 
1 6  DA n 
1 7  DC n 
1 8  DC n 
1 9  DG n 
1 10 DG n 
2 1  DC n 
2 2  DC n 
2 3  DG n 
2 4  DG n 
2 5  DT n 
2 6  DA n 
2 7  DT n 
2 8  DC n 
2 9  DG n 
2 10 DG n 
# 
loop_
_pdbx_entity_src_syn.entity_id 
_pdbx_entity_src_syn.pdbx_src_id 
_pdbx_entity_src_syn.pdbx_alt_source_flag 
_pdbx_entity_src_syn.pdbx_beg_seq_num 
_pdbx_entity_src_syn.pdbx_end_seq_num 
_pdbx_entity_src_syn.organism_scientific 
_pdbx_entity_src_syn.organism_common_name 
_pdbx_entity_src_syn.ncbi_taxonomy_id 
_pdbx_entity_src_syn.details 
1 1 sample ? ? ? ? ? 'Synthetic construct' 
2 1 sample ? ? ? ? ? 'Synthetic construct' 
# 
loop_
_struct_ref.id 
_struct_ref.db_name 
_struct_ref.db_code 
_struct_ref.pdbx_db_accession 
_struct_ref.entity_id 
_struct_ref.pdbx_align_begin 
_struct_ref.pdbx_seq_one_letter_code 
_struct_ref.pdbx_db_isoform 
1 PDB 3TOK 3TOK 1 ? CCGATACCGG ? 
2 PDB 3TOK 3TOK 2 ? CCGGTATCGG ? 
# 
loop_
_struct_ref_seq.align_id 
_struct_ref_seq.ref_id 
_struct_ref_seq.pdbx_PDB_id_code 
_struct_ref_seq.pdbx_strand_id 
_struct_ref_seq.seq_align_beg 
_struct_ref_seq.pdbx_seq_align_beg_ins_code 
_struct_ref_seq.seq_align_end 
_struct_ref_seq.pdbx_seq_align_end_ins_code 
_struct_ref_seq.pdbx_db_accession 
_struct_ref_seq.db_align_beg 
_struct_ref_seq.pdbx_db_align_beg_ins_code 
_struct_ref_seq.db_align_end 
_struct_ref_seq.pdbx_db_align_end_ins_code 
_struct_ref_seq.pdbx_auth_seq_align_beg 
_struct_ref_seq.pdbx_auth_seq_align_end 
1 1 3TOK A 1 ? 10 ? 3TOK 1  ? 10 ? 1  10 
2 2 3TOK B 1 ? 10 ? 3TOK 11 ? 20 ? 11 20 
# 
loop_
_chem_comp.id 
_chem_comp.type 
_chem_comp.mon_nstd_flag 
_chem_comp.name 
_chem_comp.pdbx_synonyms 
_chem_comp.formula 
_chem_comp.formula_weight 
DA  'DNA linking' y "2'-DEOXYADENOSINE-5'-MONOPHOSPHATE" ? 'C10 H14 N5 O6 P' 331.222 
DC  'DNA linking' y "2'-DEOXYCYTIDINE-5'-MONOPHOSPHATE"  ? 'C9 H14 N3 O7 P'  307.197 
DG  'DNA linking' y "2'-DEOXYGUANOSINE-5'-MONOPHOSPHATE" ? 'C10 H14 N5 O7 P' 347.221 
DT  'DNA linking' y "THYMIDINE-5'-MONOPHOSPHATE"         ? 'C10 H15 N2 O8 P' 322.208 
HOH non-polymer   . WATER                                ? 'H2 O'            18.015  
NA  non-polymer   . 'SODIUM ION'                         ? 'Na 1'            22.990  
# 
_exptl.entry_id          3TOK 
_exptl.method            'X-RAY DIFFRACTION' 
_exptl.crystals_number   1 
# 
_exptl_crystal.id                    1 
_exptl_crystal.density_meas          ? 
_exptl_crystal.density_Matthews      2.31 
_exptl_crystal.density_percent_sol   46.76 
_exptl_crystal.description           ? 
_exptl_crystal.F_000                 ? 
_exptl_crystal.preparation           ? 
# 
_exptl_crystal_grow.crystal_id      1 
_exptl_crystal_grow.method          'VAPOR DIFFUSION, SITTING DROP' 
_exptl_crystal_grow.temp            298.0 
_exptl_crystal_grow.temp_details    ? 
_exptl_crystal_grow.pH              7 
_exptl_crystal_grow.pdbx_pH_range   ? 
_exptl_crystal_grow.pdbx_details    
;25mM Sodium Calcodylate, 10mM Calcuim Chloride, 1.1mM Spermine, and 0.35mM of each DNA strand, pH 7.0, vapor diffusion, sitting drop,temperature 298K, VAPOR DIFFUSION, SITTING DROP, temperature 298.0K
;
# 
_diffrn.id                     1 
_diffrn.ambient_temp           100 
_diffrn.ambient_temp_details   ? 
_diffrn.crystal_id             1 
# 
_diffrn_detector.diffrn_id              1 
_diffrn_detector.detector               CCD 
_diffrn_detector.type                   NOIR-1 
_diffrn_detector.pdbx_collection_date   2009-06-24 
_diffrn_detector.details                ? 
# 
_diffrn_radiation.diffrn_id                        1 
_diffrn_radiation.wavelength_id                    1 
_diffrn_radiation.pdbx_monochromatic_or_laue_m_l   M 
_diffrn_radiation.monochromator                    'Rosenbaum-rock SI(111) sagitally focused monochromator' 
_diffrn_radiation.pdbx_diffrn_protocol             'SINGLE WAVELENGTH' 
_diffrn_radiation.pdbx_scattering_type             x-ray 
# 
_diffrn_radiation_wavelength.id           1 
_diffrn_radiation_wavelength.wavelength   0.9 
_diffrn_radiation_wavelength.wt           1.0 
# 
_diffrn_source.diffrn_id                   1 
_diffrn_source.source                      SYNCHROTRON 
_diffrn_source.type                        'ALS BEAMLINE 4.2.2' 
_diffrn_source.pdbx_synchrotron_site       ALS 
_diffrn_source.pdbx_synchrotron_beamline   4.2.2 
_diffrn_source.pdbx_wavelength             ? 
_diffrn_source.pdbx_wavelength_list        0.9 
# 
_reflns.pdbx_diffrn_id               1 
_reflns.pdbx_ordinal                 1 
_reflns.entry_id                     3TOK 
_reflns.observed_criterion_sigma_I   0 
_reflns.observed_criterion_sigma_F   0 
_reflns.d_resolution_low             40 
_reflns.d_resolution_high            1.5 
_reflns.number_obs                   10026 
_reflns.number_all                   ? 
_reflns.percent_possible_obs         97.98 
_reflns.pdbx_Rmerge_I_obs            ? 
_reflns.pdbx_Rsym_value              ? 
_reflns.pdbx_netI_over_sigmaI        ? 
_reflns.B_iso_Wilson_estimate        ? 
_reflns.pdbx_redundancy              ? 
_reflns.R_free_details               ? 
_reflns.pdbx_chi_squared             ? 
_reflns.pdbx_scaling_rejects         ? 
# 
_refine.pdbx_refine_id                           'X-RAY DIFFRACTION' 
_refine.entry_id                                 3TOK 
_refine.pdbx_diffrn_id                           1 
_refine.pdbx_TLS_residual_ADP_flag               ? 
_refine.ls_number_reflns_obs                     5299 
_refine.ls_number_reflns_all                     5886 
_refine.pdbx_ls_sigma_I                          ? 
_refine.pdbx_ls_sigma_F                          0 
_refine.pdbx_data_cutoff_high_absF               ? 
_refine.pdbx_data_cutoff_low_absF                ? 
_refine.pdbx_data_cutoff_high_rms_absF           ? 
_refine.ls_d_res_low                             40 
_refine.ls_d_res_high                            1.74 
_refine.ls_percent_reflns_obs                    88.8 
_refine.ls_R_factor_obs                          0.22042 
_refine.ls_R_factor_all                          0.2357 
_refine.ls_R_factor_R_work                       0.2339 
_refine.ls_R_factor_R_free                       0.2913 
_refine.ls_R_factor_R_free_error                 ? 
_refine.ls_R_factor_R_free_error_details         ? 
_refine.ls_percent_reflns_R_free                 ? 
_refine.ls_number_reflns_R_free                  297 
_refine.ls_number_parameters                     ? 
_refine.ls_number_restraints                     ? 
_refine.occupancy_min                            ? 
_refine.occupancy_max                            ? 
_refine.correlation_coeff_Fo_to_Fc               ? 
_refine.correlation_coeff_Fo_to_Fc_free          ? 
_refine.B_iso_mean                               ? 
_refine.aniso_B[1][1]                            ? 
_refine.aniso_B[2][2]                            ? 
_refine.aniso_B[3][3]                            ? 
_refine.aniso_B[1][2]                            ? 
_refine.aniso_B[1][3]                            ? 
_refine.aniso_B[2][3]                            ? 
_refine.solvent_model_details                    ? 
_refine.solvent_model_param_ksol                 ? 
_refine.solvent_model_param_bsol                 ? 
_refine.pdbx_solvent_vdw_probe_radii             ? 
_refine.pdbx_solvent_ion_probe_radii             ? 
_refine.pdbx_solvent_shrinkage_radii             ? 
_refine.pdbx_ls_cross_valid_method               ? 
_refine.details                                  ? 
_refine.pdbx_starting_model                      2ORG 
_refine.pdbx_method_to_determine_struct          'MOLECULAR REPLACEMENT' 
_refine.pdbx_isotropic_thermal_model             ? 
_refine.pdbx_stereochemistry_target_values       'Engh & Huber' 
_refine.pdbx_stereochem_target_val_spec_case     ? 
_refine.pdbx_R_Free_selection_details            Random 
_refine.pdbx_overall_ESU_R                       ? 
_refine.pdbx_overall_ESU_R_Free                  ? 
_refine.overall_SU_ML                            ? 
_refine.pdbx_overall_phase_error                 ? 
_refine.overall_SU_B                             ? 
_refine.overall_SU_R_Cruickshank_DPI             ? 
_refine.pdbx_overall_SU_R_free_Cruickshank_DPI   ? 
_refine.pdbx_overall_SU_R_Blow_DPI               ? 
_refine.pdbx_overall_SU_R_free_Blow_DPI          ? 
_refine.ls_redundancy_reflns_obs                 ? 
_refine.overall_SU_R_free                        ? 
_refine.ls_wR_factor_R_free                      ? 
_refine.ls_wR_factor_R_work                      ? 
_refine.overall_FOM_free_R_set                   ? 
_refine.overall_FOM_work_R_set                   ? 
# 
_refine_hist.pdbx_refine_id                   'X-RAY DIFFRACTION' 
_refine_hist.cycle_id                         LAST 
_refine_hist.pdbx_number_atoms_protein        0 
_refine_hist.pdbx_number_atoms_nucleic_acid   404 
_refine_hist.pdbx_number_atoms_ligand         1 
_refine_hist.number_atoms_solvent             128 
_refine_hist.number_atoms_total               533 
_refine_hist.d_res_high                       1.74 
_refine_hist.d_res_low                        40 
# 
loop_
_refine_ls_restr.type 
_refine_ls_restr.dev_ideal 
_refine_ls_restr.dev_ideal_target 
_refine_ls_restr.weight 
_refine_ls_restr.number 
_refine_ls_restr.pdbx_refine_id 
_refine_ls_restr.pdbx_restraint_function 
c_bond_d                1.343 ? ? ? 'X-RAY DIFFRACTION' ? 
c_bond_d_na             ?     ? ? ? 'X-RAY DIFFRACTION' ? 
c_bond_d_prot           ?     ? ? ? 'X-RAY DIFFRACTION' ? 
c_angle_d               1.900 ? ? ? 'X-RAY DIFFRACTION' ? 
c_angle_d_na            ?     ? ? ? 'X-RAY DIFFRACTION' ? 
c_angle_d_prot          ?     ? ? ? 'X-RAY DIFFRACTION' ? 
c_angle_deg             ?     ? ? ? 'X-RAY DIFFRACTION' ? 
c_angle_deg_na          ?     ? ? ? 'X-RAY DIFFRACTION' ? 
c_angle_deg_prot        ?     ? ? ? 'X-RAY DIFFRACTION' ? 
c_dihedral_angle_d      ?     ? ? ? 'X-RAY DIFFRACTION' ? 
c_dihedral_angle_d_na   ?     ? ? ? 'X-RAY DIFFRACTION' ? 
c_dihedral_angle_d_prot ?     ? ? ? 'X-RAY DIFFRACTION' ? 
c_improper_angle_d      ?     ? ? ? 'X-RAY DIFFRACTION' ? 
c_improper_angle_d_na   ?     ? ? ? 'X-RAY DIFFRACTION' ? 
c_improper_angle_d_prot ?     ? ? ? 'X-RAY DIFFRACTION' ? 
c_mcbond_it             ?     ? ? ? 'X-RAY DIFFRACTION' ? 
c_mcangle_it            ?     ? ? ? 'X-RAY DIFFRACTION' ? 
c_scbond_it             ?     ? ? ? 'X-RAY DIFFRACTION' ? 
c_scangle_it            ?     ? ? ? 'X-RAY DIFFRACTION' ? 
# 
_refine_ls_shell.pdbx_refine_id                   'X-RAY DIFFRACTION' 
_refine_ls_shell.pdbx_total_number_of_bins_used   ? 
_refine_ls_shell.d_res_high                       1.74 
_refine_ls_shell.d_res_low                        1.84 
_refine_ls_shell.number_reflns_R_work             ? 
_refine_ls_shell.R_factor_R_work                  ? 
_refine_ls_shell.percent_reflns_obs               ? 
_refine_ls_shell.R_factor_R_free                  ? 
_refine_ls_shell.R_factor_R_free_error            ? 
_refine_ls_shell.percent_reflns_R_free            ? 
_refine_ls_shell.number_reflns_R_free             ? 
_refine_ls_shell.number_reflns_all                ? 
_refine_ls_shell.R_factor_all                     ? 
_refine_ls_shell.redundancy_reflns_obs            ? 
_refine_ls_shell.number_reflns_obs                ? 
# 
_struct.entry_id                  3TOK 
_struct.title                     'Assaying the energies of biological halogen bonds.' 
_struct.pdbx_model_details        ? 
_struct.pdbx_CASP_flag            ? 
_struct.pdbx_model_type_details   ? 
# 
_struct_keywords.entry_id        3TOK 
_struct_keywords.pdbx_keywords   DNA 
_struct_keywords.text            'DNA Holliday Junction, DNA' 
# 
loop_
_struct_asym.id 
_struct_asym.pdbx_blank_PDB_chainid_flag 
_struct_asym.pdbx_modified 
_struct_asym.entity_id 
_struct_asym.details 
A N N 1 ? 
B N N 2 ? 
C N N 3 ? 
D N N 4 ? 
E N N 4 ? 
# 
_struct_biol.id        1 
_struct_biol.details   
;The asymmetric unit contains two DNA strands. The biological unit is deposited as four strands, containing two pairs of symmetry related alternative conformations
;
# 
loop_
_struct_conn.id 
_struct_conn.conn_type_id 
_struct_conn.pdbx_leaving_atom_flag 
_struct_conn.pdbx_PDB_id 
_struct_conn.ptnr1_label_asym_id 
_struct_conn.ptnr1_label_comp_id 
_struct_conn.ptnr1_label_seq_id 
_struct_conn.ptnr1_label_atom_id 
_struct_conn.pdbx_ptnr1_label_alt_id 
_struct_conn.pdbx_ptnr1_PDB_ins_code 
_struct_conn.pdbx_ptnr1_standard_comp_id 
_struct_conn.ptnr1_symmetry 
_struct_conn.ptnr2_label_asym_id 
_struct_conn.ptnr2_label_comp_id 
_struct_conn.ptnr2_label_seq_id 
_struct_conn.ptnr2_label_atom_id 
_struct_conn.pdbx_ptnr2_label_alt_id 
_struct_conn.pdbx_ptnr2_PDB_ins_code 
_struct_conn.ptnr1_auth_asym_id 
_struct_conn.ptnr1_auth_comp_id 
_struct_conn.ptnr1_auth_seq_id 
_struct_conn.ptnr2_auth_asym_id 
_struct_conn.ptnr2_auth_comp_id 
_struct_conn.ptnr2_auth_seq_id 
_struct_conn.ptnr2_symmetry 
_struct_conn.pdbx_ptnr3_label_atom_id 
_struct_conn.pdbx_ptnr3_label_seq_id 
_struct_conn.pdbx_ptnr3_label_comp_id 
_struct_conn.pdbx_ptnr3_label_asym_id 
_struct_conn.pdbx_ptnr3_label_alt_id 
_struct_conn.pdbx_ptnr3_PDB_ins_code 
_struct_conn.details 
_struct_conn.pdbx_dist_value 
_struct_conn.pdbx_value_order 
_struct_conn.pdbx_role 
metalc1  metalc ? ? B DC 2 O2    A ? ? 1_555 C NA  .  NA ? ? B DC 12  B NA  101 1_555 ? ? ? ? ? ? ?            2.901 ? ? 
metalc2  metalc ? ? B DG 3 "O4'" A ? ? 1_555 C NA  .  NA ? ? B DG 13  B NA  101 1_555 ? ? ? ? ? ? ?            3.013 ? ? 
metalc3  metalc ? ? C NA . NA    ? ? ? 1_555 E HOH .  O  ? ? B NA 101 B HOH 204 1_555 ? ? ? ? ? ? ?            2.744 ? ? 
metalc4  metalc ? ? C NA . NA    ? ? ? 1_555 E HOH .  O  ? ? B NA 101 B HOH 208 1_555 ? ? ? ? ? ? ?            2.986 ? ? 
metalc5  metalc ? ? C NA . NA    ? ? ? 1_555 E HOH .  O  ? ? B NA 101 B HOH 238 1_555 ? ? ? ? ? ? ?            2.997 ? ? 
metalc6  metalc ? ? C NA . NA    ? ? ? 1_555 E HOH .  O  ? ? B NA 101 B HOH 240 1_555 ? ? ? ? ? ? ?            2.671 ? ? 
hydrog1  hydrog ? ? A DC 1 N3    A ? ? 1_555 B DG  10 N1 A ? A DC 1   B DG  20  1_555 ? ? ? ? ? ? WATSON-CRICK ?     ? ? 
hydrog2  hydrog ? ? A DC 1 N4    A ? ? 1_555 B DG  10 O6 A ? A DC 1   B DG  20  1_555 ? ? ? ? ? ? WATSON-CRICK ?     ? ? 
hydrog3  hydrog ? ? A DC 1 O2    A ? ? 1_555 B DG  10 N2 A ? A DC 1   B DG  20  1_555 ? ? ? ? ? ? WATSON-CRICK ?     ? ? 
hydrog4  hydrog ? ? A DC 2 N3    A ? ? 1_555 B DG  9  N1 A ? A DC 2   B DG  19  1_555 ? ? ? ? ? ? WATSON-CRICK ?     ? ? 
hydrog5  hydrog ? ? A DC 2 N4    A ? ? 1_555 B DG  9  O6 A ? A DC 2   B DG  19  1_555 ? ? ? ? ? ? WATSON-CRICK ?     ? ? 
hydrog6  hydrog ? ? A DC 2 O2    A ? ? 1_555 B DG  9  N2 A ? A DC 2   B DG  19  1_555 ? ? ? ? ? ? WATSON-CRICK ?     ? ? 
hydrog7  hydrog ? ? A DG 3 N1    A ? ? 1_555 B DC  8  N3 A ? A DG 3   B DC  18  1_555 ? ? ? ? ? ? WATSON-CRICK ?     ? ? 
hydrog8  hydrog ? ? A DG 3 N2    A ? ? 1_555 B DC  8  O2 A ? A DG 3   B DC  18  1_555 ? ? ? ? ? ? WATSON-CRICK ?     ? ? 
hydrog9  hydrog ? ? A DG 3 O6    A ? ? 1_555 B DC  8  N4 A ? A DG 3   B DC  18  1_555 ? ? ? ? ? ? WATSON-CRICK ?     ? ? 
hydrog10 hydrog ? ? A DA 4 N1    A ? ? 1_555 B DT  7  N3 A ? A DA 4   B DT  17  1_555 ? ? ? ? ? ? WATSON-CRICK ?     ? ? 
hydrog11 hydrog ? ? A DA 4 N6    A ? ? 1_555 B DT  7  O4 A ? A DA 4   B DT  17  1_555 ? ? ? ? ? ? WATSON-CRICK ?     ? ? 
hydrog12 hydrog ? ? A DT 5 N3    A ? ? 1_555 B DA  6  N1 A ? A DT 5   B DA  16  1_555 ? ? ? ? ? ? WATSON-CRICK ?     ? ? 
hydrog13 hydrog ? ? A DT 5 O4    A ? ? 1_555 B DA  6  N6 A ? A DT 5   B DA  16  1_555 ? ? ? ? ? ? WATSON-CRICK ?     ? ? 
hydrog14 hydrog ? ? A DA 6 N1    A ? ? 1_555 B DT  5  N3 A ? A DA 6   B DT  15  1_555 ? ? ? ? ? ? WATSON-CRICK ?     ? ? 
hydrog15 hydrog ? ? A DA 6 N6    A ? ? 1_555 B DT  5  O4 A ? A DA 6   B DT  15  1_555 ? ? ? ? ? ? WATSON-CRICK ?     ? ? 
# 
loop_
_struct_conn_type.id 
_struct_conn_type.criteria 
_struct_conn_type.reference 
metalc ? ? 
hydrog ? ? 
# 
_struct_site.id                   AC1 
_struct_site.pdbx_evidence_code   Software 
_struct_site.pdbx_auth_asym_id    B 
_struct_site.pdbx_auth_comp_id    NA 
_struct_site.pdbx_auth_seq_id     101 
_struct_site.pdbx_auth_ins_code   ? 
_struct_site.pdbx_num_residues    8 
_struct_site.details              'BINDING SITE FOR RESIDUE NA B 101' 
# 
loop_
_struct_site_gen.id 
_struct_site_gen.site_id 
_struct_site_gen.pdbx_num_res 
_struct_site_gen.label_comp_id 
_struct_site_gen.label_asym_id 
_struct_site_gen.label_seq_id 
_struct_site_gen.pdbx_auth_ins_code 
_struct_site_gen.auth_comp_id 
_struct_site_gen.auth_asym_id 
_struct_site_gen.auth_seq_id 
_struct_site_gen.label_atom_id 
_struct_site_gen.label_alt_id 
_struct_site_gen.symmetry 
_struct_site_gen.details 
1 AC1 8 DC  A 2 ? DC  A 2   . ? 2_657 ? 
2 AC1 8 DG  A 3 ? DG  A 3   . ? 2_657 ? 
3 AC1 8 DC  B 2 ? DC  B 12  . ? 1_555 ? 
4 AC1 8 DG  B 3 ? DG  B 13  . ? 1_555 ? 
5 AC1 8 HOH E . ? HOH B 204 . ? 1_555 ? 
6 AC1 8 HOH E . ? HOH B 208 . ? 1_555 ? 
7 AC1 8 HOH E . ? HOH B 238 . ? 1_555 ? 
8 AC1 8 HOH E . ? HOH B 240 . ? 1_555 ? 
# 
_atom_sites.entry_id                    3TOK 
_atom_sites.fract_transf_matrix[1][1]   -0.00609582 
_atom_sites.fract_transf_matrix[1][2]   -0.00749522 
_atom_sites.fract_transf_matrix[1][3]   -0.01320566 
_atom_sites.fract_transf_matrix[2][1]   0.02420025 
_atom_sites.fract_transf_matrix[2][2]   -0.03189679 
_atom_sites.fract_transf_matrix[2][3]   0.00693287 
_atom_sites.fract_transf_matrix[3][1]   -0.02279695 
_atom_sites.fract_transf_matrix[3][2]   -0.01579173 
_atom_sites.fract_transf_matrix[3][3]   0.00692160 
_atom_sites.fract_transf_vector[1]      0.496520 
_atom_sites.fract_transf_vector[2]      0.577049 
_atom_sites.fract_transf_vector[3]      1.000938 
# 
loop_
_atom_type.symbol 
C  
N  
NA 
O  
P  
# 
loop_
_atom_site.group_PDB 
_atom_site.id 
_atom_site.type_symbol 
_atom_site.label_atom_id 
_atom_site.label_alt_id 
_atom_site.label_comp_id 
_atom_site.label_asym_id 
_atom_site.label_entity_id 
_atom_site.label_seq_id 
_atom_site.pdbx_PDB_ins_code 
_atom_site.Cartn_x 
_atom_site.Cartn_y 
_atom_site.Cartn_z 
_atom_site.occupancy 
_atom_site.B_iso_or_equiv 
_atom_site.pdbx_formal_charge 
_atom_site.auth_seq_id 
_atom_site.auth_comp_id 
_atom_site.auth_asym_id 
_atom_site.auth_atom_id 
_atom_site.pdbx_PDB_model_num 
ATOM   1   O  "O5'" A DC  A 1 1  ? 8.811   5.895   -20.625 0.80 15.98 ? 1   DC  A "O5'" 1 
ATOM   2   O  "O5'" B DC  A 1 1  ? -0.109  -6.876  -12.189 0.20 14.50 ? 1   DC  A "O5'" 1 
ATOM   3   C  "C5'" A DC  A 1 1  ? 8.817   6.852   -21.691 0.80 13.60 ? 1   DC  A "C5'" 1 
ATOM   4   C  "C5'" B DC  A 1 1  ? -1.311  -6.453  -11.534 0.20 13.50 ? 1   DC  A "C5'" 1 
ATOM   5   C  "C4'" A DC  A 1 1  ? 7.426   7.265   -22.115 0.80 13.10 ? 1   DC  A "C4'" 1 
ATOM   6   C  "C4'" B DC  A 1 1  ? -2.510  -7.274  -11.946 0.20 12.35 ? 1   DC  A "C4'" 1 
ATOM   7   O  "O4'" A DC  A 1 1  ? 6.660   6.103   -22.507 0.80 11.41 ? 1   DC  A "O4'" 1 
ATOM   8   O  "O4'" B DC  A 1 1  ? -2.260  -8.665  -11.640 0.20 11.72 ? 1   DC  A "O4'" 1 
ATOM   9   C  "C3'" A DC  A 1 1  ? 6.611   7.951   -21.023 0.80 11.26 ? 1   DC  A "C3'" 1 
ATOM   10  C  "C3'" B DC  A 1 1  ? -3.808  -6.911  -11.223 0.20 12.00 ? 1   DC  A "C3'" 1 
ATOM   11  O  "O3'" A DC  A 1 1  ? 5.772   8.932   -21.620 0.80 12.24 ? 1   DC  A "O3'" 1 
ATOM   12  O  "O3'" B DC  A 1 1  ? -4.925  -7.073  -12.105 0.20 11.05 ? 1   DC  A "O3'" 1 
ATOM   13  C  "C2'" A DC  A 1 1  ? 5.765   6.826   -20.459 0.80 11.27 ? 1   DC  A "C2'" 1 
ATOM   14  C  "C2'" B DC  A 1 1  ? -3.869  -7.926  -10.098 0.20 11.41 ? 1   DC  A "C2'" 1 
ATOM   15  C  "C1'" A DC  A 1 1  ? 5.491   5.997   -21.703 0.80 9.78  ? 1   DC  A "C1'" 1 
ATOM   16  C  "C1'" B DC  A 1 1  ? -3.238  -9.152  -10.736 0.20 10.00 ? 1   DC  A "C1'" 1 
ATOM   17  N  N1    A DC  A 1 1  ? 5.245   4.568   -21.442 0.80 9.50  ? 1   DC  A N1    1 
ATOM   18  N  N1    B DC  A 1 1  ? -2.562  -10.052 -9.790  0.20 8.68  ? 1   DC  A N1    1 
ATOM   19  C  C2    A DC  A 1 1  ? 3.976   4.172   -21.006 0.80 7.33  ? 1   DC  A C2    1 
ATOM   20  C  C2    B DC  A 1 1  ? -3.295  -11.082 -9.197  0.20 7.76  ? 1   DC  A C2    1 
ATOM   21  O  O2    A DC  A 1 1  ? 3.109   5.035   -20.838 0.80 5.32  ? 1   DC  A O2    1 
ATOM   22  O  O2    B DC  A 1 1  ? -4.495  -11.202 -9.480  0.20 6.94  ? 1   DC  A O2    1 
ATOM   23  N  N3    A DC  A 1 1  ? 3.735   2.860   -20.775 0.80 9.06  ? 1   DC  A N3    1 
ATOM   24  N  N3    B DC  A 1 1  ? -2.677  -11.920 -8.333  0.20 7.12  ? 1   DC  A N3    1 
ATOM   25  C  C4    A DC  A 1 1  ? 4.708   1.961   -20.950 0.80 10.64 ? 1   DC  A C4    1 
ATOM   26  C  C4    B DC  A 1 1  ? -1.382  -11.758 -8.057  0.20 7.27  ? 1   DC  A C4    1 
ATOM   27  N  N4    A DC  A 1 1  ? 4.430   0.675   -20.695 0.80 12.67 ? 1   DC  A N4    1 
ATOM   28  N  N4    B DC  A 1 1  ? -0.812  -12.611 -7.204  0.20 7.31  ? 1   DC  A N4    1 
ATOM   29  C  C5    A DC  A 1 1  ? 6.011   2.338   -21.389 0.80 10.06 ? 1   DC  A C5    1 
ATOM   30  C  C5    B DC  A 1 1  ? -0.613  -10.712 -8.644  0.20 7.52  ? 1   DC  A C5    1 
ATOM   31  C  C6    A DC  A 1 1  ? 6.233   3.639   -21.622 0.80 9.48  ? 1   DC  A C6    1 
ATOM   32  C  C6    B DC  A 1 1  ? -1.237  -9.890  -9.496  0.20 8.50  ? 1   DC  A C6    1 
ATOM   33  P  P     A DC  A 1 2  ? 5.826   10.442  -21.096 0.80 11.58 ? 2   DC  A P     1 
ATOM   34  P  P     B DC  A 1 2  ? -5.969  -5.866  -12.298 0.20 9.14  ? 2   DC  A P     1 
ATOM   35  O  OP1   A DC  A 1 2  ? 4.814   11.224  -21.850 0.80 12.46 ? 2   DC  A OP1   1 
ATOM   36  O  OP1   B DC  A 1 2  ? -6.875  -6.205  -13.423 0.20 9.96  ? 2   DC  A OP1   1 
ATOM   37  O  OP2   A DC  A 1 2  ? 7.244   10.875  -21.100 0.80 14.01 ? 2   DC  A OP2   1 
ATOM   38  O  OP2   B DC  A 1 2  ? -5.180  -4.608  -12.350 0.20 9.79  ? 2   DC  A OP2   1 
ATOM   39  O  "O5'" A DC  A 1 2  ? 5.344   10.331  -19.582 0.80 11.66 ? 2   DC  A "O5'" 1 
ATOM   40  O  "O5'" B DC  A 1 2  ? -6.822  -5.868  -10.953 0.20 9.46  ? 2   DC  A "O5'" 1 
ATOM   41  C  "C5'" A DC  A 1 2  ? 3.968   10.454  -19.242 0.80 10.63 ? 2   DC  A "C5'" 1 
ATOM   42  C  "C5'" B DC  A 1 2  ? -7.912  -6.772  -10.785 0.20 7.05  ? 2   DC  A "C5'" 1 
ATOM   43  C  "C4'" A DC  A 1 2  ? 3.756   10.104  -17.786 0.80 10.53 ? 2   DC  A "C4'" 1 
ATOM   44  C  "C4'" B DC  A 1 2  ? -8.385  -6.772  -9.350  0.20 5.17  ? 2   DC  A "C4'" 1 
ATOM   45  O  "O4'" A DC  A 1 2  ? 3.978   8.692   -17.580 0.80 9.71  ? 2   DC  A "O4'" 1 
ATOM   46  O  "O4'" B DC  A 1 2  ? -7.346  -7.292  -8.491  0.20 5.71  ? 2   DC  A "O4'" 1 
ATOM   47  C  "C3'" A DC  A 1 2  ? 4.683   10.812  -16.797 0.80 12.22 ? 2   DC  A "C3'" 1 
ATOM   48  C  "C3'" B DC  A 1 2  ? -8.754  -5.403  -8.783  0.20 5.56  ? 2   DC  A "C3'" 1 
ATOM   49  O  "O3'" A DC  A 1 2  ? 3.962   11.032  -15.587 0.80 14.32 ? 2   DC  A "O3'" 1 
ATOM   50  O  "O3'" B DC  A 1 2  ? -9.854  -5.556  -7.888  0.20 4.28  ? 2   DC  A "O3'" 1 
ATOM   51  C  "C2'" A DC  A 1 2  ? 5.754   9.776   -16.531 0.80 10.54 ? 2   DC  A "C2'" 1 
ATOM   52  C  "C2'" B DC  A 1 2  ? -7.519  -5.013  -7.994  0.20 4.97  ? 2   DC  A "C2'" 1 
ATOM   53  C  "C1'" A DC  A 1 2  ? 4.914   8.516   -16.523 0.80 8.95  ? 2   DC  A "C1'" 1 
ATOM   54  C  "C1'" B DC  A 1 2  ? -7.062  -6.359  -7.462  0.20 4.73  ? 2   DC  A "C1'" 1 
ATOM   55  N  N1    A DC  A 1 2  ? 5.633   7.259   -16.767 0.80 6.93  ? 2   DC  A N1    1 
ATOM   56  N  N1    B DC  A 1 2  ? -5.630  -6.463  -7.154  0.20 3.80  ? 2   DC  A N1    1 
ATOM   57  C  C2    A DC  A 1 2  ? 4.902   6.074   -16.766 0.80 4.51  ? 2   DC  A C2    1 
ATOM   58  C  C2    B DC  A 1 2  ? -5.185  -7.568  -6.428  0.20 3.39  ? 2   DC  A C2    1 
ATOM   59  O  O2    A DC  A 1 2  ? 3.696   6.122   -16.495 0.80 4.09  ? 2   DC  A O2    1 
ATOM   60  O  O2    B DC  A 1 2  ? -6.014  -8.407  -6.050  0.20 2.19  ? 2   DC  A O2    1 
ATOM   61  N  N3    A DC  A 1 2  ? 5.525   4.909   -17.054 0.80 3.63  ? 2   DC  A N3    1 
ATOM   62  N  N3    B DC  A 1 2  ? -3.866  -7.693  -6.157  0.20 3.87  ? 2   DC  A N3    1 
ATOM   63  C  C4    A DC  A 1 2  ? 6.835   4.901   -17.310 0.80 4.41  ? 2   DC  A C4    1 
ATOM   64  C  C4    B DC  A 1 2  ? -3.008  -6.762  -6.579  0.20 3.58  ? 2   DC  A C4    1 
ATOM   65  N  N4    A DC  A 1 2  ? 7.406   3.727   -17.615 0.80 4.43  ? 2   DC  A N4    1 
ATOM   66  N  N4    B DC  A 1 2  ? -1.714  -6.931  -6.302  0.20 4.32  ? 2   DC  A N4    1 
ATOM   67  C  C5    A DC  A 1 2  ? 7.616   6.094   -17.275 0.80 3.63  ? 2   DC  A C5    1 
ATOM   68  C  C5    B DC  A 1 2  ? -3.436  -5.617  -7.309  0.20 4.09  ? 2   DC  A C5    1 
ATOM   69  C  C6    A DC  A 1 2  ? 6.980   7.241   -17.005 0.80 6.35  ? 2   DC  A C6    1 
ATOM   70  C  C6    B DC  A 1 2  ? -4.744  -5.509  -7.572  0.20 3.98  ? 2   DC  A C6    1 
ATOM   71  P  P     A DG  A 1 3  ? 3.159   12.397  -15.395 0.80 14.85 ? 3   DG  A P     1 
ATOM   72  P  P     B DG  A 1 3  ? -11.353 -5.426  -8.441  0.20 3.14  ? 3   DG  A P     1 
ATOM   73  O  OP1   A DG  A 1 3  ? 3.039   12.959  -16.767 0.80 16.36 ? 3   DG  A OP1   1 
ATOM   74  O  OP1   B DG  A 1 3  ? -11.356 -5.854  -9.860  0.20 2.55  ? 3   DG  A OP1   1 
ATOM   75  O  OP2   A DG  A 1 3  ? 3.830   13.191  -14.325 0.80 15.70 ? 3   DG  A OP2   1 
ATOM   76  O  OP2   B DG  A 1 3  ? -11.860 -4.079  -8.080  0.20 3.57  ? 3   DG  A OP2   1 
ATOM   77  O  "O5'" A DG  A 1 3  ? 1.713   11.926  -14.914 0.80 12.94 ? 3   DG  A "O5'" 1 
ATOM   78  O  "O5'" B DG  A 1 3  ? -12.160 -6.503  -7.590  0.20 2.85  ? 3   DG  A "O5'" 1 
ATOM   79  C  "C5'" A DG  A 1 3  ? 1.281   12.149  -13.574 0.80 14.01 ? 3   DG  A "C5'" 1 
ATOM   80  C  "C5'" B DG  A 1 3  ? -12.930 -6.099  -6.466  0.20 3.11  ? 3   DG  A "C5'" 1 
ATOM   81  C  "C4'" A DG  A 1 3  ? 0.716   10.876  -12.990 0.80 11.55 ? 3   DG  A "C4'" 1 
ATOM   82  C  "C4'" B DG  A 1 3  ? -12.522 -6.882  -5.241  0.20 2.30  ? 3   DG  A "C4'" 1 
ATOM   83  O  "O4'" A DG  A 1 3  ? 1.579   9.765   -13.322 0.80 10.67 ? 3   DG  A "O4'" 1 
ATOM   84  O  "O4'" B DG  A 1 3  ? -11.083 -6.845  -5.091  0.20 1.99  ? 3   DG  A "O4'" 1 
ATOM   85  C  "C3'" A DG  A 1 3  ? 0.626   10.887  -11.466 0.80 13.23 ? 3   DG  A "C3'" 1 
ATOM   86  C  "C3'" B DG  A 1 3  ? -13.092 -6.304  -3.947  0.20 2.80  ? 3   DG  A "C3'" 1 
ATOM   87  O  "O3'" A DG  A 1 3  ? -0.496  10.103  -11.048 0.80 15.09 ? 3   DG  A "O3'" 1 
ATOM   88  O  "O3'" B DG  A 1 3  ? -13.390 -7.359  -3.030  0.20 2.76  ? 3   DG  A "O3'" 1 
ATOM   89  C  "C2'" A DG  A 1 3  ? 1.918   10.200  -11.059 0.80 11.40 ? 3   DG  A "C2'" 1 
ATOM   90  C  "C2'" B DG  A 1 3  ? -11.954 -5.449  -3.423  0.20 3.09  ? 3   DG  A "C2'" 1 
ATOM   91  C  "C1'" A DG  A 1 3  ? 2.025   9.137   -12.131 0.80 9.22  ? 3   DG  A "C1'" 1 
ATOM   92  C  "C1'" B DG  A 1 3  ? -10.746 -6.266  -3.839  0.20 2.80  ? 3   DG  A "C1'" 1 
ATOM   93  N  N9    A DG  A 1 3  ? 3.352   8.589   -12.392 0.80 7.87  ? 3   DG  A N9    1 
ATOM   94  N  N9    B DG  A 1 3  ? -9.508  -5.515  -4.013  0.20 2.74  ? 3   DG  A N9    1 
ATOM   95  C  C8    A DG  A 1 3  ? 4.544   9.265   -12.461 0.80 5.87  ? 3   DG  A C8    1 
ATOM   96  C  C8    B DG  A 1 3  ? -9.360  -4.229  -4.475  0.20 2.26  ? 3   DG  A C8    1 
ATOM   97  N  N7    A DG  A 1 3  ? 5.548   8.495   -12.787 0.80 7.82  ? 3   DG  A N7    1 
ATOM   98  N  N7    B DG  A 1 3  ? -8.113  -3.847  -4.532  0.20 2.29  ? 3   DG  A N7    1 
ATOM   99  C  C5    A DG  A 1 3  ? 4.982   7.234   -12.927 0.80 6.58  ? 3   DG  A C5    1 
ATOM   100 C  C5    B DG  A 1 3  ? -7.398  -4.945  -4.076  0.20 2.43  ? 3   DG  A C5    1 
ATOM   101 C  C6    A DG  A 1 3  ? 5.566   5.993   -13.298 0.80 4.06  ? 3   DG  A C6    1 
ATOM   102 C  C6    B DG  A 1 3  ? -6.001  -5.132  -3.914  0.20 1.78  ? 3   DG  A C6    1 
ATOM   103 O  O6    A DG  A 1 3  ? 6.733   5.752   -13.623 0.80 3.34  ? 3   DG  A O6    1 
ATOM   104 O  O6    B DG  A 1 3  ? -5.084  -4.335  -4.143  0.20 1.53  ? 3   DG  A O6    1 
ATOM   105 N  N1    A DG  A 1 3  ? 4.631   4.969   -13.285 0.80 4.50  ? 3   DG  A N1    1 
ATOM   106 N  N1    B DG  A 1 3  ? -5.709  -6.402  -3.428  0.20 2.05  ? 3   DG  A N1    1 
ATOM   107 C  C2    A DG  A 1 3  ? 3.308   5.113   -12.972 0.80 1.56  ? 3   DG  A C2    1 
ATOM   108 C  C2    B DG  A 1 3  ? -6.639  -7.367  -3.129  0.20 2.09  ? 3   DG  A C2    1 
ATOM   109 N  N2    A DG  A 1 3  ? 2.576   4.002   -12.969 0.80 4.04  ? 3   DG  A N2    1 
ATOM   110 N  N2    B DG  A 1 3  ? -6.162  -8.529  -2.666  0.20 2.78  ? 3   DG  A N2    1 
ATOM   111 N  N3    A DG  A 1 3  ? 2.744   6.264   -12.667 0.80 6.74  ? 3   DG  A N3    1 
ATOM   112 N  N3    B DG  A 1 3  ? -7.941  -7.205  -3.272  0.20 2.81  ? 3   DG  A N3    1 
ATOM   113 C  C4    A DG  A 1 3  ? 3.634   7.273   -12.660 0.80 7.17  ? 3   DG  A C4    1 
ATOM   114 C  C4    B DG  A 1 3  ? -8.246  -5.981  -3.748  0.20 2.51  ? 3   DG  A C4    1 
ATOM   115 P  P     A DA  A 1 4  ? -1.783  10.822  -10.403 0.80 17.97 ? 4   DA  A P     1 
ATOM   116 P  P     B DA  A 1 4  ? -14.876 -7.501  -2.439  0.20 1.10  ? 4   DA  A P     1 
ATOM   117 O  OP1   A DA  A 1 4  ? -2.466  11.566  -11.495 0.80 17.08 ? 4   DA  A OP1   1 
ATOM   118 O  OP1   B DA  A 1 4  ? -15.762 -7.929  -3.551  0.20 2.38  ? 4   DA  A OP1   1 
ATOM   119 O  OP2   A DA  A 1 4  ? -1.325  11.547  -9.194  0.80 15.46 ? 4   DA  A OP2   1 
ATOM   120 O  OP2   B DA  A 1 4  ? -15.195 -6.266  -1.680  0.20 1.66  ? 4   DA  A OP2   1 
ATOM   121 O  "O5'" A DA  A 1 4  ? -2.709  9.608   -9.963  0.80 14.92 ? 4   DA  A "O5'" 1 
ATOM   122 O  "O5'" B DA  A 1 4  ? -14.763 -8.702  -1.406  0.20 2.52  ? 4   DA  A "O5'" 1 
ATOM   123 C  "C5'" A DA  A 1 4  ? -3.150  8.652   -10.918 0.80 12.80 ? 4   DA  A "C5'" 1 
ATOM   124 C  "C5'" B DA  A 1 4  ? -14.317 -9.987  -1.823  0.20 3.03  ? 4   DA  A "C5'" 1 
ATOM   125 C  "C4'" A DA  A 1 4  ? -2.870  7.253   -10.425 0.80 11.52 ? 4   DA  A "C4'" 1 
ATOM   126 C  "C4'" B DA  A 1 4  ? -13.308 -10.524 -0.836  0.20 2.87  ? 4   DA  A "C4'" 1 
ATOM   127 O  "O4'" A DA  A 1 4  ? -1.466  6.906   -10.562 0.80 12.58 ? 4   DA  A "O4'" 1 
ATOM   128 O  "O4'" B DA  A 1 4  ? -12.066 -9.791  -0.965  0.20 2.73  ? 4   DA  A "O4'" 1 
ATOM   129 C  "C3'" A DA  A 1 4  ? -3.234  7.009   -8.964  0.80 11.89 ? 4   DA  A "C3'" 1 
ATOM   130 C  "C3'" B DA  A 1 4  ? -13.731 -10.385 0.626   0.20 3.02  ? 4   DA  A "C3'" 1 
ATOM   131 O  "O3'" A DA  A 1 4  ? -3.962  5.788   -8.870  0.80 13.39 ? 4   DA  A "O3'" 1 
ATOM   132 O  "O3'" B DA  A 1 4  ? -13.307 -11.531 1.363   0.20 1.93  ? 4   DA  A "O3'" 1 
ATOM   133 C  "C2'" A DA  A 1 4  ? -1.886  6.914   -8.259  0.80 10.71 ? 4   DA  A "C2'" 1 
ATOM   134 C  "C2'" B DA  A 1 4  ? -12.993 -9.142  1.089   0.20 3.13  ? 4   DA  A "C2'" 1 
ATOM   135 C  "C1'" A DA  A 1 4  ? -0.971  6.367   -9.344  0.80 11.40 ? 4   DA  A "C1'" 1 
ATOM   136 C  "C1'" B DA  A 1 4  ? -11.711 -9.199  0.274   0.20 4.06  ? 4   DA  A "C1'" 1 
ATOM   137 N  N9    A DA  A 1 4  ? 0.441   6.748   -9.230  0.80 9.03  ? 4   DA  A N9    1 
ATOM   138 N  N9    B DA  A 1 4  ? -11.133 -7.887  -0.012  0.20 4.21  ? 4   DA  A N9    1 
ATOM   139 C  C8    A DA  A 1 4  ? 0.959   7.981   -8.928  0.80 9.57  ? 4   DA  A C8    1 
ATOM   140 C  C8    B DA  A 1 4  ? -11.792 -6.750  -0.405  0.20 4.71  ? 4   DA  A C8    1 
ATOM   141 N  N7    A DA  A 1 4  ? 2.273   8.023   -8.941  0.80 8.92  ? 4   DA  A N7    1 
ATOM   142 N  N7    B DA  A 1 4  ? -11.004 -5.717  -0.585  0.20 4.86  ? 4   DA  A N7    1 
ATOM   143 C  C5    A DA  A 1 4  ? 2.645   6.728   -9.268  0.80 7.66  ? 4   DA  A C5    1 
ATOM   144 C  C5    B DA  A 1 4  ? -9.740  -6.207  -0.292  0.20 5.97  ? 4   DA  A C5    1 
ATOM   145 C  C6    A DA  A 1 4  ? 3.902   6.118   -9.462  0.80 6.24  ? 4   DA  A C6    1 
ATOM   146 C  C6    B DA  A 1 4  ? -8.469  -5.606  -0.295  0.20 6.11  ? 4   DA  A C6    1 
ATOM   147 N  N6    A DA  A 1 4  ? 5.066   6.763   -9.380  0.80 4.71  ? 4   DA  A N6    1 
ATOM   148 N  N6    B DA  A 1 4  ? -8.255  -4.330  -0.625  0.20 10.54 ? 4   DA  A N6    1 
ATOM   149 N  N1    A DA  A 1 4  ? 3.919   4.802   -9.763  0.80 7.03  ? 4   DA  A N1    1 
ATOM   150 N  N1    B DA  A 1 4  ? -7.412  -6.374  0.052   0.20 5.69  ? 4   DA  A N1    1 
ATOM   151 C  C2    A DA  A 1 4  ? 2.754   4.156   -9.878  0.80 6.70  ? 4   DA  A C2    1 
ATOM   152 C  C2    B DA  A 1 4  ? -7.631  -7.655  0.375   0.20 5.71  ? 4   DA  A C2    1 
ATOM   153 N  N3    A DA  A 1 4  ? 1.515   4.620   -9.740  0.80 7.65  ? 4   DA  A N3    1 
ATOM   154 N  N3    B DA  A 1 4  ? -8.775  -8.332  0.412   0.20 4.90  ? 4   DA  A N3    1 
ATOM   155 C  C4    A DA  A 1 4  ? 1.527   5.927   -9.432  0.80 7.71  ? 4   DA  A C4    1 
ATOM   156 C  C4    B DA  A 1 4  ? -9.803  -7.542  0.065   0.20 4.56  ? 4   DA  A C4    1 
ATOM   157 P  P     A DT  A 1 5  ? -4.526  5.307   -7.453  0.80 13.49 ? 5   DT  A P     1 
ATOM   158 P  P     B DT  A 1 5  ? -13.522 -11.580 2.949   0.20 1.97  ? 5   DT  A P     1 
ATOM   159 O  OP1   A DT  A 1 5  ? -5.763  4.514   -7.694  0.80 12.54 ? 5   DT  A OP1   1 
ATOM   160 O  OP1   B DT  A 1 5  ? -13.676 -13.003 3.345   0.20 1.09  ? 5   DT  A OP1   1 
ATOM   161 O  OP2   A DT  A 1 5  ? -4.561  6.484   -6.541  0.80 10.05 ? 5   DT  A OP2   1 
ATOM   162 O  OP2   B DT  A 1 5  ? -14.582 -10.600 3.304   0.20 1.00  ? 5   DT  A OP2   1 
ATOM   163 O  "O5'" A DT  A 1 5  ? -3.403  4.296   -6.964  0.80 12.13 ? 5   DT  A "O5'" 1 
ATOM   164 O  "O5'" B DT  A 1 5  ? -12.131 -11.054 3.517   0.20 3.49  ? 5   DT  A "O5'" 1 
ATOM   165 C  "C5'" A DT  A 1 5  ? -3.057  3.188   -7.782  0.80 7.65  ? 5   DT  A "C5'" 1 
ATOM   166 C  "C5'" B DT  A 1 5  ? -10.936 -11.803 3.304   0.20 5.82  ? 5   DT  A "C5'" 1 
ATOM   167 C  "C4'" A DT  A 1 5  ? -2.129  2.261   -7.038  0.80 8.56  ? 5   DT  A "C4'" 1 
ATOM   168 C  "C4'" B DT  A 1 5  ? -9.851  -11.343 4.249   0.20 6.40  ? 5   DT  A "C4'" 1 
ATOM   169 O  "O4'" A DT  A 1 5  ? -0.749  2.659   -7.241  0.80 9.21  ? 5   DT  A "O4'" 1 
ATOM   170 O  "O4'" B DT  A 1 5  ? -9.253  -10.114 3.769   0.20 6.31  ? 5   DT  A "O4'" 1 
ATOM   171 C  "C3'" A DT  A 1 5  ? -2.362  2.209   -5.525  0.80 7.70  ? 5   DT  A "C3'" 1 
ATOM   172 C  "C3'" B DT  A 1 5  ? -10.329 -11.058 5.675   0.20 6.95  ? 5   DT  A "C3'" 1 
ATOM   173 O  "O3'" A DT  A 1 5  ? -2.476  0.852   -5.122  0.80 4.03  ? 5   DT  A "O3'" 1 
ATOM   174 O  "O3'" B DT  A 1 5  ? -9.367  -11.532 6.620   0.20 8.26  ? 5   DT  A "O3'" 1 
ATOM   175 C  "C2'" A DT  A 1 5  ? -1.124  2.873   -4.938  0.80 8.03  ? 5   DT  A "C2'" 1 
ATOM   176 C  "C2'" B DT  A 1 5  ? -10.389 -9.541  5.723   0.20 6.38  ? 5   DT  A "C2'" 1 
ATOM   177 C  "C1'" A DT  A 1 5  ? -0.060  2.644   -6.003  0.80 7.94  ? 5   DT  A "C1'" 1 
ATOM   178 C  "C1'" B DT  A 1 5  ? -9.230  -9.165  4.821   0.20 5.79  ? 5   DT  A "C1'" 1 
ATOM   179 N  N1    A DT  A 1 5  ? 0.986   3.687   -6.049  0.80 8.34  ? 5   DT  A N1    1 
ATOM   180 N  N1    B DT  A 1 5  ? -9.294  -7.816  4.224   0.20 5.01  ? 5   DT  A N1    1 
ATOM   181 C  C2    A DT  A 1 5  ? 2.272   3.319   -6.387  0.80 6.59  ? 5   DT  A C2    1 
ATOM   182 C  C2    B DT  A 1 5  ? -8.106  -7.153  4.008   0.20 4.33  ? 5   DT  A C2    1 
ATOM   183 O  O2    A DT  A 1 5  ? 2.585   2.180   -6.702  0.80 9.05  ? 5   DT  A O2    1 
ATOM   184 O  O2    B DT  A 1 5  ? -7.016  -7.628  4.289   0.20 2.77  ? 5   DT  A O2    1 
ATOM   185 N  N3    A DT  A 1 5  ? 3.188   4.342   -6.348  0.80 8.84  ? 5   DT  A N3    1 
ATOM   186 N  N3    B DT  A 1 5  ? -8.240  -5.906  3.446   0.20 3.61  ? 5   DT  A N3    1 
ATOM   187 C  C4    A DT  A 1 5  ? 2.948   5.664   -6.020  0.80 8.52  ? 5   DT  A C4    1 
ATOM   188 C  C4    B DT  A 1 5  ? -9.415  -5.274  3.090   0.20 3.70  ? 5   DT  A C4    1 
ATOM   189 O  O4    A DT  A 1 5  ? 3.872   6.466   -6.004  0.80 7.15  ? 5   DT  A O4    1 
ATOM   190 O  O4    B DT  A 1 5  ? -9.377  -4.156  2.584   0.20 2.05  ? 5   DT  A O4    1 
ATOM   191 C  C5    A DT  A 1 5  ? 1.576   5.984   -5.709  0.80 8.59  ? 5   DT  A C5    1 
ATOM   192 C  C5    B DT  A 1 5  ? -10.624 -6.023  3.355   0.20 3.80  ? 5   DT  A C5    1 
ATOM   193 C  C7    A DT  A 1 5  ? 1.224   7.396   -5.369  0.80 9.97  ? 5   DT  A C7    1 
ATOM   194 C  C7    B DT  A 1 5  ? -11.948 -5.411  3.020   0.20 3.67  ? 5   DT  A C7    1 
ATOM   195 C  C6    A DT  A 1 5  ? 0.676   4.994   -5.740  0.80 7.29  ? 5   DT  A C6    1 
ATOM   196 C  C6    B DT  A 1 5  ? -10.504 -7.242  3.898   0.20 4.09  ? 5   DT  A C6    1 
ATOM   197 P  P     A DA  A 1 6  ? -2.636  0.476   -3.572  0.80 5.33  ? 6   DA  A P     1 
ATOM   198 P  P     B DA  A 1 6  ? -9.812  -11.798 8.142   0.20 10.30 ? 6   DA  A P     1 
ATOM   199 O  OP1   A DA  A 1 6  ? -3.641  -0.622  -3.550  0.80 3.81  ? 6   DA  A OP1   1 
ATOM   200 O  OP1   B DA  A 1 6  ? -10.410 -13.154 8.231   0.20 10.52 ? 6   DA  A OP1   1 
ATOM   201 O  OP2   A DA  A 1 6  ? -2.842  1.685   -2.728  0.80 2.86  ? 6   DA  A OP2   1 
ATOM   202 O  OP2   B DA  A 1 6  ? -10.592 -10.619 8.592   0.20 11.07 ? 6   DA  A OP2   1 
ATOM   203 O  "O5'" A DA  A 1 6  ? -1.210  -0.145  -3.272  0.80 4.77  ? 6   DA  A "O5'" 1 
ATOM   204 O  "O5'" B DA  A 1 6  ? -8.432  -11.797 8.934   0.20 10.16 ? 6   DA  A "O5'" 1 
ATOM   205 C  "C5'" A DA  A 1 6  ? -0.586  -0.973  -4.252  0.80 3.28  ? 6   DA  A "C5'" 1 
ATOM   206 C  "C5'" B DA  A 1 6  ? -7.217  -12.115 8.268   0.20 10.06 ? 6   DA  A "C5'" 1 
ATOM   207 C  "C4'" A DA  A 1 6  ? 0.827   -1.306  -3.840  0.80 1.00  ? 6   DA  A "C4'" 1 
ATOM   208 C  "C4'" B DA  A 1 6  ? -6.208  -11.008 8.465   0.20 10.26 ? 6   DA  A "C4'" 1 
ATOM   209 O  "O4'" A DA  A 1 6  ? 1.667   -0.143  -3.980  0.80 1.00  ? 6   DA  A "O4'" 1 
ATOM   210 O  "O4'" B DA  A 1 6  ? -6.640  -9.809  7.771   0.20 9.36  ? 6   DA  A "O4'" 1 
ATOM   211 C  "C3'" A DA  A 1 6  ? 0.968   -1.775  -2.392  0.80 1.32  ? 6   DA  A "C3'" 1 
ATOM   212 C  "C3'" B DA  A 1 6  ? -5.994  -10.594 9.921   0.20 9.63  ? 6   DA  A "C3'" 1 
ATOM   213 O  "O3'" A DA  A 1 6  ? 1.906   -2.847  -2.324  0.80 4.30  ? 6   DA  A "O3'" 1 
ATOM   214 O  "O3'" B DA  A 1 6  ? -4.606  -10.335 10.147  0.20 11.15 ? 6   DA  A "O3'" 1 
ATOM   215 C  "C2'" A DA  A 1 6  ? 1.500   -0.548  -1.677  0.80 1.00  ? 6   DA  A "C2'" 1 
ATOM   216 C  "C2'" B DA  A 1 6  ? -6.799  -9.313  10.045  0.20 9.19  ? 6   DA  A "C2'" 1 
ATOM   217 C  "C1'" A DA  A 1 6  ? 2.333   0.122   -2.756  0.80 1.18  ? 6   DA  A "C1'" 1 
ATOM   218 C  "C1'" B DA  A 1 6  ? -6.608  -8.710  8.668   0.20 8.02  ? 6   DA  A "C1'" 1 
ATOM   219 N  N9    A DA  A 1 6  ? 2.441   1.573   -2.635  0.80 1.00  ? 6   DA  A N9    1 
ATOM   220 N  N9    B DA  A 1 6  ? -7.639  -7.753  8.264   0.20 6.91  ? 6   DA  A N9    1 
ATOM   221 C  C8    A DA  A 1 6  ? 1.484   2.462   -2.217  0.80 1.66  ? 6   DA  A C8    1 
ATOM   222 C  C8    B DA  A 1 6  ? -9.003  -7.899  8.308   0.20 6.19  ? 6   DA  A C8    1 
ATOM   223 N  N7    A DA  A 1 6  ? 1.875   3.712   -2.252  0.80 1.89  ? 6   DA  A N7    1 
ATOM   224 N  N7    B DA  A 1 6  ? -9.661  -6.850  7.873   0.20 6.14  ? 6   DA  A N7    1 
ATOM   225 C  C5    A DA  A 1 6  ? 3.181   3.637   -2.715  0.80 2.99  ? 6   DA  A C5    1 
ATOM   226 C  C5    B DA  A 1 6  ? -8.662  -5.954  7.520   0.20 5.23  ? 6   DA  A C5    1 
ATOM   227 C  C6    A DA  A 1 6  ? 4.151   4.619   -2.958  0.80 2.06  ? 6   DA  A C6    1 
ATOM   228 C  C6    B DA  A 1 6  ? -8.703  -4.651  6.987   0.20 5.21  ? 6   DA  A C6    1 
ATOM   229 N  N6    A DA  A 1 6  ? 3.944   5.916   -2.750  0.80 4.93  ? 6   DA  A N6    1 
ATOM   230 N  N6    B DA  A 1 6  ? -9.834  -3.998  6.714   0.20 4.57  ? 6   DA  A N6    1 
ATOM   231 N  N1    A DA  A 1 6  ? 5.353   4.215   -3.419  0.80 2.66  ? 6   DA  A N1    1 
ATOM   232 N  N1    B DA  A 1 6  ? -7.526  -4.036  6.743   0.20 5.10  ? 6   DA  A N1    1 
ATOM   233 C  C2    A DA  A 1 6  ? 5.558   2.909   -3.599  0.80 2.13  ? 6   DA  A C2    1 
ATOM   234 C  C2    B DA  A 1 6  ? -6.391  -4.689  7.022   0.20 4.69  ? 6   DA  A C2    1 
ATOM   235 N  N3    A DA  A 1 6  ? 4.730   1.889   -3.396  0.80 3.96  ? 6   DA  A N3    1 
ATOM   236 N  N3    B DA  A 1 6  ? -6.223  -5.910  7.527   0.20 5.77  ? 6   DA  A N3    1 
ATOM   237 C  C4    A DA  A 1 6  ? 3.542   2.326   -2.952  0.80 2.25  ? 6   DA  A C4    1 
ATOM   238 C  C4    B DA  A 1 6  ? -7.413  -6.497  7.755   0.20 6.35  ? 6   DA  A C4    1 
ATOM   239 P  P     A DC  A 1 7  ? 1.403   -4.357  -2.576  0.80 5.52  ? 7   DC  A P     1 
ATOM   240 P  P     B DC  A 1 7  ? -4.160  -9.409  11.379  0.20 11.21 ? 7   DC  A P     1 
ATOM   241 O  OP1   A DC  A 1 7  ? 2.606   -5.206  -2.769  0.80 4.93  ? 7   DC  A OP1   1 
ATOM   242 O  OP1   B DC  A 1 7  ? -2.698  -9.582  11.568  0.20 11.00 ? 7   DC  A OP1   1 
ATOM   243 O  OP2   A DC  A 1 7  ? 0.365   -4.295  -3.640  0.80 6.81  ? 7   DC  A OP2   1 
ATOM   244 O  OP2   B DC  A 1 7  ? -5.082  -9.664  12.515  0.20 11.82 ? 7   DC  A OP2   1 
ATOM   245 O  "O5'" A DC  A 1 7  ? 0.688   -4.774  -1.212  0.80 6.89  ? 7   DC  A "O5'" 1 
ATOM   246 O  "O5'" B DC  A 1 7  ? -4.419  -7.934  10.839  0.20 11.72 ? 7   DC  A "O5'" 1 
ATOM   247 C  "C5'" A DC  A 1 7  ? 1.358   -4.638  0.043   0.80 6.37  ? 7   DC  A "C5'" 1 
ATOM   248 C  "C5'" B DC  A 1 7  ? -3.477  -7.303  9.974   0.20 12.19 ? 7   DC  A "C5'" 1 
ATOM   249 C  "C4'" A DC  A 1 7  ? 0.560   -5.289  1.152   0.80 5.52  ? 7   DC  A "C4'" 1 
ATOM   250 C  "C4'" B DC  A 1 7  ? -3.212  -5.895  10.446  0.20 11.60 ? 7   DC  A "C4'" 1 
ATOM   251 O  "O4'" A DC  A 1 7  ? -0.705  -4.621  1.338   0.80 5.23  ? 7   DC  A "O4'" 1 
ATOM   252 O  "O4'" B DC  A 1 7  ? -4.283  -5.019  10.022  0.20 9.59  ? 7   DC  A "O4'" 1 
ATOM   253 C  "C3'" A DC  A 1 7  ? 0.221   -6.763  0.954   0.80 4.71  ? 7   DC  A "C3'" 1 
ATOM   254 C  "C3'" B DC  A 1 7  ? -3.142  -5.781  11.968  0.20 12.83 ? 7   DC  A "C3'" 1 
ATOM   255 O  "O3'" A DC  A 1 7  ? 0.182   -7.396  2.235   0.80 5.28  ? 7   DC  A "O3'" 1 
ATOM   256 O  "O3'" B DC  A 1 7  ? -2.122  -4.868  12.362  0.20 15.45 ? 7   DC  A "O3'" 1 
ATOM   257 C  "C2'" A DC  A 1 7  ? -1.170  -6.711  0.348   0.80 5.32  ? 7   DC  A "C2'" 1 
ATOM   258 C  "C2'" B DC  A 1 7  ? -4.509  -5.241  12.345  0.20 10.69 ? 7   DC  A "C2'" 1 
ATOM   259 C  "C1'" A DC  A 1 7  ? -1.780  -5.499  1.039   0.80 2.27  ? 7   DC  A "C1'" 1 
ATOM   260 C  "C1'" B DC  A 1 7  ? -4.860  -4.375  11.146  0.20 8.59  ? 7   DC  A "C1'" 1 
ATOM   261 N  N1    A DC  A 1 7  ? -2.720  -4.759  0.196   0.80 1.83  ? 7   DC  A N1    1 
ATOM   262 N  N1    B DC  A 1 7  ? -6.303  -4.237  10.892  0.20 5.69  ? 7   DC  A N1    1 
ATOM   263 C  C2    A DC  A 1 7  ? -4.080  -5.074  0.262   0.80 1.00  ? 7   DC  A C2    1 
ATOM   264 C  C2    B DC  A 1 7  ? -6.748  -3.158  10.125  0.20 4.08  ? 7   DC  A C2    1 
ATOM   265 O  O2    A DC  A 1 7  ? -4.450  -5.991  1.021   0.80 1.32  ? 7   DC  A O2    1 
ATOM   266 O  O2    B DC  A 1 7  ? -5.913  -2.362  9.668   0.20 1.32  ? 7   DC  A O2    1 
ATOM   267 N  N3    A DC  A 1 7  ? -4.955  -4.377  -0.499  0.80 1.00  ? 7   DC  A N3    1 
ATOM   268 N  N3    B DC  A 1 7  ? -8.073  -3.010  9.897   0.20 4.49  ? 7   DC  A N3    1 
ATOM   269 C  C4    A DC  A 1 7  ? -4.515  -3.406  -1.304  0.80 1.00  ? 7   DC  A C4    1 
ATOM   270 C  C4    B DC  A 1 7  ? -8.938  -3.894  10.399  0.20 4.42  ? 7   DC  A C4    1 
ATOM   271 N  N4    A DC  A 1 7  ? -5.417  -2.739  -2.029  0.80 1.00  ? 7   DC  A N4    1 
ATOM   272 N  N4    B DC  A 1 7  ? -10.236 -3.704  10.158  0.20 5.00  ? 7   DC  A N4    1 
ATOM   273 C  C5    A DC  A 1 7  ? -3.132  -3.076  -1.399  0.80 1.00  ? 7   DC  A C5    1 
ATOM   274 C  C5    B DC  A 1 7  ? -8.511  -5.009  11.174  0.20 5.07  ? 7   DC  A C5    1 
ATOM   275 C  C6    A DC  A 1 7  ? -2.278  -3.771  -0.641  0.80 1.00  ? 7   DC  A C6    1 
ATOM   276 C  C6    B DC  A 1 7  ? -7.196  -5.141  11.395  0.20 4.89  ? 7   DC  A C6    1 
ATOM   277 P  P     A DC  A 1 8  ? 1.026   -8.730  2.489   0.80 6.18  ? 8   DC  A P     1 
ATOM   278 P  P     B DC  A 1 8  ? -1.315  -5.125  13.726  0.20 17.89 ? 8   DC  A P     1 
ATOM   279 O  OP1   A DC  A 1 8  ? 0.913   -9.077  3.931   0.80 6.34  ? 8   DC  A OP1   1 
ATOM   280 O  OP1   B DC  A 1 8  ? 0.016   -5.670  13.359  0.20 17.52 ? 8   DC  A OP1   1 
ATOM   281 O  OP2   A DC  A 1 8  ? 2.368   -8.595  1.860   0.80 7.74  ? 8   DC  A OP2   1 
ATOM   282 O  OP2   B DC  A 1 8  ? -2.191  -5.888  14.652  0.20 18.29 ? 8   DC  A OP2   1 
ATOM   283 O  "O5'" A DC  A 1 8  ? 0.251   -9.840  1.651   0.80 7.66  ? 8   DC  A "O5'" 1 
ATOM   284 O  "O5'" B DC  A 1 8  ? -1.115  -3.662  14.315  0.20 18.79 ? 8   DC  A "O5'" 1 
ATOM   285 C  "C5'" A DC  A 1 8  ? -0.850  -10.539 2.215   0.80 7.42  ? 8   DC  A "C5'" 1 
ATOM   286 C  "C5'" B DC  A 1 8  ? -0.560  -2.624  13.511  0.20 20.15 ? 8   DC  A "C5'" 1 
ATOM   287 C  "C4'" A DC  A 1 8  ? -1.537  -11.354 1.146   0.80 8.77  ? 8   DC  A "C4'" 1 
ATOM   288 C  "C4'" B DC  A 1 8  ? -1.102  -1.285  13.947  0.20 20.95 ? 8   DC  A "C4'" 1 
ATOM   289 O  "O4'" A DC  A 1 8  ? -2.162  -10.468 0.188   0.80 6.10  ? 8   DC  A "O4'" 1 
ATOM   290 O  "O4'" B DC  A 1 8  ? -2.499  -1.181  13.584  0.20 19.95 ? 8   DC  A "O4'" 1 
ATOM   291 C  "C3'" A DC  A 1 8  ? -0.604  -12.255 0.337   0.80 9.21  ? 8   DC  A "C3'" 1 
ATOM   292 C  "C3'" B DC  A 1 8  ? -1.034  -1.052  15.456  0.20 22.24 ? 8   DC  A "C3'" 1 
ATOM   293 O  "O3'" A DC  A 1 8  ? -1.300  -13.459 0.002   0.80 11.98 ? 8   DC  A "O3'" 1 
ATOM   294 O  "O3'" B DC  A 1 8  ? -0.702  0.311   15.721  0.20 25.00 ? 8   DC  A "O3'" 1 
ATOM   295 C  "C2'" A DC  A 1 8  ? -0.360  -11.447 -0.927  0.80 8.41  ? 8   DC  A "C2'" 1 
ATOM   296 C  "C2'" B DC  A 1 8  ? -2.446  -1.353  15.922  0.20 20.62 ? 8   DC  A "C2'" 1 
ATOM   297 C  "C1'" A DC  A 1 8  ? -1.711  -10.778 -1.116  0.80 6.82  ? 8   DC  A "C1'" 1 
ATOM   298 C  "C1'" B DC  A 1 8  ? -3.278  -0.895  14.737  0.20 19.02 ? 8   DC  A "C1'" 1 
ATOM   299 N  N1    A DC  A 1 8  ? -1.744  -9.535  -1.900  0.80 6.22  ? 8   DC  A N1    1 
ATOM   300 N  N1    B DC  A 1 8  ? -4.573  -1.578  14.587  0.20 16.09 ? 8   DC  A N1    1 
ATOM   301 C  C2    A DC  A 1 8  ? -2.987  -9.058  -2.331  0.80 2.60  ? 8   DC  A C2    1 
ATOM   302 C  C2    B DC  A 1 8  ? -5.628  -0.884  13.990  0.20 15.28 ? 8   DC  A C2    1 
ATOM   303 O  O2    A DC  A 1 8  ? -4.002  -9.725  -2.076  0.80 1.00  ? 8   DC  A O2    1 
ATOM   304 O  O2    B DC  A 1 8  ? -5.439  0.282   13.611  0.20 13.33 ? 8   DC  A O2    1 
ATOM   305 N  N3    A DC  A 1 8  ? -3.051  -7.890  -3.010  0.80 5.10  ? 8   DC  A N3    1 
ATOM   306 N  N3    B DC  A 1 8  ? -6.824  -1.498  13.842  0.20 14.16 ? 8   DC  A N3    1 
ATOM   307 C  C4    A DC  A 1 8  ? -1.934  -7.213  -3.268  0.80 4.45  ? 8   DC  A C4    1 
ATOM   308 C  C4    B DC  A 1 8  ? -6.987  -2.754  14.266  0.20 14.05 ? 8   DC  A C4    1 
ATOM   309 N  N4    A DC  A 1 8  ? -2.043  -6.054  -3.922  0.80 3.77  ? 8   DC  A N4    1 
ATOM   310 N  N4    B DC  A 1 8  ? -8.183  -3.322  14.096  0.20 12.92 ? 8   DC  A N4    1 
ATOM   311 C  C5    A DC  A 1 8  ? -0.652  -7.692  -2.864  0.80 5.53  ? 8   DC  A C5    1 
ATOM   312 C  C5    B DC  A 1 8  ? -5.928  -3.484  14.882  0.20 14.75 ? 8   DC  A C5    1 
ATOM   313 C  C6    A DC  A 1 8  ? -0.605  -8.846  -2.191  0.80 4.65  ? 8   DC  A C6    1 
ATOM   314 C  C6    B DC  A 1 8  ? -4.749  -2.863  15.020  0.20 15.70 ? 8   DC  A C6    1 
ATOM   315 P  P     A DG  A 1 9  ? -0.908  -14.840 0.718   0.80 15.16 ? 9   DG  A P     1 
ATOM   316 P  P     B DG  A 1 9  ? 0.733   0.668   16.341  0.20 26.63 ? 9   DG  A P     1 
ATOM   317 O  OP1   A DG  A 1 9  ? -1.002  -14.624 2.183   0.80 13.37 ? 9   DG  A OP1   1 
ATOM   318 O  OP1   B DG  A 1 9  ? 1.771   0.032   15.491  0.20 27.43 ? 9   DG  A OP1   1 
ATOM   319 O  OP2   A DG  A 1 9  ? 0.363   -15.319 0.118   0.80 13.31 ? 9   DG  A OP2   1 
ATOM   320 O  OP2   B DG  A 1 9  ? 0.688   0.367   17.793  0.20 27.48 ? 9   DG  A OP2   1 
ATOM   321 O  "O5'" A DG  A 1 9  ? -2.094  -15.812 0.292   0.80 14.20 ? 9   DG  A "O5'" 1 
ATOM   322 O  "O5'" B DG  A 1 9  ? 0.836   2.246   16.164  0.20 27.56 ? 9   DG  A "O5'" 1 
ATOM   323 C  "C5'" A DG  A 1 9  ? -3.435  -15.525 0.686   0.80 13.95 ? 9   DG  A "C5'" 1 
ATOM   324 C  "C5'" B DG  A 1 9  ? 0.783   2.840   14.870  0.20 27.68 ? 9   DG  A "C5'" 1 
ATOM   325 C  "C4'" A DG  A 1 9  ? -4.374  -15.716 -0.481  0.80 13.53 ? 9   DG  A "C4'" 1 
ATOM   326 C  "C4'" B DG  A 1 9  ? -0.238  3.952   14.853  0.20 27.37 ? 9   DG  A "C4'" 1 
ATOM   327 O  "O4'" A DG  A 1 9  ? -4.231  -14.656 -1.451  0.80 11.17 ? 9   DG  A "O4'" 1 
ATOM   328 O  "O4'" B DG  A 1 9  ? -1.563  3.388   15.010  0.20 26.14 ? 9   DG  A "O4'" 1 
ATOM   329 C  "C3'" A DG  A 1 9  ? -4.158  -17.014 -1.252  0.80 13.86 ? 9   DG  A "C3'" 1 
ATOM   330 C  "C3'" B DG  A 1 9  ? -0.075  4.964   15.987  0.20 27.29 ? 9   DG  A "C3'" 1 
ATOM   331 O  "O3'" A DG  A 1 9  ? -5.423  -17.435 -1.755  0.80 14.43 ? 9   DG  A "O3'" 1 
ATOM   332 O  "O3'" B DG  A 1 9  ? -0.433  6.269   15.532  0.20 27.73 ? 9   DG  A "O3'" 1 
ATOM   333 C  "C2'" A DG  A 1 9  ? -3.269  -16.571 -2.400  0.80 13.91 ? 9   DG  A "C2'" 1 
ATOM   334 C  "C2'" B DG  A 1 9  ? -1.071  4.483   17.025  0.20 26.22 ? 9   DG  A "C2'" 1 
ATOM   335 C  "C1'" A DG  A 1 9  ? -3.852  -15.206 -2.711  0.80 12.83 ? 9   DG  A "C1'" 1 
ATOM   336 C  "C1'" B DG  A 1 9  ? -2.192  3.938   16.158  0.20 24.67 ? 9   DG  A "C1'" 1 
ATOM   337 N  N9    A DG  A 1 9  ? -2.956  -14.253 -3.361  0.80 12.84 ? 9   DG  A N9    1 
ATOM   338 N  N9    B DG  A 1 9  ? -2.986  2.884   16.782  0.20 22.36 ? 9   DG  A N9    1 
ATOM   339 C  C8    A DG  A 1 9  ? -1.582  -14.291 -3.443  0.80 11.70 ? 9   DG  A C8    1 
ATOM   340 C  C8    B DG  A 1 9  ? -2.597  2.039   17.794  0.20 21.47 ? 9   DG  A C8    1 
ATOM   341 N  N7    A DG  A 1 9  ? -1.078  -13.243 -4.038  0.80 10.79 ? 9   DG  A N7    1 
ATOM   342 N  N7    B DG  A 1 9  ? -3.531  1.196   18.146  0.20 20.11 ? 9   DG  A N7    1 
ATOM   343 C  C5    A DG  A 1 9  ? -2.184  -12.477 -4.376  0.80 9.71  ? 9   DG  A C5    1 
ATOM   344 C  C5    B DG  A 1 9  ? -4.601  1.502   17.315  0.20 19.79 ? 9   DG  A C5    1 
ATOM   345 C  C6    A DG  A 1 9  ? -2.269  -11.217 -5.020  0.80 9.66  ? 9   DG  A C6    1 
ATOM   346 C  C6    B DG  A 1 9  ? -5.892  0.923   17.228  0.20 18.92 ? 9   DG  A C6    1 
ATOM   347 O  O6    A DG  A 1 9  ? -1.352  -10.495 -5.427  0.80 12.35 ? 9   DG  A O6    1 
ATOM   348 O  O6    B DG  A 1 9  ? -6.363  -0.012  17.887  0.20 18.89 ? 9   DG  A O6    1 
ATOM   349 N  N1    A DG  A 1 9  ? -3.592  -10.810 -5.173  0.80 9.89  ? 9   DG  A N1    1 
ATOM   350 N  N1    B DG  A 1 9  ? -6.666  1.543   16.251  0.20 18.09 ? 9   DG  A N1    1 
ATOM   351 C  C2    A DG  A 1 9  ? -4.690  -11.524 -4.759  0.80 7.82  ? 9   DG  A C2    1 
ATOM   352 C  C2    B DG  A 1 9  ? -6.252  2.584   15.458  0.20 17.92 ? 9   DG  A C2    1 
ATOM   353 N  N2    A DG  A 1 9  ? -5.881  -10.985 -5.008  0.80 6.58  ? 9   DG  A N2    1 
ATOM   354 N  N2    B DG  A 1 9  ? -7.150  3.050   14.576  0.20 17.05 ? 9   DG  A N2    1 
ATOM   355 N  N3    A DG  A 1 9  ? -4.622  -12.688 -4.145  0.80 9.77  ? 9   DG  A N3    1 
ATOM   356 N  N3    B DG  A 1 9  ? -5.049  3.129   15.525  0.20 18.38 ? 9   DG  A N3    1 
ATOM   357 C  C4    A DG  A 1 9  ? -3.348  -13.100 -3.987  0.80 10.75 ? 9   DG  A C4    1 
ATOM   358 C  C4    B DG  A 1 9  ? -4.281  2.543   16.469  0.20 20.42 ? 9   DG  A C4    1 
ATOM   359 P  P     A DG  A 1 10 ? -5.837  -18.981 -1.697  0.80 13.79 ? 10  DG  A P     1 
ATOM   360 P  P     B DG  A 1 10 ? 0.371   7.550   16.070  0.20 27.68 ? 10  DG  A P     1 
ATOM   361 O  OP1   A DG  A 1 10 ? -6.357  -19.258 -0.335  0.80 14.25 ? 10  DG  A OP1   1 
ATOM   362 O  OP1   B DG  A 1 10 ? 1.547   7.765   15.189  0.20 27.65 ? 10  DG  A OP1   1 
ATOM   363 O  OP2   A DG  A 1 10 ? -4.709  -19.781 -2.231  0.80 17.33 ? 10  DG  A OP2   1 
ATOM   364 O  OP2   B DG  A 1 10 ? 0.572   7.369   17.530  0.20 29.12 ? 10  DG  A OP2   1 
ATOM   365 O  "O5'" A DG  A 1 10 ? -7.056  -19.058 -2.719  0.80 14.28 ? 10  DG  A "O5'" 1 
ATOM   366 O  "O5'" B DG  A 1 10 ? -0.651  8.751   15.850  0.20 27.57 ? 10  DG  A "O5'" 1 
ATOM   367 C  "C5'" A DG  A 1 10 ? -8.220  -18.250 -2.536  0.80 15.42 ? 10  DG  A "C5'" 1 
ATOM   368 C  "C5'" B DG  A 1 10 ? -1.216  9.004   14.563  0.20 26.63 ? 10  DG  A "C5'" 1 
ATOM   369 C  "C4'" A DG  A 1 10 ? -8.793  -17.850 -3.876  0.80 14.69 ? 10  DG  A "C4'" 1 
ATOM   370 C  "C4'" B DG  A 1 10 ? -2.651  9.457   14.699  0.20 25.50 ? 10  DG  A "C4'" 1 
ATOM   371 O  "O4'" A DG  A 1 10 ? -7.897  -16.906 -4.506  0.80 14.94 ? 10  DG  A "O4'" 1 
ATOM   372 O  "O4'" B DG  A 1 10 ? -3.432  8.377   15.265  0.20 24.85 ? 10  DG  A "O4'" 1 
ATOM   373 C  "C3'" A DG  A 1 10 ? -8.944  -19.003 -4.869  0.80 14.54 ? 10  DG  A "C3'" 1 
ATOM   374 C  "C3'" B DG  A 1 10 ? -2.860  10.646  15.636  0.20 25.24 ? 10  DG  A "C3'" 1 
ATOM   375 O  "O3'" A DG  A 1 10 ? -9.938  -18.679 -5.838  0.80 14.28 ? 10  DG  A "O3'" 1 
ATOM   376 O  "O3'" B DG  A 1 10 ? -4.078  11.316  15.304  0.20 25.01 ? 10  DG  A "O3'" 1 
ATOM   377 C  "C2'" A DG  A 1 10 ? -7.614  -18.976 -5.599  0.80 14.26 ? 10  DG  A "C2'" 1 
ATOM   378 C  "C2'" B DG  A 1 10 ? -3.123  9.972   16.968  0.20 24.58 ? 10  DG  A "C2'" 1 
ATOM   379 C  "C1'" A DG  A 1 10 ? -7.340  -17.481 -5.682  0.80 15.28 ? 10  DG  A "C1'" 1 
ATOM   380 C  "C1'" B DG  A 1 10 ? -3.927  8.753   16.545  0.20 24.07 ? 10  DG  A "C1'" 1 
ATOM   381 N  N9    A DG  A 1 10 ? -5.929  -17.115 -5.733  0.80 13.59 ? 10  DG  A N9    1 
ATOM   382 N  N9    B DG  A 1 10 ? -3.791  7.602   17.432  0.20 22.71 ? 10  DG  A N9    1 
ATOM   383 C  C8    A DG  A 1 10 ? -4.865  -17.809 -5.211  0.80 12.43 ? 10  DG  A C8    1 
ATOM   384 C  C8    B DG  A 1 10 ? -2.694  7.261   18.187  0.20 21.73 ? 10  DG  A C8    1 
ATOM   385 N  N7    A DG  A 1 10 ? -3.718  -17.229 -5.436  0.80 14.40 ? 10  DG  A N7    1 
ATOM   386 N  N7    B DG  A 1 10 ? -2.868  6.168   18.878  0.20 21.49 ? 10  DG  A N7    1 
ATOM   387 C  C5    A DG  A 1 10 ? -4.045  -16.083 -6.146  0.80 12.42 ? 10  DG  A C5    1 
ATOM   388 C  C5    B DG  A 1 10 ? -4.159  5.764   18.561  0.20 21.04 ? 10  DG  A C5    1 
ATOM   389 C  C6    A DG  A 1 10 ? -3.219  -15.060 -6.669  0.80 11.47 ? 10  DG  A C6    1 
ATOM   390 C  C6    B DG  A 1 10 ? -4.904  4.640   19.002  0.20 20.57 ? 10  DG  A C6    1 
ATOM   391 O  O6    A DG  A 1 10 ? -1.986  -14.965 -6.621  0.80 11.76 ? 10  DG  A O6    1 
ATOM   392 O  O6    B DG  A 1 10 ? -4.560  3.746   19.783  0.20 19.79 ? 10  DG  A O6    1 
ATOM   393 N  N1    A DG  A 1 10 ? -3.968  -14.077 -7.312  0.80 9.68  ? 10  DG  A N1    1 
ATOM   394 N  N1    B DG  A 1 10 ? -6.174  4.615   18.436  0.20 20.49 ? 10  DG  A N1    1 
ATOM   395 C  C2    A DG  A 1 10 ? -5.340  -14.083 -7.441  0.80 9.83  ? 10  DG  A C2    1 
ATOM   396 C  C2    B DG  A 1 10 ? -6.666  5.549   17.558  0.20 20.32 ? 10  DG  A C2    1 
ATOM   397 N  N2    A DG  A 1 10 ? -5.889  -13.050 -8.093  0.80 7.05  ? 10  DG  A N2    1 
ATOM   398 N  N2    B DG  A 1 10 ? -7.920  5.355   17.130  0.20 19.45 ? 10  DG  A N2    1 
ATOM   399 N  N3    A DG  A 1 10 ? -6.116  -15.036 -6.962  0.80 9.30  ? 10  DG  A N3    1 
ATOM   400 N  N3    B DG  A 1 10 ? -5.979  6.597   17.133  0.20 20.76 ? 10  DG  A N3    1 
ATOM   401 C  C4    A DG  A 1 10 ? -5.407  -15.996 -6.331  0.80 12.59 ? 10  DG  A C4    1 
ATOM   402 C  C4    B DG  A 1 10 ? -4.743  6.641   17.673  0.20 21.63 ? 10  DG  A C4    1 
ATOM   403 O  "O5'" A DC  B 2 1  ? 3.032   2.743   11.717  0.80 19.63 ? 11  DC  B "O5'" 1 
ATOM   404 O  "O5'" B DC  B 2 1  ? -12.614 -1.228  19.261  0.20 14.71 ? 11  DC  B "O5'" 1 
ATOM   405 C  "C5'" A DC  B 2 1  ? 3.679   3.722   10.902  0.80 14.02 ? 11  DC  B "C5'" 1 
ATOM   406 C  "C5'" B DC  B 2 1  ? -13.731 -0.761  20.023  0.20 13.89 ? 11  DC  B "C5'" 1 
ATOM   407 C  "C4'" A DC  B 2 1  ? 4.809   4.424   11.621  0.80 13.27 ? 11  DC  B "C4'" 1 
ATOM   408 C  "C4'" B DC  B 2 1  ? -13.898 0.738   19.929  0.20 13.82 ? 11  DC  B "C4'" 1 
ATOM   409 O  "O4'" A DC  B 2 1  ? 5.853   3.471   11.944  0.80 11.29 ? 11  DC  B "O4'" 1 
ATOM   410 O  "O4'" B DC  B 2 1  ? -12.754 1.392   20.528  0.20 13.14 ? 11  DC  B "O4'" 1 
ATOM   411 C  "C3'" A DC  B 2 1  ? 5.482   5.528   10.801  0.80 11.55 ? 11  DC  B "C3'" 1 
ATOM   412 C  "C3'" B DC  B 2 1  ? -13.992 1.276   18.501  0.20 13.55 ? 11  DC  B "C3'" 1 
ATOM   413 O  "O3'" A DC  B 2 1  ? 5.873   6.614   11.648  0.80 10.44 ? 11  DC  B "O3'" 1 
ATOM   414 O  "O3'" B DC  B 2 1  ? -14.905 2.375   18.453  0.20 14.35 ? 11  DC  B "O3'" 1 
ATOM   415 C  "C2'" A DC  B 2 1  ? 6.715   4.845   10.249  0.80 11.21 ? 11  DC  B "C2'" 1 
ATOM   416 C  "C2'" B DC  B 2 1  ? -12.578 1.748   18.215  0.20 13.33 ? 11  DC  B "C2'" 1 
ATOM   417 C  "C1'" A DC  B 2 1  ? 7.083   3.894   11.378  0.80 8.13  ? 11  DC  B "C1'" 1 
ATOM   418 C  "C1'" B DC  B 2 1  ? -12.127 2.242   19.579  0.20 12.77 ? 11  DC  B "C1'" 1 
ATOM   419 N  N1    A DC  B 2 1  ? 7.800   2.704   10.908  0.80 6.67  ? 11  DC  B N1    1 
ATOM   420 N  N1    B DC  B 2 1  ? -10.674 2.179   19.805  0.20 12.44 ? 11  DC  B N1    1 
ATOM   421 C  C2    A DC  B 2 1  ? 9.130   2.839   10.496  0.80 4.37  ? 11  DC  B C2    1 
ATOM   422 C  C2    B DC  B 2 1  ? -9.831  2.985   19.033  0.20 12.10 ? 11  DC  B C2    1 
ATOM   423 O  O2    A DC  B 2 1  ? 9.662   3.952   10.549  0.80 1.00  ? 11  DC  B O2    1 
ATOM   424 O  O2    B DC  B 2 1  ? -10.331 3.726   18.174  0.20 11.46 ? 11  DC  B O2    1 
ATOM   425 N  N3    A DC  B 2 1  ? 9.800   1.754   10.050  0.80 5.98  ? 11  DC  B N3    1 
ATOM   426 N  N3    B DC  B 2 1  ? -8.495  2.936   19.242  0.20 12.39 ? 11  DC  B N3    1 
ATOM   427 C  C4    A DC  B 2 1  ? 9.195   0.568   10.010  0.80 6.68  ? 11  DC  B C4    1 
ATOM   428 C  C4    B DC  B 2 1  ? -7.996  2.125   20.178  0.20 12.26 ? 11  DC  B C4    1 
ATOM   429 N  N4    A DC  B 2 1  ? 9.902   -0.474  9.574   0.80 7.80  ? 11  DC  B N4    1 
ATOM   430 N  N4    B DC  B 2 1  ? -6.673  2.110   20.352  0.20 12.23 ? 11  DC  B N4    1 
ATOM   431 C  C5    A DC  B 2 1  ? 7.840   0.400   10.420  0.80 9.21  ? 11  DC  B C5    1 
ATOM   432 C  C5    B DC  B 2 1  ? -8.831  1.291   20.976  0.20 12.14 ? 11  DC  B C5    1 
ATOM   433 C  C6    A DC  B 2 1  ? 7.185   1.485   10.862  0.80 8.40  ? 11  DC  B C6    1 
ATOM   434 C  C6    B DC  B 2 1  ? -10.151 1.350   20.759  0.20 12.42 ? 11  DC  B C6    1 
ATOM   435 P  P     A DC  B 2 2  ? 5.149   8.036   11.492  0.80 12.00 ? 12  DC  B P     1 
ATOM   436 P  P     B DC  B 2 2  ? -15.704 2.692   17.095  0.20 15.43 ? 12  DC  B P     1 
ATOM   437 O  OP1   A DC  B 2 2  ? 5.893   9.034   12.301  0.80 10.23 ? 12  DC  B OP1   1 
ATOM   438 O  OP1   B DC  B 2 2  ? -16.513 3.913   17.332  0.20 15.42 ? 12  DC  B OP1   1 
ATOM   439 O  OP2   A DC  B 2 2  ? 3.695   7.827   11.725  0.80 10.88 ? 12  DC  B OP2   1 
ATOM   440 O  OP2   B DC  B 2 2  ? -16.373 1.445   16.642  0.20 14.59 ? 12  DC  B OP2   1 
ATOM   441 O  "O5'" A DC  B 2 2  ? 5.359   8.397   9.956   0.80 10.24 ? 12  DC  B "O5'" 1 
ATOM   442 O  "O5'" B DC  B 2 2  ? -14.556 3.045   16.050  0.20 14.28 ? 12  DC  B "O5'" 1 
ATOM   443 C  "C5'" A DC  B 2 2  ? 6.552   9.030   9.523   0.80 7.53  ? 12  DC  B "C5'" 1 
ATOM   444 C  "C5'" B DC  B 2 2  ? -14.753 4.048   15.054  0.20 13.39 ? 12  DC  B "C5'" 1 
ATOM   445 C  "C4'" A DC  B 2 2  ? 6.698   8.904   8.026   0.80 5.29  ? 12  DC  B "C4'" 1 
ATOM   446 C  "C4'" B DC  B 2 2  ? -14.359 3.517   13.695  0.20 11.86 ? 12  DC  B "C4'" 1 
ATOM   447 O  "O4'" A DC  B 2 2  ? 7.142   7.584   7.663   0.80 5.74  ? 12  DC  B "O4'" 1 
ATOM   448 O  "O4'" B DC  B 2 2  ? -12.965 3.130   13.719  0.20 11.16 ? 12  DC  B "O4'" 1 
ATOM   449 C  "C3'" A DC  B 2 2  ? 5.415   9.153   7.237   0.80 6.99  ? 12  DC  B "C3'" 1 
ATOM   450 C  "C3'" B DC  B 2 2  ? -15.128 2.274   13.250  0.20 11.49 ? 12  DC  B "C3'" 1 
ATOM   451 O  "O3'" A DC  B 2 2  ? 5.731   9.960   6.118   0.80 9.17  ? 12  DC  B "O3'" 1 
ATOM   452 O  "O3'" B DC  B 2 2  ? -15.281 2.287   11.828  0.20 11.65 ? 12  DC  B "O3'" 1 
ATOM   453 C  "C2'" A DC  B 2 2  ? 5.008   7.772   6.761   0.80 4.95  ? 12  DC  B "C2'" 1 
ATOM   454 C  "C2'" B DC  B 2 2  ? -14.198 1.141   13.636  0.20 10.61 ? 12  DC  B "C2'" 1 
ATOM   455 C  "C1'" A DC  B 2 2  ? 6.353   7.104   6.588   0.80 2.93  ? 12  DC  B "C1'" 1 
ATOM   456 C  "C1'" B DC  B 2 2  ? -12.841 1.762   13.360  0.20 9.19  ? 12  DC  B "C1'" 1 
ATOM   457 N  N1    A DC  B 2 2  ? 6.332   5.641   6.667   0.80 1.00  ? 12  DC  B N1    1 
ATOM   458 N  N1    B DC  B 2 2  ? -11.726 1.189   14.128  0.20 7.64  ? 12  DC  B N1    1 
ATOM   459 C  C2    A DC  B 2 2  ? 7.523   4.952   6.476   0.80 1.00  ? 12  DC  B C2    1 
ATOM   460 C  C2    B DC  B 2 2  ? -10.520 1.891   14.182  0.20 6.17  ? 12  DC  B C2    1 
ATOM   461 O  O2    A DC  B 2 2  ? 8.541   5.587   6.205   0.80 1.00  ? 12  DC  B O2    1 
ATOM   462 O  O2    B DC  B 2 2  ? -10.432 2.978   13.589  0.20 5.44  ? 12  DC  B O2    1 
ATOM   463 N  N3    A DC  B 2 2  ? 7.532   3.610   6.579   0.80 1.47  ? 12  DC  B N3    1 
ATOM   464 N  N3    B DC  B 2 2  ? -9.482  1.370   14.874  0.20 5.46  ? 12  DC  B N3    1 
ATOM   465 C  C4    A DC  B 2 2  ? 6.400   2.952   6.847   0.80 2.27  ? 12  DC  B C4    1 
ATOM   466 C  C4    B DC  B 2 2  ? -9.618  0.198   15.498  0.20 4.92  ? 12  DC  B C4    1 
ATOM   467 N  N4    A DC  B 2 2  ? 6.460   1.626   6.959   0.80 2.12  ? 12  DC  B N4    1 
ATOM   468 N  N4    B DC  B 2 2  ? -8.565  -0.282  16.165  0.20 3.56  ? 12  DC  B N4    1 
ATOM   469 C  C5    A DC  B 2 2  ? 5.162   3.627   7.019   0.80 1.52  ? 12  DC  B C5    1 
ATOM   470 C  C5    B DC  B 2 2  ? -10.837 -0.537  15.462  0.20 5.17  ? 12  DC  B C5    1 
ATOM   471 C  C6    A DC  B 2 2  ? 5.174   4.962   6.925   0.80 1.00  ? 12  DC  B C6    1 
ATOM   472 C  C6    B DC  B 2 2  ? -11.856 -0.010  14.774  0.20 6.60  ? 12  DC  B C6    1 
ATOM   473 P  P     A DG  B 2 3  ? 5.483   11.528  6.204   0.80 8.38  ? 13  DG  B P     1 
ATOM   474 P  P     B DG  B 2 3  ? -16.666 2.769   11.180  0.20 11.06 ? 13  DG  B P     1 
ATOM   475 O  OP1   A DG  B 2 3  ? 5.464   11.881  7.646   0.80 11.84 ? 13  DG  B OP1   1 
ATOM   476 O  OP1   B DG  B 2 3  ? -17.473 3.387   12.260  0.20 11.05 ? 13  DG  B OP1   1 
ATOM   477 O  OP2   A DG  B 2 3  ? 4.319   11.875  5.341   0.80 7.92  ? 13  DG  B OP2   1 
ATOM   478 O  OP2   B DG  B 2 3  ? -17.231 1.648   10.389  0.20 11.97 ? 13  DG  B OP2   1 
ATOM   479 O  "O5'" A DG  B 2 3  ? 6.815   12.134  5.607   0.80 9.75  ? 13  DG  B "O5'" 1 
ATOM   480 O  "O5'" B DG  B 2 3  ? -16.223 3.921   10.174  0.20 10.73 ? 13  DG  B "O5'" 1 
ATOM   481 C  "C5'" A DG  B 2 3  ? 6.931   12.363  4.229   0.80 9.56  ? 13  DG  B "C5'" 1 
ATOM   482 C  "C5'" B DG  B 2 3  ? -15.654 3.607   8.905   0.20 9.92  ? 13  DG  B "C5'" 1 
ATOM   483 C  "C4'" A DG  B 2 3  ? 8.096   11.589  3.665   0.80 8.80  ? 13  DG  B "C4'" 1 
ATOM   484 C  "C4'" B DG  B 2 3  ? -14.218 4.076   8.843   0.20 10.28 ? 13  DG  B "C4'" 1 
ATOM   485 O  "O4'" A DG  B 2 3  ? 7.940   10.166  3.905   0.80 6.01  ? 13  DG  B "O4'" 1 
ATOM   486 O  "O4'" B DG  B 2 3  ? -13.440 3.375   9.847   0.20 9.06  ? 13  DG  B "O4'" 1 
ATOM   487 C  "C3'" A DG  B 2 3  ? 8.103   11.744  2.154   0.80 8.04  ? 13  DG  B "C3'" 1 
ATOM   488 C  "C3'" B DG  B 2 3  ? -13.530 3.790   7.509   0.20 9.64  ? 13  DG  B "C3'" 1 
ATOM   489 O  "O3'" A DG  B 2 3  ? 9.435   11.646  1.670   0.80 5.52  ? 13  DG  B "O3'" 1 
ATOM   490 O  "O3'" B DG  B 2 3  ? -12.613 4.843   7.191   0.20 10.16 ? 13  DG  B "O3'" 1 
ATOM   491 C  "C2'" A DG  B 2 3  ? 7.267   10.569  1.702   0.80 5.80  ? 13  DG  B "C2'" 1 
ATOM   492 C  "C2'" B DG  B 2 3  ? -12.783 2.497   7.773   0.20 9.38  ? 13  DG  B "C2'" 1 
ATOM   493 C  "C1'" A DG  B 2 3  ? 7.741   9.507   2.661   0.80 3.55  ? 13  DG  B "C1'" 1 
ATOM   494 C  "C1'" B DG  B 2 3  ? -12.383 2.653   9.227   0.20 8.43  ? 13  DG  B "C1'" 1 
ATOM   495 N  N9    A DG  B 2 3  ? 6.809   8.410   2.873   0.80 2.23  ? 13  DG  B N9    1 
ATOM   496 N  N9    B DG  B 2 3  ? -12.216 1.390   9.943   0.20 6.29  ? 13  DG  B N9    1 
ATOM   497 C  C8    A DG  B 2 3  ? 5.446   8.467   3.030   0.80 1.00  ? 13  DG  B C8    1 
ATOM   498 C  C8    B DG  B 2 3  ? -13.162 0.410   10.134  0.20 5.87  ? 13  DG  B C8    1 
ATOM   499 N  N7    A DG  B 2 3  ? 4.908   7.296   3.239   0.80 1.00  ? 13  DG  B N7    1 
ATOM   500 N  N7    B DG  B 2 3  ? -12.716 -0.606  10.822  0.20 5.28  ? 13  DG  B N7    1 
ATOM   501 C  C5    A DG  B 2 3  ? 5.984   6.419   3.211   0.80 1.00  ? 13  DG  B C5    1 
ATOM   502 C  C5    B DG  B 2 3  ? -11.395 -0.278  11.101  0.20 5.16  ? 13  DG  B C5    1 
ATOM   503 C  C6    A DG  B 2 3  ? 6.034   5.023   3.394   0.80 1.00  ? 13  DG  B C6    1 
ATOM   504 C  C6    B DG  B 2 3  ? -10.402 -0.991  11.827  0.20 5.01  ? 13  DG  B C6    1 
ATOM   505 O  O6    A DG  B 2 3  ? 5.103   4.243   3.613   0.80 1.45  ? 13  DG  B O6    1 
ATOM   506 O  O6    B DG  B 2 3  ? -10.494 -2.086  12.394  0.20 5.00  ? 13  DG  B O6    1 
ATOM   507 N  N1    A DG  B 2 3  ? 7.337   4.544   3.300   0.80 1.00  ? 13  DG  B N1    1 
ATOM   508 N  N1    B DG  B 2 3  ? -9.199  -0.294  11.861  0.20 4.13  ? 13  DG  B N1    1 
ATOM   509 C  C2    A DG  B 2 3  ? 8.446   5.310   3.047   0.80 1.00  ? 13  DG  B C2    1 
ATOM   510 C  C2    B DG  B 2 3  ? -8.978  0.930   11.281  0.20 3.74  ? 13  DG  B C2    1 
ATOM   511 N  N2    A DG  B 2 3  ? 9.620   4.667   2.980   0.80 1.00  ? 13  DG  B N2    1 
ATOM   512 N  N2    B DG  B 2 3  ? -7.746  1.436   11.422  0.20 2.59  ? 13  DG  B N2    1 
ATOM   513 N  N3    A DG  B 2 3  ? 8.411   6.612   2.871   0.80 1.06  ? 13  DG  B N3    1 
ATOM   514 N  N3    B DG  B 2 3  ? -9.895  1.606   10.614  0.20 4.55  ? 13  DG  B N3    1 
ATOM   515 C  C4    A DG  B 2 3  ? 7.160   7.097   2.975   0.80 1.00  ? 13  DG  B C4    1 
ATOM   516 C  C4    B DG  B 2 3  ? -11.071 0.949   10.561  0.20 5.19  ? 13  DG  B C4    1 
ATOM   517 P  P     A DG  B 2 4  ? 10.153  12.955  1.096   0.80 4.97  ? 14  DG  B P     1 
ATOM   518 P  P     B DG  B 2 4  ? -12.699 5.568   5.759   0.20 9.39  ? 14  DG  B P     1 
ATOM   519 O  OP1   A DG  B 2 4  ? 10.698  13.682  2.267   0.80 4.62  ? 14  DG  B OP1   1 
ATOM   520 O  OP1   B DG  B 2 4  ? -13.431 6.848   5.922   0.20 9.11  ? 14  DG  B OP1   1 
ATOM   521 O  OP2   A DG  B 2 4  ? 9.189   13.625  0.195   0.80 5.89  ? 14  DG  B OP2   1 
ATOM   522 O  OP2   B DG  B 2 4  ? -13.188 4.565   4.778   0.20 10.26 ? 14  DG  B OP2   1 
ATOM   523 O  "O5'" A DG  B 2 4  ? 11.375  12.371  0.266   0.80 3.76  ? 14  DG  B "O5'" 1 
ATOM   524 O  "O5'" B DG  B 2 4  ? -11.185 5.902   5.404   0.20 10.39 ? 14  DG  B "O5'" 1 
ATOM   525 C  "C5'" A DG  B 2 4  ? 12.429  11.661  0.912   0.80 2.53  ? 14  DG  B "C5'" 1 
ATOM   526 C  "C5'" B DG  B 2 4  ? -10.463 6.890   6.134   0.20 11.35 ? 14  DG  B "C5'" 1 
ATOM   527 C  "C4'" A DG  B 2 4  ? 12.775  10.413  0.129   0.80 2.01  ? 14  DG  B "C4'" 1 
ATOM   528 C  "C4'" B DG  B 2 4  ? -8.985  6.587   6.085   0.20 10.89 ? 14  DG  B "C4'" 1 
ATOM   529 O  "O4'" A DG  B 2 4  ? 11.702  9.452   0.279   0.80 1.00  ? 14  DG  B "O4'" 1 
ATOM   530 O  "O4'" B DG  B 2 4  ? -8.737  5.365   6.822   0.20 10.52 ? 14  DG  B "O4'" 1 
ATOM   531 C  "C3'" A DG  B 2 4  ? 12.961  10.629  -1.376  0.80 1.00  ? 14  DG  B "C3'" 1 
ATOM   532 C  "C3'" B DG  B 2 4  ? -8.443  6.352   4.675   0.20 11.01 ? 14  DG  B "C3'" 1 
ATOM   533 O  "O3'" A DG  B 2 4  ? 14.056  9.840   -1.853  0.80 1.82  ? 14  DG  B "O3'" 1 
ATOM   534 O  "O3'" B DG  B 2 4  ? -7.134  6.915   4.538   0.20 11.79 ? 14  DG  B "O3'" 1 
ATOM   535 C  "C2'" A DG  B 2 4  ? 11.634  10.178  -1.963  0.80 1.74  ? 14  DG  B "C2'" 1 
ATOM   536 C  "C2'" B DG  B 2 4  ? -8.408  4.839   4.554   0.20 10.50 ? 14  DG  B "C2'" 1 
ATOM   537 C  "C1'" A DG  B 2 4  ? 11.179  9.101   -0.988  0.80 4.25  ? 14  DG  B "C1'" 1 
ATOM   538 C  "C1'" B DG  B 2 4  ? -8.144  4.386   5.980   0.20 10.39 ? 14  DG  B "C1'" 1 
ATOM   539 N  N9    A DG  B 2 4  ? 9.732   8.966   -0.852  0.80 4.59  ? 14  DG  B N9    1 
ATOM   540 N  N9    B DG  B 2 4  ? -8.745  3.095   6.306   0.20 9.31  ? 14  DG  B N9    1 
ATOM   541 C  C8    A DG  B 2 4  ? 8.783   9.962   -0.868  0.80 6.55  ? 14  DG  B C8    1 
ATOM   542 C  C8    B DG  B 2 4  ? -9.940  2.602   5.840   0.20 8.90  ? 14  DG  B C8    1 
ATOM   543 N  N7    A DG  B 2 4  ? 7.562   9.508   -0.735  0.80 4.50  ? 14  DG  B N7    1 
ATOM   544 N  N7    B DG  B 2 4  ? -10.218 1.412   6.298   0.20 8.20  ? 14  DG  B N7    1 
ATOM   545 C  C5    A DG  B 2 4  ? 7.721   8.136   -0.614  0.80 4.23  ? 14  DG  B C5    1 
ATOM   546 C  C5    B DG  B 2 4  ? -9.143  1.099   7.118   0.20 7.81  ? 14  DG  B C5    1 
ATOM   547 C  C6    A DG  B 2 4  ? 6.757   7.111   -0.433  0.80 4.09  ? 14  DG  B C6    1 
ATOM   548 C  C6    B DG  B 2 4  ? -8.883  -0.064  7.888   0.20 7.33  ? 14  DG  B C6    1 
ATOM   549 O  O6    A DG  B 2 4  ? 5.525   7.223   -0.308  0.80 2.99  ? 14  DG  B O6    1 
ATOM   550 O  O6    B DG  B 2 4  ? -9.572  -1.085  8.001   0.20 6.22  ? 14  DG  B O6    1 
ATOM   551 N  N1    A DG  B 2 4  ? 7.354   5.853   -0.386  0.80 3.36  ? 14  DG  B N1    1 
ATOM   552 N  N1    B DG  B 2 4  ? -7.677  0.037   8.575   0.20 7.39  ? 14  DG  B N1    1 
ATOM   553 C  C2    A DG  B 2 4  ? 8.706   5.614   -0.488  0.80 4.84  ? 14  DG  B C2    1 
ATOM   554 C  C2    B DG  B 2 4  ? -6.830  1.115   8.528   0.20 8.04  ? 14  DG  B C2    1 
ATOM   555 N  N2    A DG  B 2 4  ? 9.094   4.334   -0.440  0.80 7.56  ? 14  DG  B N2    1 
ATOM   556 N  N2    B DG  B 2 4  ? -5.717  1.023   9.270   0.20 7.14  ? 14  DG  B N2    1 
ATOM   557 N  N3    A DG  B 2 4  ? 9.612   6.563   -0.633  0.80 5.24  ? 14  DG  B N3    1 
ATOM   558 N  N3    B DG  B 2 4  ? -7.058  2.204   7.808   0.20 8.56  ? 14  DG  B N3    1 
ATOM   559 C  C4    A DG  B 2 4  ? 9.055   7.788   -0.690  0.80 3.77  ? 14  DG  B C4    1 
ATOM   560 C  C4    B DG  B 2 4  ? -8.224  2.128   7.135   0.20 8.92  ? 14  DG  B C4    1 
ATOM   561 P  P     A DT  B 2 5  ? 14.434  9.856   -3.416  0.80 6.16  ? 15  DT  B P     1 
ATOM   562 P  P     B DT  B 2 5  ? -6.246  6.565   3.245   0.20 11.15 ? 15  DT  B P     1 
ATOM   563 O  OP1   A DT  B 2 5  ? 15.912  9.835   -3.505  0.80 4.52  ? 15  DT  B OP1   1 
ATOM   564 O  OP1   B DT  B 2 5  ? -5.234  7.637   3.071   0.20 12.19 ? 15  DT  B OP1   1 
ATOM   565 O  OP2   A DT  B 2 5  ? 13.673  10.945  -4.059  0.80 6.60  ? 15  DT  B OP2   1 
ATOM   566 O  OP2   B DT  B 2 5  ? -7.166  6.240   2.126   0.20 12.31 ? 15  DT  B OP2   1 
ATOM   567 O  "O5'" A DT  B 2 5  ? 13.843  8.476   -3.946  0.80 4.06  ? 15  DT  B "O5'" 1 
ATOM   568 O  "O5'" B DT  B 2 5  ? -5.495  5.228   3.671   0.20 11.40 ? 15  DT  B "O5'" 1 
ATOM   569 C  "C5'" A DT  B 2 5  ? 14.121  7.259   -3.261  0.80 6.66  ? 15  DT  B "C5'" 1 
ATOM   570 C  "C5'" B DT  B 2 5  ? -4.650  5.208   4.820   0.20 9.54  ? 15  DT  B "C5'" 1 
ATOM   571 C  "C4'" A DT  B 2 5  ? 13.329  6.123   -3.868  0.80 7.63  ? 15  DT  B "C4'" 1 
ATOM   572 C  "C4'" B DT  B 2 5  ? -3.842  3.932   4.858   0.20 8.13  ? 15  DT  B "C4'" 1 
ATOM   573 O  "O4'" A DT  B 2 5  ? 11.945  6.152   -3.429  0.80 5.34  ? 15  DT  B "O4'" 1 
ATOM   574 O  "O4'" B DT  B 2 5  ? -4.667  2.823   5.289   0.20 7.11  ? 15  DT  B "O4'" 1 
ATOM   575 C  "C3'" A DT  B 2 5  ? 13.291  6.123   -5.400  0.80 9.16  ? 15  DT  B "C3'" 1 
ATOM   576 C  "C3'" B DT  B 2 5  ? -3.236  3.518   3.516   0.20 8.32  ? 15  DT  B "C3'" 1 
ATOM   577 O  "O3'" A DT  B 2 5  ? 13.378  4.780   -5.865  0.80 12.70 ? 15  DT  B "O3'" 1 
ATOM   578 O  "O3'" B DT  B 2 5  ? -1.909  3.026   3.707   0.20 6.85  ? 15  DT  B "O3'" 1 
ATOM   579 C  "C2'" A DT  B 2 5  ? 11.897  6.638   -5.709  0.80 6.98  ? 15  DT  B "C2'" 1 
ATOM   580 C  "C2'" B DT  B 2 5  ? -4.139  2.389   3.055   0.20 7.22  ? 15  DT  B "C2'" 1 
ATOM   581 C  "C1'" A DT  B 2 5  ? 11.126  5.985   -4.577  0.80 7.59  ? 15  DT  B "C1'" 1 
ATOM   582 C  "C1'" B DT  B 2 5  ? -4.524  1.747   4.376   0.20 6.76  ? 15  DT  B "C1'" 1 
ATOM   583 N  N1    A DT  B 2 5  ? 9.769   6.514   -4.304  0.80 4.97  ? 15  DT  B N1    1 
ATOM   584 N  N1    B DT  B 2 5  ? -5.789  0.987   4.359   0.20 4.78  ? 15  DT  B N1    1 
ATOM   585 C  C2    A DT  B 2 5  ? 8.780   5.600   -3.985  0.80 5.38  ? 15  DT  B C2    1 
ATOM   586 C  C2    B DT  B 2 5  ? -5.846  -0.187  5.080   0.20 4.79  ? 15  DT  B C2    1 
ATOM   587 O  O2    A DT  B 2 5  ? 8.988   4.403   -3.862  0.80 5.00  ? 15  DT  B O2    1 
ATOM   588 O  O2    B DT  B 2 5  ? -4.907  -0.619  5.729   0.20 2.91  ? 15  DT  B O2    1 
ATOM   589 N  N3    A DT  B 2 5  ? 7.535   6.141   -3.815  0.80 3.85  ? 15  DT  B N3    1 
ATOM   590 N  N3    B DT  B 2 5  ? -7.051  -0.841  5.013   0.20 3.96  ? 15  DT  B N3    1 
ATOM   591 C  C4    A DT  B 2 5  ? 7.177   7.467   -3.935  0.80 3.44  ? 15  DT  B C4    1 
ATOM   592 C  C4    B DT  B 2 5  ? -8.177  -0.449  4.314   0.20 4.35  ? 15  DT  B C4    1 
ATOM   593 O  O4    A DT  B 2 5  ? 6.001   7.796   -3.809  0.80 3.56  ? 15  DT  B O4    1 
ATOM   594 O  O4    B DT  B 2 5  ? -9.189  -1.143  4.348   0.20 4.13  ? 15  DT  B O4    1 
ATOM   595 C  C5    A DT  B 2 5  ? 8.264   8.376   -4.232  0.80 4.63  ? 15  DT  B C5    1 
ATOM   596 C  C5    B DT  B 2 5  ? -8.047  0.789   3.582   0.20 4.39  ? 15  DT  B C5    1 
ATOM   597 C  C7    A DT  B 2 5  ? 7.976   9.841   -4.346  0.80 3.26  ? 15  DT  B C7    1 
ATOM   598 C  C7    B DT  B 2 5  ? -9.217  1.292   2.796   0.20 5.09  ? 15  DT  B C7    1 
ATOM   599 C  C6    A DT  B 2 5  ? 9.490   7.860   -4.396  0.80 4.45  ? 15  DT  B C6    1 
ATOM   600 C  C6    B DT  B 2 5  ? -6.876  1.438   3.642   0.20 5.15  ? 15  DT  B C6    1 
ATOM   601 P  P     A DA  B 2 6  ? 14.564  4.345   -6.857  0.80 14.68 ? 16  DA  B P     1 
ATOM   602 P  P     B DA  B 2 6  ? -0.889  2.995   2.470   0.20 6.99  ? 16  DA  B P     1 
ATOM   603 O  OP1   A DA  B 2 6  ? 15.797  4.174   -6.051  0.80 12.14 ? 16  DA  B OP1   1 
ATOM   604 O  OP1   B DA  B 2 6  ? 0.154   4.024   2.723   0.20 6.52  ? 16  DA  B OP1   1 
ATOM   605 O  OP2   A DA  B 2 6  ? 14.566  5.241   -8.036  0.80 11.95 ? 16  DA  B OP2   1 
ATOM   606 O  OP2   B DA  B 2 6  ? -1.688  3.050   1.219   0.20 6.44  ? 16  DA  B OP2   1 
ATOM   607 O  "O5'" A DA  B 2 6  ? 14.099  2.909   -7.334  0.80 11.81 ? 16  DA  B "O5'" 1 
ATOM   608 O  "O5'" B DA  B 2 6  ? -0.215  1.558   2.579   0.20 6.72  ? 16  DA  B "O5'" 1 
ATOM   609 C  "C5'" A DA  B 2 6  ? 13.991  1.851   -6.401  0.80 11.04 ? 16  DA  B "C5'" 1 
ATOM   610 C  "C5'" B DA  B 2 6  ? 0.371   1.122   3.802   0.20 5.68  ? 16  DA  B "C5'" 1 
ATOM   611 C  "C4'" A DA  B 2 6  ? 12.899  0.913   -6.837  0.80 9.76  ? 16  DA  B "C4'" 1 
ATOM   612 C  "C4'" B DA  B 2 6  ? 0.427   -0.387  3.843   0.20 5.68  ? 16  DA  B "C4'" 1 
ATOM   613 O  "O4'" A DA  B 2 6  ? 11.613  1.534   -6.618  0.80 6.64  ? 16  DA  B "O4'" 1 
ATOM   614 O  "O4'" B DA  B 2 6  ? -0.919  -0.916  3.857   0.20 5.58  ? 16  DA  B "O4'" 1 
ATOM   615 C  "C3'" A DA  B 2 6  ? 12.967  0.583   -8.322  0.80 8.33  ? 16  DA  B "C3'" 1 
ATOM   616 C  "C3'" B DA  B 2 6  ? 1.123   -1.042  2.650   0.20 6.56  ? 16  DA  B "C3'" 1 
ATOM   617 O  "O3'" A DA  B 2 6  ? 12.660  -0.793  -8.479  0.80 11.75 ? 16  DA  B "O3'" 1 
ATOM   618 O  "O3'" B DA  B 2 6  ? 1.813   -2.217  3.087   0.20 8.60  ? 16  DA  B "O3'" 1 
ATOM   619 C  "C2'" A DA  B 2 6  ? 11.924  1.501   -8.945  0.80 7.09  ? 16  DA  B "C2'" 1 
ATOM   620 C  "C2'" B DA  B 2 6  ? -0.035  -1.434  1.751   0.20 5.99  ? 16  DA  B "C2'" 1 
ATOM   621 C  "C1'" A DA  B 2 6  ? 10.893  1.642   -7.834  0.80 5.32  ? 16  DA  B "C1'" 1 
ATOM   622 C  "C1'" B DA  B 2 6  ? -1.096  -1.809  2.770   0.20 4.98  ? 16  DA  B "C1'" 1 
ATOM   623 N  N9    A DA  B 2 6  ? 10.160  2.910   -7.787  0.80 4.06  ? 16  DA  B N9    1 
ATOM   624 N  N9    B DA  B 2 6  ? -2.475  -1.673  2.307   0.20 3.53  ? 16  DA  B N9    1 
ATOM   625 C  C8    A DA  B 2 6  ? 10.635  4.175   -8.028  0.80 2.04  ? 16  DA  B C8    1 
ATOM   626 C  C8    B DA  B 2 6  ? -3.009  -0.714  1.483   0.20 2.93  ? 16  DA  B C8    1 
ATOM   627 N  N7    A DA  B 2 6  ? 9.745   5.120   -7.844  0.80 1.56  ? 16  DA  B N7    1 
ATOM   628 N  N7    B DA  B 2 6  ? -4.292  -0.858  1.267   0.20 2.58  ? 16  DA  B N7    1 
ATOM   629 C  C5    A DA  B 2 6  ? 8.600   4.431   -7.468  0.80 3.04  ? 16  DA  B C5    1 
ATOM   630 C  C5    B DA  B 2 6  ? -4.627  -1.994  1.994   0.20 2.97  ? 16  DA  B C5    1 
ATOM   631 C  C6    A DA  B 2 6  ? 7.302   4.862   -7.113  0.80 2.28  ? 16  DA  B C6    1 
ATOM   632 C  C6    B DA  B 2 6  ? -5.840  -2.677  2.175   0.20 2.58  ? 16  DA  B C6    1 
ATOM   633 N  N6    A DA  B 2 6  ? 6.923   6.140   -7.095  0.80 5.12  ? 16  DA  B N6    1 
ATOM   634 N  N6    B DA  B 2 6  ? -6.988  -2.308  1.607   0.20 2.21  ? 16  DA  B N6    1 
ATOM   635 N  N1    A DA  B 2 6  ? 6.400   3.918   -6.778  0.80 2.88  ? 16  DA  B N1    1 
ATOM   636 N  N1    B DA  B 2 6  ? -5.831  -3.772  2.965   0.20 2.89  ? 16  DA  B N1    1 
ATOM   637 C  C2    A DA  B 2 6  ? 6.775   2.631   -6.809  0.80 1.00  ? 16  DA  B C2    1 
ATOM   638 C  C2    B DA  B 2 6  ? -4.676  -4.150  3.524   0.20 2.93  ? 16  DA  B C2    1 
ATOM   639 N  N3    A DA  B 2 6  ? 7.955   2.104   -7.124  0.80 3.31  ? 16  DA  B N3    1 
ATOM   640 N  N3    B DA  B 2 6  ? -3.471  -3.594  3.423   0.20 3.28  ? 16  DA  B N3    1 
ATOM   641 C  C4    A DA  B 2 6  ? 8.837   3.068   -7.444  0.80 2.86  ? 16  DA  B C4    1 
ATOM   642 C  C4    B DA  B 2 6  ? -3.516  -2.506  2.637   0.20 3.23  ? 16  DA  B C4    1 
ATOM   643 P  P     A DT  B 2 7  ? 12.591  -1.430  -9.943  0.80 10.93 ? 17  DT  B P     1 
ATOM   644 P  P     B DT  B 2 7  ? 3.406   -2.178  3.291   0.20 9.65  ? 17  DT  B P     1 
ATOM   645 O  OP1   A DT  B 2 7  ? 13.215  -2.769  -9.854  0.80 14.24 ? 17  DT  B OP1   1 
ATOM   646 O  OP1   B DT  B 2 7  ? 3.854   -3.551  3.640   0.20 9.89  ? 17  DT  B OP1   1 
ATOM   647 O  OP2   A DT  B 2 7  ? 13.091  -0.444  -10.931 0.80 11.55 ? 17  DT  B OP2   1 
ATOM   648 O  OP2   B DT  B 2 7  ? 3.707   -1.053  4.212   0.20 9.79  ? 17  DT  B OP2   1 
ATOM   649 O  "O5'" A DT  B 2 7  ? 11.026  -1.615  -10.134 0.80 11.01 ? 17  DT  B "O5'" 1 
ATOM   650 O  "O5'" B DT  B 2 7  ? 3.977   -1.815  1.849   0.20 9.32  ? 17  DT  B "O5'" 1 
ATOM   651 C  "C5'" A DT  B 2 7  ? 10.208  -1.973  -9.025  0.80 12.73 ? 17  DT  B "C5'" 1 
ATOM   652 C  "C5'" B DT  B 2 7  ? 3.897   -2.748  0.772   0.20 8.17  ? 17  DT  B "C5'" 1 
ATOM   653 C  "C4'" A DT  B 2 7  ? 8.748   -1.888  -9.393  0.80 9.99  ? 17  DT  B "C4'" 1 
ATOM   654 C  "C4'" B DT  B 2 7  ? 5.115   -2.628  -0.113  0.20 7.66  ? 17  DT  B "C4'" 1 
ATOM   655 O  "O4'" A DT  B 2 7  ? 8.231   -0.540  -9.260  0.80 10.20 ? 17  DT  B "O4'" 1 
ATOM   656 O  "O4'" B DT  B 2 7  ? 5.092   -1.352  -0.792  0.20 6.86  ? 17  DT  B "O4'" 1 
ATOM   657 C  "C3'" A DT  B 2 7  ? 8.432   -2.335  -10.817 0.80 13.51 ? 17  DT  B "C3'" 1 
ATOM   658 C  "C3'" B DT  B 2 7  ? 6.438   -2.681  0.648   0.20 6.36  ? 17  DT  B "C3'" 1 
ATOM   659 O  "O3'" A DT  B 2 7  ? 7.345   -3.247  -10.776 0.80 15.05 ? 17  DT  B "O3'" 1 
ATOM   660 O  "O3'" B DT  B 2 7  ? 7.428   -3.386  -0.105  0.20 5.36  ? 17  DT  B "O3'" 1 
ATOM   661 C  "C2'" A DT  B 2 7  ? 8.046   -1.045  -11.528 0.80 9.79  ? 17  DT  B "C2'" 1 
ATOM   662 C  "C2'" B DT  B 2 7  ? 6.801   -1.219  0.831   0.20 6.50  ? 17  DT  B "C2'" 1 
ATOM   663 C  "C1'" A DT  B 2 7  ? 7.453   -0.218  -10.398 0.80 9.09  ? 17  DT  B "C1'" 1 
ATOM   664 C  "C1'" B DT  B 2 7  ? 6.184   -0.540  -0.384  0.20 6.07  ? 17  DT  B "C1'" 1 
ATOM   665 N  N1    A DT  B 2 7  ? 7.496   1.247   -10.580 0.80 9.06  ? 17  DT  B N1    1 
ATOM   666 N  N1    B DT  B 2 7  ? 5.645   0.800   -0.089  0.20 4.37  ? 17  DT  B N1    1 
ATOM   667 C  C2    A DT  B 2 7  ? 6.373   1.969   -10.229 0.80 5.50  ? 17  DT  B C2    1 
ATOM   668 C  C2    B DT  B 2 7  ? 6.401   1.904   -0.409  0.20 3.83  ? 17  DT  B C2    1 
ATOM   669 O  O2    A DT  B 2 7  ? 5.363   1.458   -9.782  0.80 8.49  ? 17  DT  B O2    1 
ATOM   670 O  O2    B DT  B 2 7  ? 7.499   1.832   -0.935  0.20 4.70  ? 17  DT  B O2    1 
ATOM   671 N  N3    A DT  B 2 7  ? 6.478   3.318   -10.420 0.80 7.48  ? 17  DT  B N3    1 
ATOM   672 N  N3    B DT  B 2 7  ? 5.820   3.107   -0.089  0.20 3.57  ? 17  DT  B N3    1 
ATOM   673 C  C4    A DT  B 2 7  ? 7.559   4.012   -10.920 0.80 8.86  ? 17  DT  B C4    1 
ATOM   674 C  C4    B DT  B 2 7  ? 4.586   3.308   0.500   0.20 2.88  ? 17  DT  B C4    1 
ATOM   675 O  O4    A DT  B 2 7  ? 7.489   5.233   -11.051 0.80 9.45  ? 17  DT  B O4    1 
ATOM   676 O  O4    B DT  B 2 7  ? 4.193   4.449   0.730   0.20 2.24  ? 17  DT  B O4    1 
ATOM   677 C  C5    A DT  B 2 7  ? 8.708   3.196   -11.265 0.80 9.36  ? 17  DT  B C5    1 
ATOM   678 C  C5    B DT  B 2 7  ? 3.846   2.106   0.802   0.20 3.25  ? 17  DT  B C5    1 
ATOM   679 C  C7    A DT  B 2 7  ? 9.931   3.861   -11.813 0.80 11.18 ? 17  DT  B C7    1 
ATOM   680 C  C7    B DT  B 2 7  ? 2.495   2.225   1.434   0.20 2.39  ? 17  DT  B C7    1 
ATOM   681 C  C6    A DT  B 2 7  ? 8.619   1.874   -11.079 0.80 5.41  ? 17  DT  B C6    1 
ATOM   682 C  C6    B DT  B 2 7  ? 4.405   0.930   0.498   0.20 3.32  ? 17  DT  B C6    1 
ATOM   683 P  P     A DC  B 2 8  ? 7.033   -4.163  -12.052 0.80 20.16 ? 18  DC  B P     1 
ATOM   684 P  P     B DC  B 2 8  ? 8.419   -4.402  0.650   0.20 5.14  ? 18  DC  B P     1 
ATOM   685 O  OP1   A DC  B 2 8  ? 6.512   -5.452  -11.535 0.80 18.62 ? 18  DC  B OP1   1 
ATOM   686 O  OP1   B DC  B 2 8  ? 9.266   -5.080  -0.366  0.20 5.54  ? 18  DC  B OP1   1 
ATOM   687 O  OP2   A DC  B 2 8  ? 8.204   -4.152  -12.963 0.80 17.92 ? 18  DC  B OP2   1 
ATOM   688 O  OP2   B DC  B 2 8  ? 7.599   -5.215  1.586   0.20 3.90  ? 18  DC  B OP2   1 
ATOM   689 O  "O5'" A DC  B 2 8  ? 5.837   -3.382  -12.744 0.80 18.33 ? 18  DC  B "O5'" 1 
ATOM   690 O  "O5'" B DC  B 2 8  ? 9.359   -3.446  1.505   0.20 5.23  ? 18  DC  B "O5'" 1 
ATOM   691 C  "C5'" A DC  B 2 8  ? 4.665   -3.070  -12.004 0.80 19.73 ? 18  DC  B "C5'" 1 
ATOM   692 C  "C5'" B DC  B 2 8  ? 10.489  -2.820  0.905   0.20 6.38  ? 18  DC  B "C5'" 1 
ATOM   693 C  "C4'" A DC  B 2 8  ? 3.680   -2.352  -12.890 0.80 19.93 ? 18  DC  B "C4'" 1 
ATOM   694 C  "C4'" B DC  B 2 8  ? 11.184  -1.929  1.907   0.20 6.36  ? 18  DC  B "C4'" 1 
ATOM   695 O  "O4'" A DC  B 2 8  ? 4.066   -0.970  -13.042 0.80 20.17 ? 18  DC  B "O4'" 1 
ATOM   696 O  "O4'" B DC  B 2 8  ? 10.366  -0.768  2.177   0.20 5.49  ? 18  DC  B "O4'" 1 
ATOM   697 C  "C3'" A DC  B 2 8  ? 3.617   -2.938  -14.296 0.80 21.45 ? 18  DC  B "C3'" 1 
ATOM   698 C  "C3'" B DC  B 2 8  ? 11.449  -2.593  3.259   0.20 7.44  ? 18  DC  B "C3'" 1 
ATOM   699 O  "O3'" A DC  B 2 8  ? 2.267   -2.998  -14.726 0.80 24.08 ? 18  DC  B "O3'" 1 
ATOM   700 O  "O3'" B DC  B 2 8  ? 12.727  -2.191  3.757   0.20 9.74  ? 18  DC  B "O3'" 1 
ATOM   701 C  "C2'" A DC  B 2 8  ? 4.427   -1.963  -15.131 0.80 20.99 ? 18  DC  B "C2'" 1 
ATOM   702 C  "C2'" B DC  B 2 8  ? 10.341  -2.043  4.141   0.20 6.73  ? 18  DC  B "C2'" 1 
ATOM   703 C  "C1'" A DC  B 2 8  ? 4.182   -0.648  -14.418 0.80 19.13 ? 18  DC  B "C1'" 1 
ATOM   704 C  "C1'" B DC  B 2 8  ? 10.146  -0.648  3.572   0.20 6.09  ? 18  DC  B "C1'" 1 
ATOM   705 N  N1    A DC  B 2 8  ? 5.253   0.352   -14.548 0.80 17.04 ? 18  DC  B N1    1 
ATOM   706 N  N1    B DC  B 2 8  ? 8.808   -0.069  3.767   0.20 5.53  ? 18  DC  B N1    1 
ATOM   707 C  C2    A DC  B 2 8  ? 5.006   1.641   -14.081 0.80 15.48 ? 18  DC  B C2    1 
ATOM   708 C  C2    B DC  B 2 8  ? 8.652   1.313   3.630   0.20 4.51  ? 18  DC  B C2    1 
ATOM   709 O  O2    A DC  B 2 8  ? 3.897   1.892   -13.595 0.80 15.69 ? 18  DC  B O2    1 
ATOM   710 O  O2    B DC  B 2 8  ? 9.646   2.004   3.358   0.20 3.06  ? 18  DC  B O2    1 
ATOM   711 N  N3    A DC  B 2 8  ? 5.979   2.577   -14.168 0.80 14.23 ? 18  DC  B N3    1 
ATOM   712 N  N3    B DC  B 2 8  ? 7.425   1.859   3.799   0.20 4.48  ? 18  DC  B N3    1 
ATOM   713 C  C4    A DC  B 2 8  ? 7.162   2.260   -14.698 0.80 14.15 ? 18  DC  B C4    1 
ATOM   714 C  C4    B DC  B 2 8  ? 6.384   1.079   4.093   0.20 4.74  ? 18  DC  B C4    1 
ATOM   715 N  N4    A DC  B 2 8  ? 8.097   3.214   -14.754 0.80 13.32 ? 18  DC  B N4    1 
ATOM   716 N  N4    B DC  B 2 8  ? 5.192   1.658   4.252   0.20 5.08  ? 18  DC  B N4    1 
ATOM   717 C  C5    A DC  B 2 8  ? 7.440   0.951   -15.193 0.80 15.45 ? 18  DC  B C5    1 
ATOM   718 C  C5    B DC  B 2 8  ? 6.517   -0.331  4.239   0.20 4.95  ? 18  DC  B C5    1 
ATOM   719 C  C6    A DC  B 2 8  ? 6.464   0.036   -15.099 0.80 15.16 ? 18  DC  B C6    1 
ATOM   720 C  C6    B DC  B 2 8  ? 7.735   -0.858  4.070   0.20 4.89  ? 18  DC  B C6    1 
ATOM   721 P  P     A DG  B 2 9  ? 1.508   -4.407  -14.712 0.80 26.40 ? 19  DG  B P     1 
ATOM   722 P  P     B DG  B 2 9  ? 13.914  -3.268  3.859   0.20 10.42 ? 19  DG  B P     1 
ATOM   723 O  OP1   A DG  B 2 9  ? 1.532   -4.947  -13.328 0.80 26.89 ? 19  DG  B OP1   1 
ATOM   724 O  OP1   B DG  B 2 9  ? 14.113  -3.843  2.503   0.20 10.63 ? 19  DG  B OP1   1 
ATOM   725 O  OP2   A DG  B 2 9  ? 2.091   -5.199  -15.823 0.80 26.81 ? 19  DG  B OP2   1 
ATOM   726 O  OP2   B DG  B 2 9  ? 13.629  -4.170  5.004   0.20 11.93 ? 19  DG  B OP2   1 
ATOM   727 O  "O5'" A DG  B 2 9  ? 0.009   -4.029  -15.072 0.80 26.59 ? 19  DG  B "O5'" 1 
ATOM   728 O  "O5'" B DG  B 2 9  ? 15.193  -2.392  4.218   0.20 12.06 ? 19  DG  B "O5'" 1 
ATOM   729 C  "C5'" A DG  B 2 9  ? -0.697  -3.058  -14.312 0.80 26.93 ? 19  DG  B "C5'" 1 
ATOM   730 C  "C5'" B DG  B 2 9  ? 15.703  -1.430  3.297   0.20 13.54 ? 19  DG  B "C5'" 1 
ATOM   731 C  "C4'" A DG  B 2 9  ? -1.142  -1.935  -15.217 0.80 27.68 ? 19  DG  B "C4'" 1 
ATOM   732 C  "C4'" B DG  B 2 9  ? 15.901  -0.105  3.993   0.20 13.80 ? 19  DG  B "C4'" 1 
ATOM   733 O  "O4'" A DG  B 2 9  ? -0.033  -1.057  -15.527 0.80 26.22 ? 19  DG  B "O4'" 1 
ATOM   734 O  "O4'" B DG  B 2 9  ? 14.615  0.432   4.377   0.20 13.65 ? 19  DG  B "O4'" 1 
ATOM   735 C  "C3'" A DG  B 2 9  ? -1.681  -2.420  -16.563 0.80 27.77 ? 19  DG  B "C3'" 1 
ATOM   736 C  "C3'" B DG  B 2 9  ? 16.715  -0.193  5.282   0.20 14.60 ? 19  DG  B "C3'" 1 
ATOM   737 O  "O3'" A DG  B 2 9  ? -2.743  -1.564  -16.962 0.80 29.13 ? 19  DG  B "O3'" 1 
ATOM   738 O  "O3'" B DG  B 2 9  ? 17.464  1.009   5.457   0.20 15.49 ? 19  DG  B "O3'" 1 
ATOM   739 C  "C2'" A DG  B 2 9  ? -0.501  -2.219  -17.495 0.80 26.91 ? 19  DG  B "C2'" 1 
ATOM   740 C  "C2'" B DG  B 2 9  ? 15.648  -0.304  6.354   0.20 13.75 ? 19  DG  B "C2'" 1 
ATOM   741 C  "C1'" A DG  B 2 9  ? 0.082   -0.937  -16.934 0.80 25.30 ? 19  DG  B "C1'" 1 
ATOM   742 C  "C1'" B DG  B 2 9  ? 14.547  0.576   5.790   0.20 12.59 ? 19  DG  B "C1'" 1 
ATOM   743 N  N9    A DG  B 2 9  ? 1.480   -0.664  -17.255 0.80 23.09 ? 19  DG  B N9    1 
ATOM   744 N  N9    B DG  B 2 9  ? 13.196  0.214   6.206   0.20 12.13 ? 19  DG  B N9    1 
ATOM   745 C  C8    A DG  B 2 9  ? 2.427   -1.545  -17.720 0.80 22.50 ? 19  DG  B C8    1 
ATOM   746 C  C8    B DG  B 2 9  ? 12.739  -1.025  6.591   0.20 11.45 ? 19  DG  B C8    1 
ATOM   747 N  N7    A DG  B 2 9  ? 3.592   -0.987  -17.918 0.80 22.10 ? 19  DG  B N7    1 
ATOM   748 N  N7    B DG  B 2 9  ? 11.467  -1.032  6.879   0.20 10.86 ? 19  DG  B N7    1 
ATOM   749 C  C5    A DG  B 2 9  ? 3.402   0.340   -17.553 0.80 20.63 ? 19  DG  B C5    1 
ATOM   750 C  C5    B DG  B 2 9  ? 11.062  0.281   6.679   0.20 10.11 ? 19  DG  B C5    1 
ATOM   751 C  C6    A DG  B 2 9  ? 4.309   1.430   -17.545 0.80 17.75 ? 19  DG  B C6    1 
ATOM   752 C  C6    B DG  B 2 9  ? 9.787   0.882   6.824   0.20 9.99  ? 19  DG  B C6    1 
ATOM   753 O  O6    A DG  B 2 9  ? 5.503   1.436   -17.850 0.80 18.32 ? 19  DG  B O6    1 
ATOM   754 O  O6    B DG  B 2 9  ? 8.722   0.356   7.167   0.20 10.08 ? 19  DG  B O6    1 
ATOM   755 N  N1    A DG  B 2 9  ? 3.694   2.604   -17.119 0.80 15.29 ? 19  DG  B N1    1 
ATOM   756 N  N1    B DG  B 2 9  ? 9.825   2.238   6.521   0.20 9.83  ? 19  DG  B N1    1 
ATOM   757 C  C2    A DG  B 2 9  ? 2.378   2.712   -16.736 0.80 14.85 ? 19  DG  B C2    1 
ATOM   758 C  C2    B DG  B 2 9  ? 10.944  2.930   6.127   0.20 9.58  ? 19  DG  B C2    1 
ATOM   759 N  N2    A DG  B 2 9  ? 1.965   3.926   -16.347 0.80 10.36 ? 19  DG  B N2    1 
ATOM   760 N  N2    B DG  B 2 9  ? 10.781  4.236   5.886   0.20 10.22 ? 19  DG  B N2    1 
ATOM   761 N  N3    A DG  B 2 9  ? 1.528   1.701   -16.732 0.80 17.29 ? 19  DG  B N3    1 
ATOM   762 N  N3    B DG  B 2 9  ? 12.135  2.380   5.982   0.20 9.99  ? 19  DG  B N3    1 
ATOM   763 C  C4    A DG  B 2 9  ? 2.103   0.555   -17.149 0.80 20.15 ? 19  DG  B C4    1 
ATOM   764 C  C4    B DG  B 2 9  ? 12.121  1.063   6.272   0.20 10.60 ? 19  DG  B C4    1 
ATOM   765 P  P     A DG  B 2 10 ? -4.245  -2.115  -16.972 0.80 30.30 ? 20  DG  B P     1 
ATOM   766 P  P     B DG  B 2 10 ? 18.945  0.942   6.069   0.20 16.53 ? 20  DG  B P     1 
ATOM   767 O  OP1   A DG  B 2 10 ? -4.582  -2.571  -15.597 0.80 30.24 ? 20  DG  B OP1   1 
ATOM   768 O  OP1   B DG  B 2 10 ? 19.880  0.719   4.937   0.20 16.33 ? 20  DG  B OP1   1 
ATOM   769 O  OP2   A DG  B 2 10 ? -4.359  -3.062  -18.111 0.80 29.56 ? 20  DG  B OP2   1 
ATOM   770 O  OP2   B DG  B 2 10 ? 18.936  -0.006  7.213   0.20 16.50 ? 20  DG  B OP2   1 
ATOM   771 O  "O5'" A DG  B 2 10 ? -5.101  -0.807  -17.273 0.80 29.36 ? 20  DG  B "O5'" 1 
ATOM   772 O  "O5'" B DG  B 2 10 ? 19.185  2.411   6.632   0.20 16.83 ? 20  DG  B "O5'" 1 
ATOM   773 C  "C5'" A DG  B 2 10 ? -5.306  0.172   -16.255 0.80 28.33 ? 20  DG  B "C5'" 1 
ATOM   774 C  "C5'" B DG  B 2 10 ? 19.051  3.551   5.784   0.20 16.64 ? 20  DG  B "C5'" 1 
ATOM   775 C  "C4'" A DG  B 2 10 ? -5.152  1.564   -16.821 0.80 26.68 ? 20  DG  B "C4'" 1 
ATOM   776 C  "C4'" B DG  B 2 10 ? 18.521  4.727   6.570   0.20 16.39 ? 20  DG  B "C4'" 1 
ATOM   777 O  "O4'" A DG  B 2 10 ? -3.776  1.779   -17.217 0.80 26.08 ? 20  DG  B "O4'" 1 
ATOM   778 O  "O4'" B DG  B 2 10 ? 17.179  4.424   7.018   0.20 16.17 ? 20  DG  B "O4'" 1 
ATOM   779 C  "C3'" A DG  B 2 10 ? -5.991  1.858   -18.064 0.80 26.31 ? 20  DG  B "C3'" 1 
ATOM   780 C  "C3'" B DG  B 2 10 ? 19.313  5.048   7.837   0.20 16.06 ? 20  DG  B "C3'" 1 
ATOM   781 O  "O3'" A DG  B 2 10 ? -6.222  3.269   -18.109 0.80 26.27 ? 20  DG  B "O3'" 1 
ATOM   782 O  "O3'" B DG  B 2 10 ? 19.109  6.414   8.201   0.20 15.91 ? 20  DG  B "O3'" 1 
ATOM   783 C  "C2'" A DG  B 2 10 ? -5.026  1.545   -19.192 0.80 25.46 ? 20  DG  B "C2'" 1 
ATOM   784 C  "C2'" B DG  B 2 10 ? 18.595  4.225   8.890   0.20 15.75 ? 20  DG  B "C2'" 1 
ATOM   785 C  "C1'" A DG  B 2 10 ? -3.713  2.050   -18.610 0.80 25.19 ? 20  DG  B "C1'" 1 
ATOM   786 C  "C1'" B DG  B 2 10 ? 17.146  4.333   8.437   0.20 15.43 ? 20  DG  B "C1'" 1 
ATOM   787 N  N9    A DG  B 2 10 ? -2.516  1.402   -19.131 0.80 24.25 ? 20  DG  B N9    1 
ATOM   788 N  N9    B DG  B 2 10 ? 16.313  3.188   8.791   0.20 14.87 ? 20  DG  B N9    1 
ATOM   789 C  C8    A DG  B 2 10 ? -2.338  0.063   -19.383 0.80 23.58 ? 20  DG  B C8    1 
ATOM   790 C  C8    B DG  B 2 10 ? 16.700  1.873   8.885   0.20 14.13 ? 20  DG  B C8    1 
ATOM   791 N  N7    A DG  B 2 10 ? -1.139  -0.221  -19.813 0.80 22.33 ? 20  DG  B N7    1 
ATOM   792 N  N7    B DG  B 2 10 ? 15.726  1.074   9.226   0.20 13.74 ? 20  DG  B N7    1 
ATOM   793 C  C5    A DG  B 2 10 ? -0.489  1.003   -19.852 0.80 21.27 ? 20  DG  B C5    1 
ATOM   794 C  C5    B DG  B 2 10 ? 14.628  1.912   9.365   0.20 13.78 ? 20  DG  B C5    1 
ATOM   795 C  C6    A DG  B 2 10 ? 0.837   1.324   -20.223 0.80 19.95 ? 20  DG  B C6    1 
ATOM   796 C  C6    B DG  B 2 10 ? 13.286  1.619   9.719   0.20 13.44 ? 20  DG  B C6    1 
ATOM   797 O  O6    A DG  B 2 10 ? 1.741   0.562   -20.584 0.80 17.74 ? 20  DG  B O6    1 
ATOM   798 O  O6    B DG  B 2 10 ? 12.781  0.522   9.993   0.20 12.09 ? 20  DG  B O6    1 
ATOM   799 N  N1    A DG  B 2 10 ? 1.075   2.692   -20.135 0.80 18.62 ? 20  DG  B N1    1 
ATOM   800 N  N1    B DG  B 2 10 ? 12.501  2.768   9.739   0.20 13.10 ? 20  DG  B N1    1 
ATOM   801 C  C2    A DG  B 2 10 ? 0.156   3.630   -19.739 0.80 18.64 ? 20  DG  B C2    1 
ATOM   802 C  C2    B DG  B 2 10 ? 12.948  4.036   9.457   0.20 13.22 ? 20  DG  B C2    1 
ATOM   803 N  N2    A DG  B 2 10 ? 0.568   4.900   -19.749 0.80 18.41 ? 20  DG  B N2    1 
ATOM   804 N  N2    B DG  B 2 10 ? 12.037  5.017   9.531   0.20 11.49 ? 20  DG  B N2    1 
ATOM   805 N  N3    A DG  B 2 10 ? -1.079  3.341   -19.369 0.80 19.67 ? 20  DG  B N3    1 
ATOM   806 N  N3    B DG  B 2 10 ? 14.195  4.322   9.125   0.20 13.32 ? 20  DG  B N3    1 
ATOM   807 C  C4    A DG  B 2 10 ? -1.331  2.019   -19.451 0.80 22.07 ? 20  DG  B C4    1 
ATOM   808 C  C4    B DG  B 2 10 ? 14.975  3.221   9.099   0.20 14.12 ? 20  DG  B C4    1 
HETATM 809 NA NA    . NA  C 3 .  ? 9.593   8.187   5.463   1.00 4.75  ? 101 NA  B NA    1 
HETATM 810 O  O     . HOH D 4 .  ? -7.047  -10.770 -11.002 1.00 9.26  ? 101 HOH A O     1 
HETATM 811 O  O     . HOH D 4 .  ? -7.784  -8.419  -13.639 1.00 23.31 ? 102 HOH A O     1 
HETATM 812 O  O     . HOH D 4 .  ? -2.580  -13.706 5.420   1.00 25.09 ? 103 HOH A O     1 
HETATM 813 O  O     . HOH D 4 .  ? -14.436 -9.443  -5.758  1.00 15.30 ? 104 HOH A O     1 
HETATM 814 O  O     . HOH D 4 .  ? -5.726  11.350  -13.002 1.00 13.34 ? 105 HOH A O     1 
HETATM 815 O  O     . HOH D 4 .  ? -16.413 -15.297 2.955   1.00 17.82 ? 106 HOH A O     1 
HETATM 816 O  O     . HOH D 4 .  ? -2.081  8.937   7.011   1.00 18.36 ? 107 HOH A O     1 
HETATM 817 O  O     . HOH D 4 .  ? -12.256 -3.591  5.675   1.00 18.26 ? 108 HOH A O     1 
HETATM 818 O  O     . HOH D 4 .  ? 0.288   11.541  -19.547 1.00 16.74 ? 109 HOH A O     1 
HETATM 819 O  O     . HOH D 4 .  ? 2.929   9.508   0.802   1.00 13.09 ? 110 HOH A O     1 
HETATM 820 O  O     . HOH D 4 .  ? -5.023  6.878   7.546   1.00 14.62 ? 111 HOH A O     1 
HETATM 821 O  O     . HOH D 4 .  ? -3.439  2.080   21.684  1.00 25.47 ? 112 HOH A O     1 
HETATM 822 O  O     . HOH D 4 .  ? -2.099  7.513   -13.523 1.00 24.88 ? 113 HOH A O     1 
HETATM 823 O  O     . HOH D 4 .  ? 4.090   -6.291  2.373   1.00 13.69 ? 114 HOH A O     1 
HETATM 824 O  O     . HOH D 4 .  ? -6.534  -17.032 0.749   1.00 19.13 ? 115 HOH A O     1 
HETATM 825 O  O     . HOH D 4 .  ? 1.965   9.787   -2.274  1.00 18.00 ? 116 HOH A O     1 
HETATM 826 O  O     . HOH D 4 .  ? 1.683   7.309   -15.486 1.00 20.30 ? 117 HOH A O     1 
HETATM 827 O  O     . HOH D 4 .  ? -1.406  -0.546  18.713  1.00 14.72 ? 118 HOH A O     1 
HETATM 828 O  O     . HOH D 4 .  ? -10.948 -8.504  -12.788 1.00 25.30 ? 119 HOH A O     1 
HETATM 829 O  O     . HOH D 4 .  ? -4.355  -18.800 1.700   1.00 17.04 ? 120 HOH A O     1 
HETATM 830 O  O     . HOH D 4 .  ? -7.999  -13.499 2.604   1.00 14.43 ? 121 HOH A O     1 
HETATM 831 O  O     . HOH D 4 .  ? -1.098  15.124  -8.019  1.00 27.32 ? 122 HOH A O     1 
HETATM 832 O  O     . HOH D 4 .  ? -9.293  -15.143 6.960   1.00 16.39 ? 123 HOH A O     1 
HETATM 833 O  O     . HOH D 4 .  ? -7.238  -17.529 7.167   1.00 13.30 ? 124 HOH A O     1 
HETATM 834 O  O     . HOH D 4 .  ? -15.120 -8.380  -8.063  1.00 19.52 ? 125 HOH A O     1 
HETATM 835 O  O     . HOH D 4 .  ? 4.640   -8.468  3.535   1.00 14.34 ? 126 HOH A O     1 
HETATM 836 O  O     . HOH D 4 .  ? -5.382  0.241   -5.141  1.00 19.41 ? 127 HOH A O     1 
HETATM 837 O  O     . HOH D 4 .  ? -10.215 -5.801  -13.800 1.00 24.06 ? 128 HOH A O     1 
HETATM 838 O  O     . HOH D 4 .  ? 2.829   8.928   19.273  1.00 26.48 ? 129 HOH A O     1 
HETATM 839 O  O     . HOH D 4 .  ? -2.928  7.362   8.977   1.00 23.90 ? 130 HOH A O     1 
HETATM 840 O  O     . HOH D 4 .  ? -4.450  -21.681 0.565   1.00 26.19 ? 131 HOH A O     1 
HETATM 841 O  O     . HOH D 4 .  ? 1.460   11.353  1.958   1.00 15.69 ? 132 HOH A O     1 
HETATM 842 O  O     . HOH D 4 .  ? -0.634  11.321  4.052   1.00 19.90 ? 133 HOH A O     1 
HETATM 843 O  O     . HOH D 4 .  ? -0.743  13.805  5.016   1.00 21.08 ? 134 HOH A O     1 
HETATM 844 O  O     . HOH D 4 .  ? -7.662  -15.204 8.780   1.00 18.46 ? 135 HOH A O     1 
HETATM 845 O  O     . HOH D 4 .  ? 1.652   6.906   22.123  1.00 23.04 ? 136 HOH A O     1 
HETATM 846 O  O     . HOH D 4 .  ? -1.734  13.627  8.109   1.00 34.36 ? 137 HOH A O     1 
HETATM 847 O  O     . HOH D 4 .  ? 5.852   13.317  -7.355  1.00 33.40 ? 138 HOH A O     1 
HETATM 848 O  O     . HOH D 4 .  ? 1.570   14.293  6.071   1.00 24.70 ? 139 HOH A O     1 
HETATM 849 O  O     . HOH D 4 .  ? -8.747  -15.512 0.681   1.00 27.12 ? 140 HOH A O     1 
HETATM 850 O  O     . HOH D 4 .  ? -7.613  -17.027 3.164   1.00 30.25 ? 141 HOH A O     1 
HETATM 851 O  O     . HOH D 4 .  ? -14.116 -9.947  -13.778 1.00 28.63 ? 142 HOH A O     1 
HETATM 852 O  O     . HOH D 4 .  ? -10.190 -15.998 9.211   1.00 32.19 ? 143 HOH A O     1 
HETATM 853 O  O     . HOH D 4 .  ? 1.677   7.612   -0.853  1.00 33.34 ? 144 HOH A O     1 
HETATM 854 O  O     . HOH D 4 .  ? 4.747   9.985   -6.785  1.00 25.30 ? 145 HOH A O     1 
HETATM 855 O  O     . HOH D 4 .  ? -0.287  11.752  7.348   1.00 33.11 ? 146 HOH A O     1 
HETATM 856 O  O     . HOH D 4 .  ? -0.549  -14.789 5.066   1.00 29.30 ? 147 HOH A O     1 
HETATM 857 O  O     . HOH D 4 .  ? -12.780 -7.254  -11.485 1.00 30.36 ? 148 HOH A O     1 
HETATM 858 O  O     . HOH D 4 .  ? -10.650 -13.863 1.017   1.00 31.06 ? 149 HOH A O     1 
HETATM 859 O  O     . HOH D 4 .  ? -6.248  1.942   -7.722  1.00 31.64 ? 150 HOH A O     1 
HETATM 860 O  O     . HOH D 4 .  ? -10.638 -17.467 7.139   1.00 33.58 ? 151 HOH A O     1 
HETATM 861 O  O     . HOH D 4 .  ? -1.468  -19.857 -3.020  1.00 31.03 ? 152 HOH A O     1 
HETATM 862 O  O     . HOH E 4 .  ? 9.100   -1.829  -18.984 1.00 24.94 ? 201 HOH B O     1 
HETATM 863 O  O     . HOH E 4 .  ? 17.867  -2.715  -2.765  1.00 28.92 ? 202 HOH B O     1 
HETATM 864 O  O     . HOH E 4 .  ? 8.277   -7.963  -12.811 1.00 29.97 ? 203 HOH B O     1 
HETATM 865 O  O     . HOH E 4 .  ? 12.229  8.462   4.754   1.00 1.00  ? 204 HOH B O     1 
HETATM 866 O  O     . HOH E 4 .  ? 17.018  7.976   7.482   1.00 16.80 ? 205 HOH B O     1 
HETATM 867 O  O     . HOH E 4 .  ? 11.905  12.774  -4.006  1.00 5.87  ? 206 HOH B O     1 
HETATM 868 O  O     . HOH E 4 .  ? -1.171  1.509   -0.588  0.50 1.00  ? 207 HOH B O     1 
HETATM 869 O  O     . HOH E 4 .  ? 10.892  7.918   2.788   1.00 1.51  ? 208 HOH B O     1 
HETATM 870 O  O     . HOH E 4 .  ? 15.741  8.238   -7.797  1.00 14.61 ? 209 HOH B O     1 
HETATM 871 O  O     . HOH E 4 .  ? 6.299   13.736  1.026   1.00 12.36 ? 210 HOH B O     1 
HETATM 872 O  O     . HOH E 4 .  ? 4.700   -7.713  -11.393 1.00 18.95 ? 211 HOH B O     1 
HETATM 873 O  O     . HOH E 4 .  ? 9.708   1.847   -2.009  1.00 9.85  ? 212 HOH B O     1 
HETATM 874 O  O     . HOH E 4 .  ? 13.620  7.730   -9.617  1.00 15.53 ? 213 HOH B O     1 
HETATM 875 O  O     . HOH E 4 .  ? 0.751   -2.539  5.589   1.00 13.59 ? 214 HOH B O     1 
HETATM 876 O  O     . HOH E 4 .  ? 14.337  8.632   6.212   1.00 8.86  ? 215 HOH B O     1 
HETATM 877 O  O     . HOH E 4 .  ? -12.261 -0.659  6.543   1.00 12.15 ? 216 HOH B O     1 
HETATM 878 O  O     . HOH E 4 .  ? -14.213 5.669   18.566  1.00 14.06 ? 217 HOH B O     1 
HETATM 879 O  O     . HOH E 4 .  ? 11.748  11.410  -9.201  1.00 15.36 ? 218 HOH B O     1 
HETATM 880 O  O     . HOH E 4 .  ? -17.041 4.933   20.719  1.00 15.56 ? 219 HOH B O     1 
HETATM 881 O  O     . HOH E 4 .  ? 16.101  11.710  -8.714  1.00 12.10 ? 220 HOH B O     1 
HETATM 882 O  O     . HOH E 4 .  ? 8.841   12.789  -5.462  1.00 22.72 ? 221 HOH B O     1 
HETATM 883 O  O     . HOH E 4 .  ? 2.370   4.850   4.639   1.00 20.35 ? 222 HOH B O     1 
HETATM 884 O  O     . HOH E 4 .  ? 6.580   13.320  -3.748  1.00 15.51 ? 223 HOH B O     1 
HETATM 885 O  O     . HOH E 4 .  ? 13.058  -6.317  3.160   1.00 23.24 ? 224 HOH B O     1 
HETATM 886 O  O     . HOH E 4 .  ? -20.205 2.422   9.228   1.00 24.76 ? 225 HOH B O     1 
HETATM 887 O  O     . HOH E 4 .  ? 15.452  -2.678  -7.665  1.00 26.03 ? 226 HOH B O     1 
HETATM 888 O  O     . HOH E 4 .  ? 16.097  8.556   3.852   1.00 18.51 ? 227 HOH B O     1 
HETATM 889 O  O     . HOH E 4 .  ? 6.289   15.601  -1.750  1.00 15.75 ? 228 HOH B O     1 
HETATM 890 O  O     . HOH E 4 .  ? -20.782 1.540   15.111  1.00 24.88 ? 229 HOH B O     1 
HETATM 891 O  O     . HOH E 4 .  ? 15.393  -2.712  -4.885  1.00 25.83 ? 230 HOH B O     1 
HETATM 892 O  O     . HOH E 4 .  ? 16.047  10.317  -6.133  1.00 13.90 ? 231 HOH B O     1 
HETATM 893 O  O     . HOH E 4 .  ? 4.035   -3.088  6.734   1.00 16.10 ? 232 HOH B O     1 
HETATM 894 O  O     . HOH E 4 .  ? 16.688  -5.917  -5.320  1.00 19.30 ? 233 HOH B O     1 
HETATM 895 O  O     . HOH E 4 .  ? -1.680  -4.106  5.206   1.00 19.37 ? 234 HOH B O     1 
HETATM 896 O  O     . HOH E 4 .  ? 0.615   -2.536  -11.365 1.00 24.76 ? 235 HOH B O     1 
HETATM 897 O  O     . HOH E 4 .  ? 2.505   -1.412  -9.358  1.00 13.17 ? 236 HOH B O     1 
HETATM 898 O  O     . HOH E 4 .  ? 10.963  -0.029  -12.608 1.00 20.38 ? 237 HOH B O     1 
HETATM 899 O  O     . HOH E 4 .  ? 9.915   7.257   8.294   1.00 9.60  ? 238 HOH B O     1 
HETATM 900 O  O     . HOH E 4 .  ? 6.278   -3.954  4.490   1.00 16.96 ? 239 HOH B O     1 
HETATM 901 O  O     . HOH E 4 .  ? 11.665  8.544   7.111   1.00 1.00  ? 240 HOH B O     1 
HETATM 902 O  O     . HOH E 4 .  ? 18.513  -4.446  -5.930  1.00 29.29 ? 241 HOH B O     1 
HETATM 903 O  O     . HOH E 4 .  ? 1.926   8.892   4.738   1.00 15.23 ? 242 HOH B O     1 
HETATM 904 O  O     . HOH E 4 .  ? 11.990  -5.452  -11.433 1.00 22.58 ? 243 HOH B O     1 
HETATM 905 O  O     . HOH E 4 .  ? 11.780  -8.331  5.237   1.00 17.11 ? 244 HOH B O     1 
HETATM 906 O  O     . HOH E 4 .  ? 7.915   -4.429  6.283   1.00 17.34 ? 245 HOH B O     1 
HETATM 907 O  O     . HOH E 4 .  ? -16.768 0.033   20.241  1.00 21.86 ? 246 HOH B O     1 
HETATM 908 O  O     . HOH E 4 .  ? 10.700  -4.271  6.845   1.00 17.79 ? 247 HOH B O     1 
HETATM 909 O  O     . HOH E 4 .  ? -18.719 3.741   14.344  1.00 20.34 ? 248 HOH B O     1 
HETATM 910 O  O     . HOH E 4 .  ? 13.492  10.142  -10.651 1.00 30.12 ? 249 HOH B O     1 
HETATM 911 O  O     . HOH E 4 .  ? 1.828   3.286   6.485   1.00 17.78 ? 250 HOH B O     1 
HETATM 912 O  O     . HOH E 4 .  ? -19.478 5.752   16.593  1.00 30.64 ? 251 HOH B O     1 
HETATM 913 O  O     . HOH E 4 .  ? 4.291   13.847  -2.334  1.00 19.62 ? 252 HOH B O     1 
HETATM 914 O  O     . HOH E 4 .  ? -17.352 0.498   12.965  1.00 31.12 ? 253 HOH B O     1 
HETATM 915 O  O     . HOH E 4 .  ? 17.935  9.990   5.155   1.00 17.99 ? 254 HOH B O     1 
HETATM 916 O  O     . HOH E 4 .  ? 20.880  10.255  3.874   1.00 22.83 ? 255 HOH B O     1 
HETATM 917 O  O     . HOH E 4 .  ? 18.015  7.719   -6.559  1.00 22.79 ? 256 HOH B O     1 
HETATM 918 O  O     . HOH E 4 .  ? -15.647 -2.173  12.336  1.00 12.59 ? 257 HOH B O     1 
HETATM 919 O  O     . HOH E 4 .  ? 9.785   -6.527  -2.422  1.00 22.04 ? 258 HOH B O     1 
HETATM 920 O  O     . HOH E 4 .  ? 11.926  0.843   -2.548  1.00 31.96 ? 259 HOH B O     1 
HETATM 921 O  O     . HOH E 4 .  ? -4.165  2.889   10.697  1.00 21.24 ? 260 HOH B O     1 
HETATM 922 O  O     . HOH E 4 .  ? -17.803 -2.348  19.101  1.00 18.83 ? 261 HOH B O     1 
HETATM 923 O  O     . HOH E 4 .  ? 19.390  12.407  1.859   1.00 20.56 ? 262 HOH B O     1 
HETATM 924 O  O     . HOH E 4 .  ? 5.312   -1.417  8.684   1.00 24.81 ? 263 HOH B O     1 
HETATM 925 O  O     . HOH E 4 .  ? 3.966   13.186  0.178   1.00 26.07 ? 264 HOH B O     1 
HETATM 926 O  O     . HOH E 4 .  ? -10.920 -2.707  20.761  1.00 24.01 ? 265 HOH B O     1 
HETATM 927 O  O     . HOH E 4 .  ? 2.619   -0.086  10.992  1.00 30.96 ? 266 HOH B O     1 
HETATM 928 O  O     . HOH E 4 .  ? -3.464  9.497   2.364   1.00 24.39 ? 267 HOH B O     1 
HETATM 929 O  O     . HOH E 4 .  ? -6.948  -3.175  -14.625 1.00 31.71 ? 268 HOH B O     1 
HETATM 930 O  O     . HOH E 4 .  ? -8.807  -3.880  -15.998 1.00 26.54 ? 269 HOH B O     1 
HETATM 931 O  O     . HOH E 4 .  ? 6.777   -1.195  -18.072 1.00 32.17 ? 270 HOH B O     1 
HETATM 932 O  O     . HOH E 4 .  ? -2.053  -1.258  -12.369 1.00 30.88 ? 271 HOH B O     1 
HETATM 933 O  O     . HOH E 4 .  ? 2.228   0.666   6.832   1.00 30.66 ? 272 HOH B O     1 
HETATM 934 O  O     . HOH E 4 .  ? 11.568  -6.802  -5.153  1.00 27.89 ? 273 HOH B O     1 
HETATM 935 O  O     . HOH E 4 .  ? -6.201  8.140   -2.029  0.50 31.55 ? 274 HOH B O     1 
HETATM 936 O  O     . HOH E 4 .  ? -4.986  -0.082  21.135  1.00 36.79 ? 275 HOH B O     1 
HETATM 937 O  O     . HOH E 4 .  ? -12.726 5.755   20.707  1.00 31.85 ? 276 HOH B O     1 
# 
loop_
_pdbx_poly_seq_scheme.asym_id 
_pdbx_poly_seq_scheme.entity_id 
_pdbx_poly_seq_scheme.seq_id 
_pdbx_poly_seq_scheme.mon_id 
_pdbx_poly_seq_scheme.ndb_seq_num 
_pdbx_poly_seq_scheme.pdb_seq_num 
_pdbx_poly_seq_scheme.auth_seq_num 
_pdbx_poly_seq_scheme.pdb_mon_id 
_pdbx_poly_seq_scheme.auth_mon_id 
_pdbx_poly_seq_scheme.pdb_strand_id 
_pdbx_poly_seq_scheme.pdb_ins_code 
_pdbx_poly_seq_scheme.hetero 
A 1 1  DC 1  1  1  DC DC A . n 
A 1 2  DC 2  2  2  DC DC A . n 
A 1 3  DG 3  3  3  DG DG A . n 
A 1 4  DA 4  4  4  DA DA A . n 
A 1 5  DT 5  5  5  DT DT A . n 
A 1 6  DA 6  6  6  DA DA A . n 
A 1 7  DC 7  7  7  DC DC A . n 
A 1 8  DC 8  8  8  DC DC A . n 
A 1 9  DG 9  9  9  DG DG A . n 
A 1 10 DG 10 10 10 DG DG A . n 
B 2 1  DC 1  11 11 DC DC B . n 
B 2 2  DC 2  12 12 DC DC B . n 
B 2 3  DG 3  13 13 DG DG B . n 
B 2 4  DG 4  14 14 DG DG B . n 
B 2 5  DT 5  15 15 DT DT B . n 
B 2 6  DA 6  16 16 DA DA B . n 
B 2 7  DT 7  17 17 DT DT B . n 
B 2 8  DC 8  18 18 DC DC B . n 
B 2 9  DG 9  19 19 DG DG B . n 
B 2 10 DG 10 20 20 DG DG B . n 
# 
loop_
_pdbx_nonpoly_scheme.asym_id 
_pdbx_nonpoly_scheme.entity_id 
_pdbx_nonpoly_scheme.mon_id 
_pdbx_nonpoly_scheme.ndb_seq_num 
_pdbx_nonpoly_scheme.pdb_seq_num 
_pdbx_nonpoly_scheme.auth_seq_num 
_pdbx_nonpoly_scheme.pdb_mon_id 
_pdbx_nonpoly_scheme.auth_mon_id 
_pdbx_nonpoly_scheme.pdb_strand_id 
_pdbx_nonpoly_scheme.pdb_ins_code 
C 3 NA  1  101 45  NA  NA  B . 
D 4 HOH 1  101 43  HOH HOH A . 
D 4 HOH 2  102 44  HOH HOH A . 
D 4 HOH 3  103 48  HOH HOH A . 
D 4 HOH 4  104 62  HOH HOH A . 
D 4 HOH 5  105 70  HOH HOH A . 
D 4 HOH 6  106 71  HOH HOH A . 
D 4 HOH 7  107 75  HOH HOH A . 
D 4 HOH 8  108 81  HOH HOH A . 
D 4 HOH 9  109 82  HOH HOH A . 
D 4 HOH 10 110 83  HOH HOH A . 
D 4 HOH 11 111 85  HOH HOH A . 
D 4 HOH 12 112 87  HOH HOH A . 
D 4 HOH 13 113 88  HOH HOH A . 
D 4 HOH 14 114 89  HOH HOH A . 
D 4 HOH 15 115 91  HOH HOH A . 
D 4 HOH 16 116 92  HOH HOH A . 
D 4 HOH 17 117 96  HOH HOH A . 
D 4 HOH 18 118 97  HOH HOH A . 
D 4 HOH 19 119 99  HOH HOH A . 
D 4 HOH 20 120 102 HOH HOH A . 
D 4 HOH 21 121 106 HOH HOH A . 
D 4 HOH 22 122 109 HOH HOH A . 
D 4 HOH 23 123 114 HOH HOH A . 
D 4 HOH 24 124 119 HOH HOH A . 
D 4 HOH 25 125 121 HOH HOH A . 
D 4 HOH 26 126 125 HOH HOH A . 
D 4 HOH 27 127 128 HOH HOH A . 
D 4 HOH 28 128 133 HOH HOH A . 
D 4 HOH 29 129 134 HOH HOH A . 
D 4 HOH 30 130 141 HOH HOH A . 
D 4 HOH 31 131 143 HOH HOH A . 
D 4 HOH 32 132 145 HOH HOH A . 
D 4 HOH 33 133 146 HOH HOH A . 
D 4 HOH 34 134 147 HOH HOH A . 
D 4 HOH 35 135 151 HOH HOH A . 
D 4 HOH 36 136 154 HOH HOH A . 
D 4 HOH 37 137 157 HOH HOH A . 
D 4 HOH 38 138 159 HOH HOH A . 
D 4 HOH 39 139 161 HOH HOH A . 
D 4 HOH 40 140 162 HOH HOH A . 
D 4 HOH 41 141 164 HOH HOH A . 
D 4 HOH 42 142 168 HOH HOH A . 
D 4 HOH 43 143 171 HOH HOH A . 
D 4 HOH 44 144 173 HOH HOH A . 
D 4 HOH 45 145 174 HOH HOH A . 
D 4 HOH 46 146 176 HOH HOH A . 
D 4 HOH 47 147 177 HOH HOH A . 
D 4 HOH 48 148 178 HOH HOH A . 
D 4 HOH 49 149 180 HOH HOH A . 
D 4 HOH 50 150 204 HOH HOH A . 
D 4 HOH 51 151 206 HOH HOH A . 
D 4 HOH 52 152 169 HOH HOH A . 
E 4 HOH 1  201 120 HOH HOH B . 
E 4 HOH 2  202 155 HOH HOH B . 
E 4 HOH 3  203 163 HOH HOH B . 
E 4 HOH 4  204 41  HOH HOH B . 
E 4 HOH 5  205 42  HOH HOH B . 
E 4 HOH 6  206 46  HOH HOH B . 
E 4 HOH 7  207 47  HOH HOH B . 
E 4 HOH 8  208 49  HOH HOH B . 
E 4 HOH 9  209 50  HOH HOH B . 
E 4 HOH 10 210 51  HOH HOH B . 
E 4 HOH 11 211 52  HOH HOH B . 
E 4 HOH 12 212 53  HOH HOH B . 
E 4 HOH 13 213 54  HOH HOH B . 
E 4 HOH 14 214 55  HOH HOH B . 
E 4 HOH 15 215 56  HOH HOH B . 
E 4 HOH 16 216 57  HOH HOH B . 
E 4 HOH 17 217 58  HOH HOH B . 
E 4 HOH 18 218 59  HOH HOH B . 
E 4 HOH 19 219 61  HOH HOH B . 
E 4 HOH 20 220 63  HOH HOH B . 
E 4 HOH 21 221 65  HOH HOH B . 
E 4 HOH 22 222 68  HOH HOH B . 
E 4 HOH 23 223 69  HOH HOH B . 
E 4 HOH 24 224 72  HOH HOH B . 
E 4 HOH 25 225 73  HOH HOH B . 
E 4 HOH 26 226 74  HOH HOH B . 
E 4 HOH 27 227 76  HOH HOH B . 
E 4 HOH 28 228 77  HOH HOH B . 
E 4 HOH 29 229 78  HOH HOH B . 
E 4 HOH 30 230 79  HOH HOH B . 
E 4 HOH 31 231 80  HOH HOH B . 
E 4 HOH 32 232 84  HOH HOH B . 
E 4 HOH 33 233 86  HOH HOH B . 
E 4 HOH 34 234 90  HOH HOH B . 
E 4 HOH 35 235 93  HOH HOH B . 
E 4 HOH 36 236 95  HOH HOH B . 
E 4 HOH 37 237 98  HOH HOH B . 
E 4 HOH 38 238 100 HOH HOH B . 
E 4 HOH 39 239 103 HOH HOH B . 
E 4 HOH 40 240 104 HOH HOH B . 
E 4 HOH 41 241 105 HOH HOH B . 
E 4 HOH 42 242 108 HOH HOH B . 
E 4 HOH 43 243 113 HOH HOH B . 
E 4 HOH 44 244 115 HOH HOH B . 
E 4 HOH 45 245 118 HOH HOH B . 
E 4 HOH 46 246 124 HOH HOH B . 
E 4 HOH 47 247 126 HOH HOH B . 
E 4 HOH 48 248 129 HOH HOH B . 
E 4 HOH 49 249 130 HOH HOH B . 
E 4 HOH 50 250 131 HOH HOH B . 
E 4 HOH 51 251 132 HOH HOH B . 
E 4 HOH 52 252 135 HOH HOH B . 
E 4 HOH 53 253 137 HOH HOH B . 
E 4 HOH 54 254 138 HOH HOH B . 
E 4 HOH 55 255 139 HOH HOH B . 
E 4 HOH 56 256 140 HOH HOH B . 
E 4 HOH 57 257 142 HOH HOH B . 
E 4 HOH 58 258 144 HOH HOH B . 
E 4 HOH 59 259 148 HOH HOH B . 
E 4 HOH 60 260 149 HOH HOH B . 
E 4 HOH 61 261 150 HOH HOH B . 
E 4 HOH 62 262 152 HOH HOH B . 
E 4 HOH 63 263 153 HOH HOH B . 
E 4 HOH 64 264 156 HOH HOH B . 
E 4 HOH 65 265 158 HOH HOH B . 
E 4 HOH 66 266 160 HOH HOH B . 
E 4 HOH 67 267 165 HOH HOH B . 
E 4 HOH 68 268 166 HOH HOH B . 
E 4 HOH 69 269 167 HOH HOH B . 
E 4 HOH 70 270 170 HOH HOH B . 
E 4 HOH 71 271 172 HOH HOH B . 
E 4 HOH 72 272 175 HOH HOH B . 
E 4 HOH 73 273 179 HOH HOH B . 
E 4 HOH 74 274 181 HOH HOH B . 
E 4 HOH 75 275 182 HOH HOH B . 
E 4 HOH 76 276 205 HOH HOH B . 
# 
_pdbx_struct_assembly.id                   1 
_pdbx_struct_assembly.details              author_and_software_defined_assembly 
_pdbx_struct_assembly.method_details       PISA 
_pdbx_struct_assembly.oligomeric_details   tetrameric 
_pdbx_struct_assembly.oligomeric_count     4 
# 
_pdbx_struct_assembly_gen.assembly_id       1 
_pdbx_struct_assembly_gen.oper_expression   1,2 
_pdbx_struct_assembly_gen.asym_id_list      A,B,C,D,E 
# 
loop_
_pdbx_struct_assembly_prop.biol_id 
_pdbx_struct_assembly_prop.type 
_pdbx_struct_assembly_prop.value 
_pdbx_struct_assembly_prop.details 
1 'ABSA (A^2)' 3050 ? 
1 MORE         -32  ? 
1 'SSA (A^2)'  6860 ? 
# 
loop_
_pdbx_struct_oper_list.id 
_pdbx_struct_oper_list.type 
_pdbx_struct_oper_list.name 
_pdbx_struct_oper_list.symmetry_operation 
_pdbx_struct_oper_list.matrix[1][1] 
_pdbx_struct_oper_list.matrix[1][2] 
_pdbx_struct_oper_list.matrix[1][3] 
_pdbx_struct_oper_list.vector[1] 
_pdbx_struct_oper_list.matrix[2][1] 
_pdbx_struct_oper_list.matrix[2][2] 
_pdbx_struct_oper_list.matrix[2][3] 
_pdbx_struct_oper_list.vector[2] 
_pdbx_struct_oper_list.matrix[3][1] 
_pdbx_struct_oper_list.matrix[3][2] 
_pdbx_struct_oper_list.matrix[3][3] 
_pdbx_struct_oper_list.vector[3] 
1 'identity operation'         1_555 x,y,z       1.0000000000  0.0000000000  0.0000000000 0.0000000000 0.0000000000  1.0000000000 0.0000000000  0.0000000000  0.0000000000 0.0000000000  1.0000000000  0.0000000000  
2 'crystal symmetry operation' 2_657 -x+1,y,-z+2 -0.2906008550 -0.9350130640 0.2032282292 0.0116712846 -0.9350130640 0.2323801574 -0.2678619655 -0.0995509272 0.2032282292 -0.2678619655 -0.9417793023 -0.4987546129 
# 
loop_
_pdbx_struct_special_symmetry.id 
_pdbx_struct_special_symmetry.PDB_model_num 
_pdbx_struct_special_symmetry.auth_asym_id 
_pdbx_struct_special_symmetry.auth_comp_id 
_pdbx_struct_special_symmetry.auth_seq_id 
_pdbx_struct_special_symmetry.PDB_ins_code 
_pdbx_struct_special_symmetry.label_asym_id 
_pdbx_struct_special_symmetry.label_comp_id 
_pdbx_struct_special_symmetry.label_seq_id 
1 1 B HOH 207 ? E HOH . 
2 1 B HOH 274 ? E HOH . 
# 
loop_
_pdbx_struct_conn_angle.id 
_pdbx_struct_conn_angle.ptnr1_label_atom_id 
_pdbx_struct_conn_angle.ptnr1_label_alt_id 
_pdbx_struct_conn_angle.ptnr1_label_asym_id 
_pdbx_struct_conn_angle.ptnr1_label_comp_id 
_pdbx_struct_conn_angle.ptnr1_label_seq_id 
_pdbx_struct_conn_angle.ptnr1_auth_atom_id 
_pdbx_struct_conn_angle.ptnr1_auth_asym_id 
_pdbx_struct_conn_angle.ptnr1_auth_comp_id 
_pdbx_struct_conn_angle.ptnr1_auth_seq_id 
_pdbx_struct_conn_angle.ptnr1_PDB_ins_code 
_pdbx_struct_conn_angle.ptnr1_symmetry 
_pdbx_struct_conn_angle.ptnr2_label_atom_id 
_pdbx_struct_conn_angle.ptnr2_label_alt_id 
_pdbx_struct_conn_angle.ptnr2_label_asym_id 
_pdbx_struct_conn_angle.ptnr2_label_comp_id 
_pdbx_struct_conn_angle.ptnr2_label_seq_id 
_pdbx_struct_conn_angle.ptnr2_auth_atom_id 
_pdbx_struct_conn_angle.ptnr2_auth_asym_id 
_pdbx_struct_conn_angle.ptnr2_auth_comp_id 
_pdbx_struct_conn_angle.ptnr2_auth_seq_id 
_pdbx_struct_conn_angle.ptnr2_PDB_ins_code 
_pdbx_struct_conn_angle.ptnr2_symmetry 
_pdbx_struct_conn_angle.ptnr3_label_atom_id 
_pdbx_struct_conn_angle.ptnr3_label_alt_id 
_pdbx_struct_conn_angle.ptnr3_label_asym_id 
_pdbx_struct_conn_angle.ptnr3_label_comp_id 
_pdbx_struct_conn_angle.ptnr3_label_seq_id 
_pdbx_struct_conn_angle.ptnr3_auth_atom_id 
_pdbx_struct_conn_angle.ptnr3_auth_asym_id 
_pdbx_struct_conn_angle.ptnr3_auth_comp_id 
_pdbx_struct_conn_angle.ptnr3_auth_seq_id 
_pdbx_struct_conn_angle.ptnr3_PDB_ins_code 
_pdbx_struct_conn_angle.ptnr3_symmetry 
_pdbx_struct_conn_angle.value 
_pdbx_struct_conn_angle.value_esd 
1  O2    A B DC  2 ? B DC  12  ? 1_555 NA ? C NA . ? B NA 101 ? 1_555 "O4'" A B DG  3 ? B DG  13  ? 1_555 121.5 ? 
2  O2    A B DC  2 ? B DC  12  ? 1_555 NA ? C NA . ? B NA 101 ? 1_555 O     ? E HOH . ? B HOH 204 ? 1_555 120.3 ? 
3  "O4'" A B DG  3 ? B DG  13  ? 1_555 NA ? C NA . ? B NA 101 ? 1_555 O     ? E HOH . ? B HOH 204 ? 1_555 109.1 ? 
4  O2    A B DC  2 ? B DC  12  ? 1_555 NA ? C NA . ? B NA 101 ? 1_555 O     ? E HOH . ? B HOH 208 ? 1_555 107.8 ? 
5  "O4'" A B DG  3 ? B DG  13  ? 1_555 NA ? C NA . ? B NA 101 ? 1_555 O     ? E HOH . ? B HOH 208 ? 1_555 80.5  ? 
6  O     ? E HOH . ? B HOH 204 ? 1_555 NA ? C NA . ? B NA 101 ? 1_555 O     ? E HOH . ? B HOH 208 ? 1_555 50.2  ? 
7  O2    A B DC  2 ? B DC  12  ? 1_555 NA ? C NA . ? B NA 101 ? 1_555 O     ? E HOH . ? B HOH 238 ? 1_555 61.3  ? 
8  "O4'" A B DG  3 ? B DG  13  ? 1_555 NA ? C NA . ? B NA 101 ? 1_555 O     ? E HOH . ? B HOH 238 ? 1_555 138.7 ? 
9  O     ? E HOH . ? B HOH 204 ? 1_555 NA ? C NA . ? B NA 101 ? 1_555 O     ? E HOH . ? B HOH 238 ? 1_555 99.9  ? 
10 O     ? E HOH . ? B HOH 208 ? 1_555 NA ? C NA . ? B NA 101 ? 1_555 O     ? E HOH . ? B HOH 238 ? 1_555 140.5 ? 
11 O2    A B DC  2 ? B DC  12  ? 1_555 NA ? C NA . ? B NA 101 ? 1_555 O     ? E HOH . ? B HOH 240 ? 1_555 104.1 ? 
12 "O4'" A B DG  3 ? B DG  13  ? 1_555 NA ? C NA . ? B NA 101 ? 1_555 O     ? E HOH . ? B HOH 240 ? 1_555 131.1 ? 
13 O     ? E HOH . ? B HOH 204 ? 1_555 NA ? C NA . ? B NA 101 ? 1_555 O     ? E HOH . ? B HOH 240 ? 1_555 53.2  ? 
14 O     ? E HOH . ? B HOH 208 ? 1_555 NA ? C NA . ? B NA 101 ? 1_555 O     ? E HOH . ? B HOH 240 ? 1_555 103.1 ? 
15 O     ? E HOH . ? B HOH 238 ? 1_555 NA ? C NA . ? B NA 101 ? 1_555 O     ? E HOH . ? B HOH 240 ? 1_555 51.4  ? 
# 
loop_
_pdbx_audit_revision_history.ordinal 
_pdbx_audit_revision_history.data_content_type 
_pdbx_audit_revision_history.major_revision 
_pdbx_audit_revision_history.minor_revision 
_pdbx_audit_revision_history.revision_date 
1 'Structure model' 1 0 2012-08-15 
2 'Structure model' 1 1 2023-09-13 
# 
_pdbx_audit_revision_details.ordinal             1 
_pdbx_audit_revision_details.revision_ordinal    1 
_pdbx_audit_revision_details.data_content_type   'Structure model' 
_pdbx_audit_revision_details.provider            repository 
_pdbx_audit_revision_details.type                'Initial release' 
_pdbx_audit_revision_details.description         ? 
_pdbx_audit_revision_details.details             ? 
# 
loop_
_pdbx_audit_revision_group.ordinal 
_pdbx_audit_revision_group.revision_ordinal 
_pdbx_audit_revision_group.data_content_type 
_pdbx_audit_revision_group.group 
1 2 'Structure model' 'Data collection'        
2 2 'Structure model' 'Database references'    
3 2 'Structure model' 'Derived calculations'   
4 2 'Structure model' 'Refinement description' 
# 
loop_
_pdbx_audit_revision_category.ordinal 
_pdbx_audit_revision_category.revision_ordinal 
_pdbx_audit_revision_category.data_content_type 
_pdbx_audit_revision_category.category 
1 2 'Structure model' chem_comp_atom                
2 2 'Structure model' chem_comp_bond                
3 2 'Structure model' database_2                    
4 2 'Structure model' pdbx_initial_refinement_model 
5 2 'Structure model' pdbx_struct_conn_angle        
6 2 'Structure model' struct_conn                   
7 2 'Structure model' struct_site                   
# 
loop_
_pdbx_audit_revision_item.ordinal 
_pdbx_audit_revision_item.revision_ordinal 
_pdbx_audit_revision_item.data_content_type 
_pdbx_audit_revision_item.item 
1  2 'Structure model' '_database_2.pdbx_DOI'                        
2  2 'Structure model' '_database_2.pdbx_database_accession'         
3  2 'Structure model' '_pdbx_struct_conn_angle.ptnr1_auth_comp_id'  
4  2 'Structure model' '_pdbx_struct_conn_angle.ptnr1_auth_seq_id'   
5  2 'Structure model' '_pdbx_struct_conn_angle.ptnr1_label_alt_id'  
6  2 'Structure model' '_pdbx_struct_conn_angle.ptnr1_label_asym_id' 
7  2 'Structure model' '_pdbx_struct_conn_angle.ptnr1_label_atom_id' 
8  2 'Structure model' '_pdbx_struct_conn_angle.ptnr1_label_comp_id' 
9  2 'Structure model' '_pdbx_struct_conn_angle.ptnr1_label_seq_id'  
10 2 'Structure model' '_pdbx_struct_conn_angle.ptnr3_auth_comp_id'  
11 2 'Structure model' '_pdbx_struct_conn_angle.ptnr3_auth_seq_id'   
12 2 'Structure model' '_pdbx_struct_conn_angle.ptnr3_label_alt_id'  
13 2 'Structure model' '_pdbx_struct_conn_angle.ptnr3_label_asym_id' 
14 2 'Structure model' '_pdbx_struct_conn_angle.ptnr3_label_atom_id' 
15 2 'Structure model' '_pdbx_struct_conn_angle.ptnr3_label_comp_id' 
16 2 'Structure model' '_pdbx_struct_conn_angle.ptnr3_label_seq_id'  
17 2 'Structure model' '_pdbx_struct_conn_angle.value'               
18 2 'Structure model' '_struct_conn.pdbx_dist_value'                
19 2 'Structure model' '_struct_conn.pdbx_ptnr1_label_alt_id'        
20 2 'Structure model' '_struct_conn.ptnr1_auth_comp_id'             
21 2 'Structure model' '_struct_conn.ptnr1_auth_seq_id'              
22 2 'Structure model' '_struct_conn.ptnr1_label_asym_id'            
23 2 'Structure model' '_struct_conn.ptnr1_label_atom_id'            
24 2 'Structure model' '_struct_conn.ptnr1_label_comp_id'            
25 2 'Structure model' '_struct_conn.ptnr1_label_seq_id'             
26 2 'Structure model' '_struct_conn.ptnr2_auth_comp_id'             
27 2 'Structure model' '_struct_conn.ptnr2_auth_seq_id'              
28 2 'Structure model' '_struct_conn.ptnr2_label_asym_id'            
29 2 'Structure model' '_struct_conn.ptnr2_label_atom_id'            
30 2 'Structure model' '_struct_conn.ptnr2_label_comp_id'            
31 2 'Structure model' '_struct_site.pdbx_auth_asym_id'              
32 2 'Structure model' '_struct_site.pdbx_auth_comp_id'              
33 2 'Structure model' '_struct_site.pdbx_auth_seq_id'               
# 
loop_
_software.name 
_software.classification 
_software.version 
_software.citation_id 
_software.pdbx_ordinal 
HKL-2000 'data collection' . ? 1 
EPMR     phasing           . ? 2 
CNS      refinement        . ? 3 
HKL-2000 'data reduction'  . ? 4 
HKL-2000 'data scaling'    . ? 5 
# 
loop_
_pdbx_validate_symm_contact.id 
_pdbx_validate_symm_contact.PDB_model_num 
_pdbx_validate_symm_contact.auth_atom_id_1 
_pdbx_validate_symm_contact.auth_asym_id_1 
_pdbx_validate_symm_contact.auth_comp_id_1 
_pdbx_validate_symm_contact.auth_seq_id_1 
_pdbx_validate_symm_contact.PDB_ins_code_1 
_pdbx_validate_symm_contact.label_alt_id_1 
_pdbx_validate_symm_contact.site_symmetry_1 
_pdbx_validate_symm_contact.auth_atom_id_2 
_pdbx_validate_symm_contact.auth_asym_id_2 
_pdbx_validate_symm_contact.auth_comp_id_2 
_pdbx_validate_symm_contact.auth_seq_id_2 
_pdbx_validate_symm_contact.PDB_ins_code_2 
_pdbx_validate_symm_contact.label_alt_id_2 
_pdbx_validate_symm_contact.site_symmetry_2 
_pdbx_validate_symm_contact.dist 
1 1 O2  B DC  12  ? B 1_555 O A HOH 117 ? ? 2_657 1.64 
2 1 OP1 B DC  12  ? A 1_555 O A HOH 102 ? ? 2_657 1.65 
3 1 O6  B DG  13  ? B 1_555 O B HOH 220 ? ? 1_556 1.81 
4 1 OP2 A DA  4   ? A 1_555 O B HOH 273 ? ? 1_545 2.01 
5 1 OP2 A DA  4   ? B 1_555 O B HOH 261 ? ? 2_658 2.05 
6 1 O   B HOH 244 ? ? 1_555 O B HOH 267 ? ? 1_565 2.07 
7 1 OP2 B DG  14  ? B 1_555 O B HOH 233 ? ? 2_647 2.12 
# 
loop_
_chem_comp_atom.comp_id 
_chem_comp_atom.atom_id 
_chem_comp_atom.type_symbol 
_chem_comp_atom.pdbx_aromatic_flag 
_chem_comp_atom.pdbx_stereo_config 
_chem_comp_atom.pdbx_ordinal 
DA  OP3    O  N N 1   
DA  P      P  N N 2   
DA  OP1    O  N N 3   
DA  OP2    O  N N 4   
DA  "O5'"  O  N N 5   
DA  "C5'"  C  N N 6   
DA  "C4'"  C  N R 7   
DA  "O4'"  O  N N 8   
DA  "C3'"  C  N S 9   
DA  "O3'"  O  N N 10  
DA  "C2'"  C  N N 11  
DA  "C1'"  C  N R 12  
DA  N9     N  Y N 13  
DA  C8     C  Y N 14  
DA  N7     N  Y N 15  
DA  C5     C  Y N 16  
DA  C6     C  Y N 17  
DA  N6     N  N N 18  
DA  N1     N  Y N 19  
DA  C2     C  Y N 20  
DA  N3     N  Y N 21  
DA  C4     C  Y N 22  
DA  HOP3   H  N N 23  
DA  HOP2   H  N N 24  
DA  "H5'"  H  N N 25  
DA  "H5''" H  N N 26  
DA  "H4'"  H  N N 27  
DA  "H3'"  H  N N 28  
DA  "HO3'" H  N N 29  
DA  "H2'"  H  N N 30  
DA  "H2''" H  N N 31  
DA  "H1'"  H  N N 32  
DA  H8     H  N N 33  
DA  H61    H  N N 34  
DA  H62    H  N N 35  
DA  H2     H  N N 36  
DC  OP3    O  N N 37  
DC  P      P  N N 38  
DC  OP1    O  N N 39  
DC  OP2    O  N N 40  
DC  "O5'"  O  N N 41  
DC  "C5'"  C  N N 42  
DC  "C4'"  C  N R 43  
DC  "O4'"  O  N N 44  
DC  "C3'"  C  N S 45  
DC  "O3'"  O  N N 46  
DC  "C2'"  C  N N 47  
DC  "C1'"  C  N R 48  
DC  N1     N  N N 49  
DC  C2     C  N N 50  
DC  O2     O  N N 51  
DC  N3     N  N N 52  
DC  C4     C  N N 53  
DC  N4     N  N N 54  
DC  C5     C  N N 55  
DC  C6     C  N N 56  
DC  HOP3   H  N N 57  
DC  HOP2   H  N N 58  
DC  "H5'"  H  N N 59  
DC  "H5''" H  N N 60  
DC  "H4'"  H  N N 61  
DC  "H3'"  H  N N 62  
DC  "HO3'" H  N N 63  
DC  "H2'"  H  N N 64  
DC  "H2''" H  N N 65  
DC  "H1'"  H  N N 66  
DC  H41    H  N N 67  
DC  H42    H  N N 68  
DC  H5     H  N N 69  
DC  H6     H  N N 70  
DG  OP3    O  N N 71  
DG  P      P  N N 72  
DG  OP1    O  N N 73  
DG  OP2    O  N N 74  
DG  "O5'"  O  N N 75  
DG  "C5'"  C  N N 76  
DG  "C4'"  C  N R 77  
DG  "O4'"  O  N N 78  
DG  "C3'"  C  N S 79  
DG  "O3'"  O  N N 80  
DG  "C2'"  C  N N 81  
DG  "C1'"  C  N R 82  
DG  N9     N  Y N 83  
DG  C8     C  Y N 84  
DG  N7     N  Y N 85  
DG  C5     C  Y N 86  
DG  C6     C  N N 87  
DG  O6     O  N N 88  
DG  N1     N  N N 89  
DG  C2     C  N N 90  
DG  N2     N  N N 91  
DG  N3     N  N N 92  
DG  C4     C  Y N 93  
DG  HOP3   H  N N 94  
DG  HOP2   H  N N 95  
DG  "H5'"  H  N N 96  
DG  "H5''" H  N N 97  
DG  "H4'"  H  N N 98  
DG  "H3'"  H  N N 99  
DG  "HO3'" H  N N 100 
DG  "H2'"  H  N N 101 
DG  "H2''" H  N N 102 
DG  "H1'"  H  N N 103 
DG  H8     H  N N 104 
DG  H1     H  N N 105 
DG  H21    H  N N 106 
DG  H22    H  N N 107 
DT  OP3    O  N N 108 
DT  P      P  N N 109 
DT  OP1    O  N N 110 
DT  OP2    O  N N 111 
DT  "O5'"  O  N N 112 
DT  "C5'"  C  N N 113 
DT  "C4'"  C  N R 114 
DT  "O4'"  O  N N 115 
DT  "C3'"  C  N S 116 
DT  "O3'"  O  N N 117 
DT  "C2'"  C  N N 118 
DT  "C1'"  C  N R 119 
DT  N1     N  N N 120 
DT  C2     C  N N 121 
DT  O2     O  N N 122 
DT  N3     N  N N 123 
DT  C4     C  N N 124 
DT  O4     O  N N 125 
DT  C5     C  N N 126 
DT  C7     C  N N 127 
DT  C6     C  N N 128 
DT  HOP3   H  N N 129 
DT  HOP2   H  N N 130 
DT  "H5'"  H  N N 131 
DT  "H5''" H  N N 132 
DT  "H4'"  H  N N 133 
DT  "H3'"  H  N N 134 
DT  "HO3'" H  N N 135 
DT  "H2'"  H  N N 136 
DT  "H2''" H  N N 137 
DT  "H1'"  H  N N 138 
DT  H3     H  N N 139 
DT  H71    H  N N 140 
DT  H72    H  N N 141 
DT  H73    H  N N 142 
DT  H6     H  N N 143 
HOH O      O  N N 144 
HOH H1     H  N N 145 
HOH H2     H  N N 146 
NA  NA     NA N N 147 
# 
loop_
_chem_comp_bond.comp_id 
_chem_comp_bond.atom_id_1 
_chem_comp_bond.atom_id_2 
_chem_comp_bond.value_order 
_chem_comp_bond.pdbx_aromatic_flag 
_chem_comp_bond.pdbx_stereo_config 
_chem_comp_bond.pdbx_ordinal 
DA  OP3   P      sing N N 1   
DA  OP3   HOP3   sing N N 2   
DA  P     OP1    doub N N 3   
DA  P     OP2    sing N N 4   
DA  P     "O5'"  sing N N 5   
DA  OP2   HOP2   sing N N 6   
DA  "O5'" "C5'"  sing N N 7   
DA  "C5'" "C4'"  sing N N 8   
DA  "C5'" "H5'"  sing N N 9   
DA  "C5'" "H5''" sing N N 10  
DA  "C4'" "O4'"  sing N N 11  
DA  "C4'" "C3'"  sing N N 12  
DA  "C4'" "H4'"  sing N N 13  
DA  "O4'" "C1'"  sing N N 14  
DA  "C3'" "O3'"  sing N N 15  
DA  "C3'" "C2'"  sing N N 16  
DA  "C3'" "H3'"  sing N N 17  
DA  "O3'" "HO3'" sing N N 18  
DA  "C2'" "C1'"  sing N N 19  
DA  "C2'" "H2'"  sing N N 20  
DA  "C2'" "H2''" sing N N 21  
DA  "C1'" N9     sing N N 22  
DA  "C1'" "H1'"  sing N N 23  
DA  N9    C8     sing Y N 24  
DA  N9    C4     sing Y N 25  
DA  C8    N7     doub Y N 26  
DA  C8    H8     sing N N 27  
DA  N7    C5     sing Y N 28  
DA  C5    C6     sing Y N 29  
DA  C5    C4     doub Y N 30  
DA  C6    N6     sing N N 31  
DA  C6    N1     doub Y N 32  
DA  N6    H61    sing N N 33  
DA  N6    H62    sing N N 34  
DA  N1    C2     sing Y N 35  
DA  C2    N3     doub Y N 36  
DA  C2    H2     sing N N 37  
DA  N3    C4     sing Y N 38  
DC  OP3   P      sing N N 39  
DC  OP3   HOP3   sing N N 40  
DC  P     OP1    doub N N 41  
DC  P     OP2    sing N N 42  
DC  P     "O5'"  sing N N 43  
DC  OP2   HOP2   sing N N 44  
DC  "O5'" "C5'"  sing N N 45  
DC  "C5'" "C4'"  sing N N 46  
DC  "C5'" "H5'"  sing N N 47  
DC  "C5'" "H5''" sing N N 48  
DC  "C4'" "O4'"  sing N N 49  
DC  "C4'" "C3'"  sing N N 50  
DC  "C4'" "H4'"  sing N N 51  
DC  "O4'" "C1'"  sing N N 52  
DC  "C3'" "O3'"  sing N N 53  
DC  "C3'" "C2'"  sing N N 54  
DC  "C3'" "H3'"  sing N N 55  
DC  "O3'" "HO3'" sing N N 56  
DC  "C2'" "C1'"  sing N N 57  
DC  "C2'" "H2'"  sing N N 58  
DC  "C2'" "H2''" sing N N 59  
DC  "C1'" N1     sing N N 60  
DC  "C1'" "H1'"  sing N N 61  
DC  N1    C2     sing N N 62  
DC  N1    C6     sing N N 63  
DC  C2    O2     doub N N 64  
DC  C2    N3     sing N N 65  
DC  N3    C4     doub N N 66  
DC  C4    N4     sing N N 67  
DC  C4    C5     sing N N 68  
DC  N4    H41    sing N N 69  
DC  N4    H42    sing N N 70  
DC  C5    C6     doub N N 71  
DC  C5    H5     sing N N 72  
DC  C6    H6     sing N N 73  
DG  OP3   P      sing N N 74  
DG  OP3   HOP3   sing N N 75  
DG  P     OP1    doub N N 76  
DG  P     OP2    sing N N 77  
DG  P     "O5'"  sing N N 78  
DG  OP2   HOP2   sing N N 79  
DG  "O5'" "C5'"  sing N N 80  
DG  "C5'" "C4'"  sing N N 81  
DG  "C5'" "H5'"  sing N N 82  
DG  "C5'" "H5''" sing N N 83  
DG  "C4'" "O4'"  sing N N 84  
DG  "C4'" "C3'"  sing N N 85  
DG  "C4'" "H4'"  sing N N 86  
DG  "O4'" "C1'"  sing N N 87  
DG  "C3'" "O3'"  sing N N 88  
DG  "C3'" "C2'"  sing N N 89  
DG  "C3'" "H3'"  sing N N 90  
DG  "O3'" "HO3'" sing N N 91  
DG  "C2'" "C1'"  sing N N 92  
DG  "C2'" "H2'"  sing N N 93  
DG  "C2'" "H2''" sing N N 94  
DG  "C1'" N9     sing N N 95  
DG  "C1'" "H1'"  sing N N 96  
DG  N9    C8     sing Y N 97  
DG  N9    C4     sing Y N 98  
DG  C8    N7     doub Y N 99  
DG  C8    H8     sing N N 100 
DG  N7    C5     sing Y N 101 
DG  C5    C6     sing N N 102 
DG  C5    C4     doub Y N 103 
DG  C6    O6     doub N N 104 
DG  C6    N1     sing N N 105 
DG  N1    C2     sing N N 106 
DG  N1    H1     sing N N 107 
DG  C2    N2     sing N N 108 
DG  C2    N3     doub N N 109 
DG  N2    H21    sing N N 110 
DG  N2    H22    sing N N 111 
DG  N3    C4     sing N N 112 
DT  OP3   P      sing N N 113 
DT  OP3   HOP3   sing N N 114 
DT  P     OP1    doub N N 115 
DT  P     OP2    sing N N 116 
DT  P     "O5'"  sing N N 117 
DT  OP2   HOP2   sing N N 118 
DT  "O5'" "C5'"  sing N N 119 
DT  "C5'" "C4'"  sing N N 120 
DT  "C5'" "H5'"  sing N N 121 
DT  "C5'" "H5''" sing N N 122 
DT  "C4'" "O4'"  sing N N 123 
DT  "C4'" "C3'"  sing N N 124 
DT  "C4'" "H4'"  sing N N 125 
DT  "O4'" "C1'"  sing N N 126 
DT  "C3'" "O3'"  sing N N 127 
DT  "C3'" "C2'"  sing N N 128 
DT  "C3'" "H3'"  sing N N 129 
DT  "O3'" "HO3'" sing N N 130 
DT  "C2'" "C1'"  sing N N 131 
DT  "C2'" "H2'"  sing N N 132 
DT  "C2'" "H2''" sing N N 133 
DT  "C1'" N1     sing N N 134 
DT  "C1'" "H1'"  sing N N 135 
DT  N1    C2     sing N N 136 
DT  N1    C6     sing N N 137 
DT  C2    O2     doub N N 138 
DT  C2    N3     sing N N 139 
DT  N3    C4     sing N N 140 
DT  N3    H3     sing N N 141 
DT  C4    O4     doub N N 142 
DT  C4    C5     sing N N 143 
DT  C5    C7     sing N N 144 
DT  C5    C6     doub N N 145 
DT  C7    H71    sing N N 146 
DT  C7    H72    sing N N 147 
DT  C7    H73    sing N N 148 
DT  C6    H6     sing N N 149 
HOH O     H1     sing N N 150 
HOH O     H2     sing N N 151 
# 
_ndb_struct_conf_na.entry_id   3TOK 
_ndb_struct_conf_na.feature    'b-form double helix' 
# 
loop_
_ndb_struct_na_base_pair.model_number 
_ndb_struct_na_base_pair.i_label_asym_id 
_ndb_struct_na_base_pair.i_label_comp_id 
_ndb_struct_na_base_pair.i_label_seq_id 
_ndb_struct_na_base_pair.i_symmetry 
_ndb_struct_na_base_pair.j_label_asym_id 
_ndb_struct_na_base_pair.j_label_comp_id 
_ndb_struct_na_base_pair.j_label_seq_id 
_ndb_struct_na_base_pair.j_symmetry 
_ndb_struct_na_base_pair.shear 
_ndb_struct_na_base_pair.stretch 
_ndb_struct_na_base_pair.stagger 
_ndb_struct_na_base_pair.buckle 
_ndb_struct_na_base_pair.propeller 
_ndb_struct_na_base_pair.opening 
_ndb_struct_na_base_pair.pair_number 
_ndb_struct_na_base_pair.pair_name 
_ndb_struct_na_base_pair.i_auth_asym_id 
_ndb_struct_na_base_pair.i_auth_seq_id 
_ndb_struct_na_base_pair.i_PDB_ins_code 
_ndb_struct_na_base_pair.j_auth_asym_id 
_ndb_struct_na_base_pair.j_auth_seq_id 
_ndb_struct_na_base_pair.j_PDB_ins_code 
_ndb_struct_na_base_pair.hbond_type_28 
_ndb_struct_na_base_pair.hbond_type_12 
1 A DC 1 1_555 B DG 10 1_555 0.678  -0.492 0.373  -5.087 -12.849 -3.510 1 A_DC1:DG20_B A 1 ? B 20 ? 19 1 
1 A DC 2 1_555 B DG 9  1_555 0.386  -0.114 0.160  -2.587 -6.145  0.931  2 A_DC2:DG19_B A 2 ? B 19 ? 19 1 
1 A DG 3 1_555 B DC 8  1_555 -0.844 -0.242 -0.071 -6.806 -8.039  5.973  3 A_DG3:DC18_B A 3 ? B 18 ? 19 1 
1 A DA 4 1_555 B DT 7  1_555 -0.123 0.074  0.235  -3.242 -27.318 1.540  4 A_DA4:DT17_B A 4 ? B 17 ? 20 1 
1 A DT 5 1_555 B DA 6  1_555 -0.400 0.294  -0.163 -3.451 -15.684 -2.542 5 A_DT5:DA16_B A 5 ? B 16 ? 20 1 
1 A DA 6 1_555 B DT 5  1_555 0.009  -0.054 -0.079 0.728  -14.383 -1.942 6 A_DA6:DT15_B A 6 ? B 15 ? 20 1 
# 
loop_
_ndb_struct_na_base_pair_step.model_number 
_ndb_struct_na_base_pair_step.i_label_asym_id_1 
_ndb_struct_na_base_pair_step.i_label_comp_id_1 
_ndb_struct_na_base_pair_step.i_label_seq_id_1 
_ndb_struct_na_base_pair_step.i_symmetry_1 
_ndb_struct_na_base_pair_step.j_label_asym_id_1 
_ndb_struct_na_base_pair_step.j_label_comp_id_1 
_ndb_struct_na_base_pair_step.j_label_seq_id_1 
_ndb_struct_na_base_pair_step.j_symmetry_1 
_ndb_struct_na_base_pair_step.i_label_asym_id_2 
_ndb_struct_na_base_pair_step.i_label_comp_id_2 
_ndb_struct_na_base_pair_step.i_label_seq_id_2 
_ndb_struct_na_base_pair_step.i_symmetry_2 
_ndb_struct_na_base_pair_step.j_label_asym_id_2 
_ndb_struct_na_base_pair_step.j_label_comp_id_2 
_ndb_struct_na_base_pair_step.j_label_seq_id_2 
_ndb_struct_na_base_pair_step.j_symmetry_2 
_ndb_struct_na_base_pair_step.shift 
_ndb_struct_na_base_pair_step.slide 
_ndb_struct_na_base_pair_step.rise 
_ndb_struct_na_base_pair_step.tilt 
_ndb_struct_na_base_pair_step.roll 
_ndb_struct_na_base_pair_step.twist 
_ndb_struct_na_base_pair_step.x_displacement 
_ndb_struct_na_base_pair_step.y_displacement 
_ndb_struct_na_base_pair_step.helical_rise 
_ndb_struct_na_base_pair_step.inclination 
_ndb_struct_na_base_pair_step.tip 
_ndb_struct_na_base_pair_step.helical_twist 
_ndb_struct_na_base_pair_step.step_number 
_ndb_struct_na_base_pair_step.step_name 
_ndb_struct_na_base_pair_step.i_auth_asym_id_1 
_ndb_struct_na_base_pair_step.i_auth_seq_id_1 
_ndb_struct_na_base_pair_step.i_PDB_ins_code_1 
_ndb_struct_na_base_pair_step.j_auth_asym_id_1 
_ndb_struct_na_base_pair_step.j_auth_seq_id_1 
_ndb_struct_na_base_pair_step.j_PDB_ins_code_1 
_ndb_struct_na_base_pair_step.i_auth_asym_id_2 
_ndb_struct_na_base_pair_step.i_auth_seq_id_2 
_ndb_struct_na_base_pair_step.i_PDB_ins_code_2 
_ndb_struct_na_base_pair_step.j_auth_asym_id_2 
_ndb_struct_na_base_pair_step.j_auth_seq_id_2 
_ndb_struct_na_base_pair_step.j_PDB_ins_code_2 
1 A DC 1 1_555 B DG 10 1_555 A DC 2 1_555 B DG 9 1_555 0.650  2.162  3.535 10.238  3.820 40.864 2.555  0.292  3.763 5.357 -14.356 
42.239 1 AA_DC1DC2:DG19DG20_BB A 1 ? B 20 ? A 2 ? B 19 ? 
1 A DC 2 1_555 B DG 9  1_555 A DG 3 1_555 B DC 8 1_555 -0.168 2.649  3.410 2.516   3.027 33.619 4.025  0.724  3.607 5.212 -4.331  
33.842 2 AA_DC2DG3:DC18DG19_BB A 2 ? B 19 ? A 3 ? B 18 ? 
1 A DG 3 1_555 B DC 8  1_555 A DA 4 1_555 B DT 7 1_555 -1.171 1.667  3.262 -10.094 1.041 42.029 2.158  0.556  3.478 1.426 13.833  
43.183 3 AA_DG3DA4:DT17DC18_BB A 3 ? B 18 ? A 4 ? B 17 ? 
1 A DA 4 1_555 B DT 7  1_555 A DT 5 1_555 B DA 6 1_555 -0.222 -0.385 3.269 1.983   0.754 30.944 -0.864 0.794  3.239 1.411 -3.710  
31.015 4 AA_DA4DT5:DA16DT17_BB A 4 ? B 17 ? A 5 ? B 16 ? 
1 A DT 5 1_555 B DA 6  1_555 A DA 6 1_555 B DT 5 1_555 0.904  0.947  3.229 2.551   4.467 40.178 0.862  -1.017 3.359 6.471 -3.695  
40.492 5 AA_DT5DA6:DT15DA16_BB A 5 ? B 16 ? A 6 ? B 15 ? 
# 
loop_
_pdbx_entity_nonpoly.entity_id 
_pdbx_entity_nonpoly.name 
_pdbx_entity_nonpoly.comp_id 
3 'SODIUM ION' NA  
4 water        HOH 
# 
_pdbx_initial_refinement_model.id               1 
_pdbx_initial_refinement_model.entity_id_list   ? 
_pdbx_initial_refinement_model.type             'experimental model' 
_pdbx_initial_refinement_model.source_name      PDB 
_pdbx_initial_refinement_model.accession_code   2ORG 
_pdbx_initial_refinement_model.details          ? 
# 
